data_6SMO
#
_entry.id   6SMO
#
_cell.length_a   107.650
_cell.length_b   107.650
_cell.length_c   201.330
_cell.angle_alpha   90.000
_cell.angle_beta   90.000
_cell.angle_gamma   90.000
#
_symmetry.space_group_name_H-M   'P 41'
#
loop_
_entity.id
_entity.type
_entity.pdbx_description
1 polymer 'Acyl carrier protein'
2 polymer 'PKS_KS domain-containing protein'
3 polymer 'Ketoacyl_synth_N domain-containing protein'
4 non-polymer 3,5,7,9,11-pentakis(oxidanylidene)dodecanal
5 non-polymer 'SODIUM ION'
6 non-polymer 'SULFATE ION'
7 water water
#
loop_
_entity_poly.entity_id
_entity_poly.type
_entity_poly.pdbx_seq_one_letter_code
_entity_poly.pdbx_strand_id
1 'polypeptide(L)'
;GSSHHHHHHSGDPASMNNHPEVKIKTILSLFLNINIDDFNMDANLADAYDMDSTELADLAKEIEKEFGISVTKSQFSHWE
TGRAVLDFVSSSLNDKN
;
A
2 'polypeptide(L)'
;GSSHHHHHHSGDPASMIINNRNESQPRRVVVTGLGVVAPTGVGVNEFWNNIHNGKSGVSKYEWGRERFGFKSGAIGQVYG
SDGNNKEFVLKSERKYLQFALDAAEMAMQDANLRPSDIDGRRFGVAIATAIADAAGMEECLLRITKGGKENIHPDLIKSE
DYDSFDFSSAATSVAKKYGASMSVSNISTGCAAGLDALGIAMEHIRYGRADIMLAGASEAPLCPLSIGSFEALGALSSRE
LENQQAATCPFSLERDGFVIAEGCGILILESYEHAKQRGAHIYAELAGYASVNNAYHMTDLPADGMAMARCIDMALKDAQ
ISPSTVNYISAHGSSTAQNDINESNAIKFVLGESAFGIPINSLKSMTGHALAAANAIESVALCLEIEKQYVHPTINYQTP
DPDCDLDYIPNQGCSYPIKTALKLSSGFSGIHSVIVMRAVDNA
;
B,D,F
3 'polypeptide(L)'
;MRKRVVVTGVGAIHPDGNDVTAIKSKVIQKLLGQESKNNTTASSIIRTLSDFDGAKYINNRLRRKIDEFSVYGIVAVEMA
LKASRLDVDKLDPNRVGIYVGNCFGGWQHIEDEVKALHIEGIKGMGPYVATAWFPAALQGQLSLLYGFSAQSKTFSTSDV
AGMQAIGYAAEAISNGVAEVMLCGASEHLSSPLVKNLLEKTSSQKHSEVFGEKQPGDFSEGAAFLVLEERQHALERGASI
LCELTGFVDYFAPDKNTRNNTLEYTAELFNHNENAVFIMDGIYDDEKEITSKAFSNKEIKTSFINLRPYLDNQFSVSGVI
DSVLASSFLSESHGDEEQQSKKINEFSNTNQIIIQRFSNQGHVCALSFSAI
;
C,E,G
#
loop_
_chem_comp.id
_chem_comp.type
_chem_comp.name
_chem_comp.formula
LKZ non-polymer 3,5,7,9,11-pentakis(oxidanylidene)dodecanal 'C12 H14 O6'
NA non-polymer 'SODIUM ION' 'Na 1'
SO4 non-polymer 'SULFATE ION' 'O4 S -2'
#
# COMPACT_ATOMS: atom_id res chain seq x y z
N GLU A 21 -38.40 49.14 51.55
CA GLU A 21 -37.84 50.27 52.36
C GLU A 21 -37.07 51.24 51.44
N VAL A 22 -36.61 52.36 52.00
CA VAL A 22 -35.95 53.47 51.24
C VAL A 22 -34.58 53.00 50.72
N LYS A 23 -33.92 52.10 51.45
CA LYS A 23 -32.59 51.54 51.08
C LYS A 23 -32.69 50.70 49.80
N ILE A 24 -33.81 49.99 49.61
CA ILE A 24 -34.07 49.16 48.40
C ILE A 24 -34.38 50.08 47.22
N LYS A 25 -35.28 51.04 47.41
CA LYS A 25 -35.83 51.92 46.33
C LYS A 25 -34.72 52.76 45.71
N THR A 26 -33.75 53.22 46.52
CA THR A 26 -32.62 54.10 46.07
C THR A 26 -31.67 53.30 45.18
N ILE A 27 -31.50 51.99 45.43
CA ILE A 27 -30.63 51.08 44.63
C ILE A 27 -31.26 50.87 43.25
N LEU A 28 -32.54 50.47 43.21
CA LEU A 28 -33.30 50.19 41.95
C LEU A 28 -33.39 51.47 41.12
N SER A 29 -33.48 52.64 41.76
CA SER A 29 -33.52 53.97 41.11
C SER A 29 -32.18 54.28 40.44
N LEU A 30 -31.07 54.00 41.12
CA LEU A 30 -29.68 54.31 40.67
C LEU A 30 -29.26 53.32 39.58
N PHE A 31 -29.57 52.03 39.76
CA PHE A 31 -29.12 50.91 38.89
C PHE A 31 -29.82 50.98 37.52
N LEU A 32 -31.12 51.28 37.50
CA LEU A 32 -31.95 51.36 36.26
C LEU A 32 -31.91 52.77 35.68
N ASN A 33 -31.43 53.76 36.44
CA ASN A 33 -31.32 55.19 36.04
C ASN A 33 -32.74 55.75 35.81
N ILE A 34 -33.61 55.61 36.81
CA ILE A 34 -34.99 56.18 36.84
C ILE A 34 -35.04 57.23 37.97
N ASN A 35 -35.86 58.26 37.82
CA ASN A 35 -36.14 59.28 38.87
C ASN A 35 -36.84 58.58 40.05
N ILE A 36 -36.32 58.74 41.27
CA ILE A 36 -36.78 58.01 42.49
C ILE A 36 -38.23 58.36 42.80
N ASP A 37 -38.68 59.57 42.42
CA ASP A 37 -40.09 60.03 42.59
C ASP A 37 -40.99 59.27 41.61
N ASP A 38 -40.56 59.12 40.36
CA ASP A 38 -41.36 58.53 39.24
C ASP A 38 -41.32 57.00 39.29
N PHE A 39 -40.36 56.41 40.03
CA PHE A 39 -40.17 54.93 40.11
C PHE A 39 -41.37 54.29 40.82
N ASN A 40 -41.92 53.23 40.23
CA ASN A 40 -43.06 52.44 40.77
C ASN A 40 -42.51 51.13 41.36
N MET A 41 -42.94 50.78 42.58
CA MET A 41 -42.44 49.60 43.35
C MET A 41 -43.21 48.34 42.91
N ASP A 42 -44.39 48.50 42.31
CA ASP A 42 -45.31 47.39 41.92
C ASP A 42 -45.14 47.06 40.43
N ALA A 43 -44.40 47.88 39.68
CA ALA A 43 -44.18 47.72 38.21
C ALA A 43 -43.18 46.60 37.95
N ASN A 44 -43.33 45.92 36.80
CA ASN A 44 -42.46 44.80 36.35
C ASN A 44 -41.10 45.37 35.92
N LEU A 45 -40.00 44.76 36.37
CA LEU A 45 -38.61 45.24 36.13
C LEU A 45 -38.17 44.87 34.70
N ALA A 46 -38.47 43.65 34.26
CA ALA A 46 -38.05 43.10 32.94
C ALA A 46 -38.80 43.78 31.80
N ASP A 47 -40.11 44.03 31.98
CA ASP A 47 -41.01 44.57 30.92
C ASP A 47 -40.87 46.10 30.84
N ALA A 48 -41.22 46.80 31.93
CA ALA A 48 -41.37 48.27 31.98
C ALA A 48 -40.00 48.97 31.92
N TYR A 49 -39.04 48.50 32.73
CA TYR A 49 -37.70 49.13 32.91
C TYR A 49 -36.61 48.35 32.14
N ASP A 50 -37.03 47.54 31.15
CA ASP A 50 -36.15 46.72 30.26
C ASP A 50 -34.87 46.32 31.00
N MET A 51 -35.00 45.66 32.16
CA MET A 51 -33.88 45.17 32.99
C MET A 51 -33.38 43.84 32.44
N ASP A 52 -32.06 43.68 32.29
CA ASP A 52 -31.40 42.45 31.79
C ASP A 52 -30.93 41.60 32.98
N SER A 53 -30.48 40.37 32.71
CA SER A 53 -30.08 39.35 33.72
C SER A 53 -28.86 39.82 34.52
N THR A 54 -27.94 40.57 33.90
CA THR A 54 -26.68 41.06 34.51
C THR A 54 -27.01 42.11 35.59
N GLU A 55 -27.99 42.99 35.32
CA GLU A 55 -28.44 44.05 36.25
C GLU A 55 -29.14 43.42 37.46
N LEU A 56 -29.89 42.34 37.24
CA LEU A 56 -30.60 41.57 38.30
C LEU A 56 -29.57 40.87 39.21
N ALA A 57 -28.50 40.33 38.62
CA ALA A 57 -27.37 39.71 39.33
C ALA A 57 -26.60 40.78 40.13
N ASP A 58 -26.45 41.97 39.55
CA ASP A 58 -25.75 43.14 40.17
C ASP A 58 -26.59 43.66 41.34
N LEU A 59 -27.91 43.68 41.18
CA LEU A 59 -28.89 44.08 42.23
C LEU A 59 -28.78 43.12 43.42
N ALA A 60 -28.71 41.81 43.14
CA ALA A 60 -28.67 40.72 44.15
C ALA A 60 -27.38 40.79 44.97
N LYS A 61 -26.30 41.22 44.34
CA LYS A 61 -24.97 41.34 44.97
C LYS A 61 -25.01 42.42 46.05
N GLU A 62 -25.75 43.50 45.78
CA GLU A 62 -25.86 44.69 46.67
C GLU A 62 -26.89 44.45 47.77
N ILE A 63 -27.81 43.50 47.57
CA ILE A 63 -28.75 42.99 48.62
C ILE A 63 -27.93 42.20 49.64
N GLU A 64 -26.97 41.39 49.18
CA GLU A 64 -26.01 40.63 50.03
C GLU A 64 -25.12 41.61 50.80
N LYS A 65 -24.74 42.72 50.19
CA LYS A 65 -23.85 43.77 50.78
C LYS A 65 -24.58 44.51 51.89
N GLU A 66 -25.77 45.04 51.61
CA GLU A 66 -26.54 45.95 52.51
C GLU A 66 -27.08 45.16 53.71
N PHE A 67 -27.84 44.09 53.47
CA PHE A 67 -28.59 43.32 54.50
C PHE A 67 -27.67 42.32 55.21
N GLY A 68 -26.79 41.65 54.46
CA GLY A 68 -25.85 40.65 55.01
C GLY A 68 -26.51 39.28 55.15
N ILE A 69 -27.12 38.79 54.07
CA ILE A 69 -27.81 37.47 53.99
C ILE A 69 -27.42 36.78 52.68
N SER A 70 -27.43 35.45 52.67
CA SER A 70 -27.08 34.60 51.49
C SER A 70 -28.19 34.71 50.44
N VAL A 71 -27.82 35.05 49.19
CA VAL A 71 -28.74 35.13 48.02
C VAL A 71 -28.12 34.33 46.87
N THR A 72 -28.85 33.36 46.32
CA THR A 72 -28.42 32.47 45.21
C THR A 72 -29.29 32.75 43.97
N LYS A 73 -28.94 32.14 42.83
CA LYS A 73 -29.54 32.40 41.50
C LYS A 73 -31.01 31.92 41.49
N SER A 74 -31.31 30.83 42.19
CA SER A 74 -32.68 30.26 42.34
C SER A 74 -33.60 31.25 43.07
N GLN A 75 -33.04 32.04 43.99
CA GLN A 75 -33.79 32.95 44.89
C GLN A 75 -34.09 34.29 44.19
N PHE A 76 -33.09 34.91 43.54
CA PHE A 76 -33.23 36.27 42.95
C PHE A 76 -33.89 36.20 41.57
N SER A 77 -34.06 35.01 40.99
CA SER A 77 -34.76 34.79 39.69
C SER A 77 -36.25 35.12 39.84
N HIS A 78 -36.83 34.93 41.02
CA HIS A 78 -38.28 35.13 41.32
C HIS A 78 -38.58 36.60 41.61
N TRP A 79 -37.55 37.45 41.79
CA TRP A 79 -37.70 38.91 41.99
C TRP A 79 -38.26 39.55 40.71
N GLU A 80 -39.59 39.55 40.57
CA GLU A 80 -40.30 40.02 39.35
C GLU A 80 -40.48 41.54 39.40
N THR A 81 -40.71 42.10 40.59
CA THR A 81 -41.00 43.55 40.82
C THR A 81 -40.24 44.05 42.06
N GLY A 82 -40.37 45.35 42.37
CA GLY A 82 -39.69 46.04 43.48
C GLY A 82 -40.28 45.67 44.84
N ARG A 83 -41.47 45.04 44.86
CA ARG A 83 -42.14 44.55 46.09
C ARG A 83 -41.65 43.14 46.42
N ALA A 84 -41.24 42.37 45.41
CA ALA A 84 -40.74 40.98 45.54
C ALA A 84 -39.39 40.97 46.27
N VAL A 85 -38.53 41.97 46.01
CA VAL A 85 -37.20 42.13 46.66
C VAL A 85 -37.39 42.50 48.15
N LEU A 86 -38.45 43.23 48.48
CA LEU A 86 -38.78 43.65 49.87
C LEU A 86 -39.31 42.45 50.67
N ASP A 87 -40.12 41.60 50.03
CA ASP A 87 -40.75 40.40 50.66
C ASP A 87 -39.67 39.37 51.03
N PHE A 88 -38.58 39.29 50.26
CA PHE A 88 -37.48 38.32 50.44
C PHE A 88 -36.62 38.71 51.66
N VAL A 89 -36.18 39.97 51.72
CA VAL A 89 -35.23 40.49 52.76
C VAL A 89 -35.89 40.47 54.13
N SER A 90 -37.23 40.57 54.20
CA SER A 90 -38.04 40.45 55.44
C SER A 90 -37.88 39.03 56.03
N SER A 91 -37.96 38.01 55.16
CA SER A 91 -37.78 36.57 55.52
C SER A 91 -36.29 36.30 55.78
N GLN B 25 -3.01 38.05 -8.36
CA GLN B 25 -2.19 38.67 -7.27
C GLN B 25 -2.59 38.10 -5.90
N PRO B 26 -3.89 38.03 -5.52
CA PRO B 26 -4.29 37.36 -4.28
C PRO B 26 -3.85 35.89 -4.26
N ARG B 27 -3.23 35.47 -3.15
CA ARG B 27 -2.60 34.13 -2.99
C ARG B 27 -3.42 33.28 -2.01
N ARG B 28 -3.41 31.95 -2.21
CA ARG B 28 -4.11 30.96 -1.34
C ARG B 28 -3.27 30.72 -0.09
N VAL B 29 -3.92 30.59 1.07
CA VAL B 29 -3.30 30.36 2.40
C VAL B 29 -3.53 28.90 2.80
N VAL B 30 -2.50 28.22 3.30
CA VAL B 30 -2.54 26.78 3.70
C VAL B 30 -1.89 26.60 5.07
N VAL B 31 -2.38 25.63 5.84
CA VAL B 31 -1.87 25.24 7.18
C VAL B 31 -0.83 24.13 7.00
N THR B 32 0.44 24.40 7.34
CA THR B 32 1.59 23.48 7.14
C THR B 32 2.06 22.88 8.47
N GLY B 33 1.73 23.50 9.60
CA GLY B 33 2.15 23.05 10.95
C GLY B 33 1.08 23.28 12.00
N LEU B 34 0.97 22.35 12.96
CA LEU B 34 0.03 22.41 14.11
C LEU B 34 0.80 22.19 15.42
N GLY B 35 0.50 23.01 16.43
CA GLY B 35 0.98 22.85 17.81
C GLY B 35 -0.13 23.19 18.81
N VAL B 36 -0.36 22.33 19.80
CA VAL B 36 -1.50 22.46 20.75
C VAL B 36 -1.07 22.02 22.15
N VAL B 37 -1.44 22.81 23.16
CA VAL B 37 -1.40 22.46 24.61
C VAL B 37 -2.84 22.56 25.13
N ALA B 38 -3.54 21.43 25.25
CA ALA B 38 -4.98 21.36 25.60
C ALA B 38 -5.18 20.39 26.77
N PRO B 39 -6.30 20.53 27.53
CA PRO B 39 -6.64 19.59 28.59
C PRO B 39 -6.87 18.15 28.10
N THR B 40 -7.30 17.99 26.84
CA THR B 40 -7.54 16.68 26.18
C THR B 40 -6.19 16.01 25.85
N GLY B 41 -5.16 16.81 25.54
CA GLY B 41 -3.80 16.30 25.28
C GLY B 41 -2.82 17.42 24.94
N VAL B 42 -1.57 17.26 25.36
CA VAL B 42 -0.41 18.15 25.00
C VAL B 42 0.35 17.49 23.85
N GLY B 43 0.49 18.19 22.73
CA GLY B 43 1.07 17.67 21.47
C GLY B 43 0.00 17.12 20.55
N VAL B 44 0.27 17.14 19.23
CA VAL B 44 -0.70 16.80 18.15
C VAL B 44 -1.16 15.34 18.30
N ASN B 45 -0.23 14.41 18.54
CA ASN B 45 -0.48 12.95 18.58
C ASN B 45 -1.41 12.61 19.75
N GLU B 46 -1.09 13.09 20.96
CA GLU B 46 -1.86 12.82 22.22
C GLU B 46 -3.22 13.52 22.13
N PHE B 47 -3.24 14.78 21.66
CA PHE B 47 -4.45 15.63 21.52
C PHE B 47 -5.50 14.93 20.66
N TRP B 48 -5.09 14.41 19.49
CA TRP B 48 -6.00 13.78 18.50
C TRP B 48 -6.60 12.49 19.05
N ASN B 49 -5.77 11.60 19.59
CA ASN B 49 -6.16 10.25 20.10
C ASN B 49 -7.31 10.39 21.09
N ASN B 50 -7.23 11.36 22.01
CA ASN B 50 -8.22 11.54 23.11
C ASN B 50 -9.55 12.06 22.55
N ILE B 51 -9.51 13.06 21.65
CA ILE B 51 -10.74 13.68 21.08
C ILE B 51 -11.39 12.71 20.07
N HIS B 52 -10.58 11.84 19.44
CA HIS B 52 -11.05 10.77 18.52
C HIS B 52 -11.97 9.80 19.28
N ASN B 53 -11.51 9.32 20.44
CA ASN B 53 -12.21 8.30 21.27
C ASN B 53 -13.35 8.95 22.06
N GLY B 54 -13.33 10.28 22.22
CA GLY B 54 -14.36 11.06 22.93
C GLY B 54 -14.10 11.09 24.42
N LYS B 55 -12.83 11.19 24.82
CA LYS B 55 -12.40 11.23 26.24
C LYS B 55 -12.42 12.68 26.74
N SER B 56 -13.10 12.94 27.85
CA SER B 56 -13.19 14.27 28.51
C SER B 56 -11.82 14.64 29.11
N GLY B 57 -11.40 15.88 28.92
CA GLY B 57 -10.20 16.47 29.56
C GLY B 57 -10.57 17.35 30.74
N VAL B 58 -11.85 17.36 31.12
CA VAL B 58 -12.40 18.17 32.25
C VAL B 58 -12.01 17.48 33.56
N SER B 59 -11.50 18.26 34.53
CA SER B 59 -11.09 17.81 35.88
C SER B 59 -11.97 18.47 36.94
N LYS B 60 -12.32 17.74 38.00
CA LYS B 60 -12.98 18.29 39.21
C LYS B 60 -11.93 19.06 40.02
N TYR B 61 -12.30 20.21 40.57
CA TYR B 61 -11.42 21.07 41.40
C TYR B 61 -12.15 21.47 42.68
N GLU B 62 -11.39 21.65 43.77
CA GLU B 62 -11.90 21.77 45.16
C GLU B 62 -11.75 23.21 45.67
N TRP B 63 -10.70 23.93 45.25
CA TRP B 63 -10.31 25.26 45.81
C TRP B 63 -11.35 26.33 45.45
N GLY B 64 -12.14 26.12 44.40
CA GLY B 64 -13.23 27.04 43.98
C GLY B 64 -14.35 27.10 45.02
N ARG B 65 -14.84 25.93 45.45
CA ARG B 65 -16.02 25.79 46.35
C ARG B 65 -15.61 26.09 47.80
N GLU B 66 -14.45 25.58 48.24
CA GLU B 66 -14.02 25.61 49.67
C GLU B 66 -13.53 27.01 50.06
N ARG B 67 -12.54 27.55 49.33
CA ARG B 67 -11.84 28.82 49.69
C ARG B 67 -12.71 30.03 49.36
N PHE B 68 -13.16 30.16 48.12
CA PHE B 68 -13.80 31.38 47.55
C PHE B 68 -15.33 31.27 47.60
N GLY B 69 -15.88 30.05 47.48
CA GLY B 69 -17.34 29.80 47.53
C GLY B 69 -18.00 29.95 46.18
N PHE B 70 -17.41 29.35 45.14
CA PHE B 70 -17.99 29.27 43.76
C PHE B 70 -18.87 28.02 43.67
N LYS B 71 -19.96 28.10 42.92
CA LYS B 71 -20.92 26.98 42.69
C LYS B 71 -20.33 26.00 41.67
N SER B 72 -19.37 26.45 40.84
CA SER B 72 -18.64 25.63 39.83
C SER B 72 -17.71 24.65 40.54
N GLY B 73 -17.60 23.42 40.00
CA GLY B 73 -16.70 22.36 40.50
C GLY B 73 -16.09 21.55 39.36
N ALA B 74 -15.89 22.18 38.20
CA ALA B 74 -15.28 21.58 36.99
C ALA B 74 -14.42 22.62 36.26
N ILE B 75 -13.23 22.22 35.81
CA ILE B 75 -12.28 23.05 35.00
C ILE B 75 -11.59 22.17 33.97
N GLY B 76 -11.15 22.78 32.85
CA GLY B 76 -10.29 22.16 31.84
C GLY B 76 -8.82 22.48 32.10
N GLN B 77 -8.19 21.71 32.99
CA GLN B 77 -6.77 21.89 33.41
C GLN B 77 -5.89 20.94 32.59
N VAL B 78 -4.68 21.38 32.22
CA VAL B 78 -3.73 20.62 31.35
C VAL B 78 -2.84 19.72 32.21
N TYR B 79 -2.39 20.21 33.37
CA TYR B 79 -1.51 19.49 34.32
C TYR B 79 -2.20 19.40 35.70
N PHE B 88 -5.19 26.47 49.50
CA PHE B 88 -4.92 27.17 48.21
C PHE B 88 -3.90 28.29 48.44
N VAL B 89 -2.85 28.34 47.60
CA VAL B 89 -1.78 29.39 47.63
C VAL B 89 -1.63 29.95 46.21
N LEU B 90 -1.58 31.28 46.08
CA LEU B 90 -1.46 32.00 44.79
C LEU B 90 -0.05 31.84 44.24
N LYS B 91 0.07 31.55 42.95
CA LYS B 91 1.37 31.33 42.23
C LYS B 91 1.33 32.05 40.88
N SER B 92 2.40 32.78 40.54
CA SER B 92 2.62 33.43 39.23
C SER B 92 3.43 32.48 38.34
N GLU B 93 2.77 31.47 37.76
CA GLU B 93 3.40 30.36 37.01
C GLU B 93 3.72 30.79 35.57
N ARG B 94 3.14 31.91 35.10
CA ARG B 94 3.34 32.48 33.74
C ARG B 94 2.89 31.45 32.70
N LYS B 95 1.73 30.82 32.90
CA LYS B 95 1.16 29.76 32.03
C LYS B 95 0.88 30.32 30.64
N TYR B 96 0.32 31.53 30.55
CA TYR B 96 -0.04 32.22 29.28
C TYR B 96 1.16 32.26 28.35
N LEU B 97 2.32 32.67 28.87
CA LEU B 97 3.61 32.76 28.11
C LEU B 97 4.15 31.36 27.85
N GLN B 98 4.03 30.44 28.82
CA GLN B 98 4.58 29.06 28.76
C GLN B 98 3.88 28.28 27.62
N PHE B 99 2.54 28.27 27.61
CA PHE B 99 1.72 27.51 26.64
C PHE B 99 1.98 28.00 25.21
N ALA B 100 2.21 29.31 25.05
CA ALA B 100 2.50 29.96 23.74
C ALA B 100 3.84 29.47 23.20
N LEU B 101 4.89 29.43 24.04
CA LEU B 101 6.26 28.99 23.67
C LEU B 101 6.27 27.49 23.35
N ASP B 102 5.51 26.69 24.11
CA ASP B 102 5.44 25.21 23.96
C ASP B 102 4.74 24.87 22.63
N ALA B 103 3.58 25.49 22.38
CA ALA B 103 2.74 25.27 21.18
C ALA B 103 3.50 25.72 19.92
N ALA B 104 4.18 26.87 19.99
CA ALA B 104 4.97 27.45 18.88
C ALA B 104 6.11 26.50 18.49
N GLU B 105 6.79 25.92 19.49
CA GLU B 105 7.92 24.98 19.29
C GLU B 105 7.42 23.74 18.55
N MET B 106 6.27 23.18 18.97
CA MET B 106 5.64 21.98 18.37
C MET B 106 5.19 22.28 16.93
N ALA B 107 4.61 23.47 16.70
CA ALA B 107 4.04 23.91 15.41
C ALA B 107 5.16 24.11 14.38
N MET B 108 6.28 24.72 14.79
CA MET B 108 7.43 25.02 13.90
C MET B 108 8.17 23.72 13.54
N GLN B 109 8.26 22.78 14.48
CA GLN B 109 8.89 21.44 14.26
C GLN B 109 7.99 20.60 13.34
N ASP B 110 6.66 20.70 13.50
CA ASP B 110 5.66 19.95 12.69
C ASP B 110 5.69 20.47 11.24
N ALA B 111 5.84 21.79 11.06
CA ALA B 111 5.90 22.47 9.74
C ALA B 111 7.21 22.16 9.03
N ASN B 112 8.25 21.78 9.78
CA ASN B 112 9.62 21.49 9.27
C ASN B 112 10.24 22.79 8.73
N LEU B 113 10.16 23.86 9.52
CA LEU B 113 10.76 25.19 9.22
C LEU B 113 12.07 25.33 9.99
N ARG B 114 13.12 25.85 9.33
CA ARG B 114 14.47 26.07 9.92
C ARG B 114 15.04 27.38 9.36
N PRO B 115 15.97 28.04 10.09
CA PRO B 115 16.53 29.32 9.66
C PRO B 115 16.79 29.46 8.15
N SER B 116 17.24 28.40 7.49
CA SER B 116 17.52 28.34 6.03
C SER B 116 16.25 28.68 5.23
N ASP B 117 15.12 28.04 5.58
CA ASP B 117 13.82 28.19 4.88
C ASP B 117 13.19 29.54 5.22
N ILE B 118 13.34 30.01 6.47
CA ILE B 118 12.63 31.21 7.01
C ILE B 118 13.36 32.47 6.52
N ASP B 119 12.61 33.37 5.85
CA ASP B 119 13.03 34.76 5.54
C ASP B 119 12.37 35.70 6.56
N GLY B 120 13.16 36.30 7.46
CA GLY B 120 12.69 37.10 8.61
C GLY B 120 11.72 38.20 8.18
N ARG B 121 12.03 38.92 7.10
CA ARG B 121 11.26 40.09 6.59
C ARG B 121 9.86 39.66 6.16
N ARG B 122 9.68 38.40 5.73
CA ARG B 122 8.42 37.85 5.17
C ARG B 122 7.77 36.88 6.16
N PHE B 123 8.19 36.89 7.42
CA PHE B 123 7.69 35.99 8.50
C PHE B 123 7.23 36.83 9.70
N GLY B 124 5.94 36.73 10.05
CA GLY B 124 5.29 37.52 11.12
C GLY B 124 4.53 36.64 12.10
N VAL B 125 4.26 37.17 13.30
CA VAL B 125 3.56 36.46 14.41
C VAL B 125 2.20 37.14 14.64
N ALA B 126 1.20 36.36 15.08
CA ALA B 126 -0.14 36.83 15.47
C ALA B 126 -0.74 35.87 16.52
N ILE B 127 -0.34 36.03 17.78
CA ILE B 127 -0.82 35.23 18.95
C ILE B 127 -1.80 36.09 19.75
N ALA B 128 -3.07 35.68 19.78
CA ALA B 128 -4.20 36.42 20.43
C ALA B 128 -4.40 35.91 21.86
N THR B 129 -5.14 36.68 22.66
CA THR B 129 -5.49 36.36 24.07
C THR B 129 -6.67 37.23 24.50
N ALA B 130 -7.48 36.75 25.43
CA ALA B 130 -8.61 37.51 25.97
C ALA B 130 -8.19 38.26 27.25
N ILE B 131 -7.43 37.62 28.13
CA ILE B 131 -7.00 38.27 29.42
C ILE B 131 -5.49 38.25 29.61
N ALA B 132 -4.74 37.63 28.70
CA ALA B 132 -3.27 37.52 28.75
C ALA B 132 -2.86 36.94 30.11
N ASP B 133 -1.87 37.55 30.79
CA ASP B 133 -1.32 37.07 32.09
C ASP B 133 -2.06 37.76 33.25
N ALA B 134 -3.39 37.59 33.31
CA ALA B 134 -4.27 38.13 34.36
C ALA B 134 -3.93 37.50 35.71
N ALA B 135 -3.56 36.21 35.71
CA ALA B 135 -3.13 35.45 36.90
C ALA B 135 -1.94 36.17 37.57
N GLY B 136 -0.93 36.53 36.76
CA GLY B 136 0.27 37.27 37.21
C GLY B 136 -0.07 38.66 37.72
N MET B 137 -1.03 39.33 37.08
CA MET B 137 -1.51 40.69 37.46
C MET B 137 -2.26 40.63 38.79
N GLU B 138 -3.13 39.62 38.95
CA GLU B 138 -3.94 39.38 40.17
C GLU B 138 -3.00 39.06 41.34
N GLU B 139 -2.05 38.14 41.15
CA GLU B 139 -1.07 37.68 42.16
C GLU B 139 -0.22 38.86 42.62
N CYS B 140 0.21 39.72 41.68
CA CYS B 140 1.00 40.95 41.93
C CYS B 140 0.22 41.92 42.83
N LEU B 141 -1.06 42.15 42.51
CA LEU B 141 -1.97 43.11 43.20
C LEU B 141 -2.17 42.69 44.67
N LEU B 142 -2.37 41.40 44.93
CA LEU B 142 -2.68 40.86 46.28
C LEU B 142 -1.40 40.77 47.13
N ARG B 143 -0.24 40.55 46.49
CA ARG B 143 1.09 40.49 47.15
C ARG B 143 1.44 41.87 47.71
N ILE B 144 1.29 42.93 46.89
CA ILE B 144 1.69 44.33 47.23
C ILE B 144 0.71 44.93 48.26
N THR B 145 -0.51 44.40 48.37
CA THR B 145 -1.56 44.85 49.31
C THR B 145 -1.67 43.91 50.51
N LYS B 146 -0.83 42.85 50.56
CA LYS B 146 -0.82 41.81 51.63
C LYS B 146 -2.23 41.19 51.76
N GLY B 147 -2.60 40.33 50.80
CA GLY B 147 -3.87 39.58 50.79
C GLY B 147 -5.07 40.48 50.55
N GLY B 148 -4.87 41.65 49.94
CA GLY B 148 -5.94 42.60 49.57
C GLY B 148 -6.56 43.31 50.77
N LYS B 149 -5.88 43.30 51.92
CA LYS B 149 -6.39 43.88 53.20
C LYS B 149 -6.04 45.38 53.26
N GLU B 150 -4.77 45.72 52.99
CA GLU B 150 -4.22 47.09 53.13
C GLU B 150 -4.18 47.79 51.76
N ASN B 151 -3.70 49.04 51.73
CA ASN B 151 -3.41 49.81 50.49
C ASN B 151 -2.15 49.21 49.82
N ILE B 152 -1.82 49.69 48.61
CA ILE B 152 -0.67 49.20 47.82
C ILE B 152 0.64 49.75 48.43
N HIS B 153 1.58 48.84 48.74
CA HIS B 153 2.96 49.14 49.20
C HIS B 153 3.86 49.33 47.98
N PRO B 154 4.37 50.55 47.71
CA PRO B 154 5.24 50.78 46.55
C PRO B 154 6.52 49.94 46.55
N ASP B 155 7.11 49.71 47.73
CA ASP B 155 8.42 49.02 47.90
C ASP B 155 8.33 47.55 47.48
N LEU B 156 7.17 46.90 47.65
CA LEU B 156 6.97 45.46 47.39
C LEU B 156 6.84 45.19 45.87
N ILE B 157 6.60 46.21 45.06
CA ILE B 157 6.49 46.09 43.56
C ILE B 157 7.88 45.75 43.01
N LYS B 158 8.05 44.54 42.48
CA LYS B 158 9.32 44.03 41.89
C LYS B 158 9.44 44.53 40.45
N SER B 159 10.67 44.48 39.90
CA SER B 159 11.00 44.84 38.51
C SER B 159 10.35 43.85 37.53
N GLU B 160 10.20 42.58 37.95
CA GLU B 160 9.70 41.46 37.11
C GLU B 160 8.19 41.57 36.91
N ASP B 161 7.48 42.32 37.78
CA ASP B 161 5.99 42.40 37.82
C ASP B 161 5.43 43.10 36.58
N TYR B 162 6.21 44.00 35.95
CA TYR B 162 5.79 44.82 34.78
C TYR B 162 5.50 43.92 33.57
N ASP B 163 6.18 42.76 33.48
CA ASP B 163 6.06 41.79 32.37
C ASP B 163 4.66 41.15 32.38
N SER B 164 4.01 41.07 33.55
CA SER B 164 2.67 40.47 33.73
C SER B 164 1.60 41.32 33.03
N PHE B 165 1.76 42.65 33.04
CA PHE B 165 0.79 43.63 32.47
C PHE B 165 0.94 43.72 30.94
N ASP B 166 2.04 43.20 30.39
CA ASP B 166 2.29 43.12 28.93
C ASP B 166 1.34 42.07 28.33
N PHE B 167 0.40 42.51 27.49
CA PHE B 167 -0.63 41.66 26.82
C PHE B 167 0.02 40.84 25.71
N SER B 168 0.99 41.41 25.00
CA SER B 168 1.68 40.79 23.83
C SER B 168 3.03 40.20 24.25
N SER B 169 3.08 39.53 25.42
CA SER B 169 4.26 38.78 25.90
C SER B 169 4.48 37.55 25.02
N ALA B 170 3.39 36.83 24.71
CA ALA B 170 3.37 35.60 23.89
C ALA B 170 3.84 35.90 22.46
N ALA B 171 3.32 36.98 21.85
CA ALA B 171 3.57 37.37 20.45
C ALA B 171 5.05 37.74 20.25
N THR B 172 5.60 38.57 21.14
CA THR B 172 6.98 39.15 21.04
C THR B 172 8.03 38.08 21.38
N SER B 173 7.76 37.25 22.39
CA SER B 173 8.68 36.16 22.85
C SER B 173 8.90 35.15 21.73
N VAL B 174 7.83 34.76 21.03
CA VAL B 174 7.86 33.79 19.90
C VAL B 174 8.56 34.43 18.70
N ALA B 175 8.26 35.70 18.41
CA ALA B 175 8.86 36.51 17.32
C ALA B 175 10.38 36.62 17.54
N LYS B 176 10.81 36.78 18.79
CA LYS B 176 12.24 36.87 19.21
C LYS B 176 12.94 35.52 18.94
N LYS B 177 12.28 34.40 19.26
CA LYS B 177 12.87 33.05 19.28
C LYS B 177 13.18 32.57 17.85
N TYR B 178 12.28 32.82 16.89
CA TYR B 178 12.37 32.30 15.50
C TYR B 178 12.68 33.42 14.50
N GLY B 179 12.92 34.65 14.99
CA GLY B 179 13.40 35.78 14.18
C GLY B 179 12.36 36.28 13.19
N ALA B 180 11.14 36.57 13.67
CA ALA B 180 10.03 37.15 12.89
C ALA B 180 10.18 38.67 12.83
N SER B 181 10.39 39.24 11.63
CA SER B 181 10.62 40.68 11.40
C SER B 181 9.38 41.35 10.78
N MET B 182 8.46 40.57 10.21
CA MET B 182 7.16 41.04 9.68
C MET B 182 6.22 41.33 10.85
N SER B 183 5.15 42.10 10.60
CA SER B 183 4.09 42.49 11.58
C SER B 183 3.94 41.46 12.70
N VAL B 184 4.16 41.90 13.95
CA VAL B 184 3.82 41.14 15.20
C VAL B 184 2.65 41.86 15.87
N SER B 185 1.52 41.17 16.06
CA SER B 185 0.25 41.74 16.58
C SER B 185 -0.31 40.88 17.71
N ASN B 186 -1.14 41.50 18.55
CA ASN B 186 -1.87 40.84 19.65
C ASN B 186 -3.34 41.31 19.57
N ILE B 187 -4.19 40.51 18.95
CA ILE B 187 -5.64 40.83 18.86
C ILE B 187 -6.26 40.33 20.17
N SER B 188 -7.02 41.17 20.85
CA SER B 188 -7.61 40.78 22.16
C SER B 188 -9.14 40.86 22.14
N THR B 189 -9.75 40.57 21.00
CA THR B 189 -11.23 40.63 20.86
C THR B 189 -11.94 39.51 21.62
N GLY B 190 -11.72 39.38 22.92
CA GLY B 190 -12.37 38.34 23.74
C GLY B 190 -12.15 36.93 23.24
N CYS B 191 -13.25 36.20 23.06
CA CYS B 191 -13.31 34.80 22.65
C CYS B 191 -13.39 34.64 21.14
N ALA B 192 -13.27 35.75 20.40
CA ALA B 192 -13.21 35.65 18.93
C ALA B 192 -11.79 35.97 18.43
N ALA B 193 -10.90 36.37 19.35
CA ALA B 193 -9.49 36.77 19.13
C ALA B 193 -8.72 35.68 18.38
N GLY B 194 -8.96 34.40 18.72
CA GLY B 194 -8.30 33.24 18.09
C GLY B 194 -8.46 33.25 16.58
N LEU B 195 -9.69 33.31 16.08
CA LEU B 195 -10.01 33.32 14.63
C LEU B 195 -9.59 34.65 14.00
N ASP B 196 -9.66 35.75 14.76
CA ASP B 196 -9.29 37.10 14.29
C ASP B 196 -7.78 37.16 14.03
N ALA B 197 -6.98 36.46 14.85
CA ALA B 197 -5.52 36.32 14.68
C ALA B 197 -5.22 35.51 13.40
N LEU B 198 -5.99 34.43 13.16
CA LEU B 198 -5.91 33.61 11.93
C LEU B 198 -6.38 34.45 10.74
N GLY B 199 -7.40 35.29 10.94
CA GLY B 199 -7.98 36.19 9.92
C GLY B 199 -6.98 37.21 9.42
N ILE B 200 -6.30 37.92 10.32
CA ILE B 200 -5.29 38.98 9.97
C ILE B 200 -4.04 38.29 9.40
N ALA B 201 -3.70 37.10 9.89
CA ALA B 201 -2.59 36.25 9.39
C ALA B 201 -2.86 35.83 7.93
N MET B 202 -4.10 35.45 7.64
CA MET B 202 -4.58 35.06 6.28
C MET B 202 -4.44 36.26 5.33
N GLU B 203 -4.81 37.46 5.79
CA GLU B 203 -4.78 38.72 5.01
C GLU B 203 -3.33 39.07 4.64
N HIS B 204 -2.40 38.95 5.60
CA HIS B 204 -0.95 39.21 5.41
C HIS B 204 -0.40 38.35 4.27
N ILE B 205 -0.74 37.06 4.26
CA ILE B 205 -0.23 36.05 3.26
C ILE B 205 -0.91 36.31 1.91
N ARG B 206 -2.24 36.49 1.92
CA ARG B 206 -3.08 36.59 0.70
C ARG B 206 -2.70 37.84 -0.11
N TYR B 207 -2.51 38.97 0.56
CA TYR B 207 -2.28 40.31 -0.07
C TYR B 207 -0.78 40.58 -0.23
N GLY B 208 0.07 39.60 0.11
CA GLY B 208 1.47 39.52 -0.36
C GLY B 208 2.48 40.22 0.54
N ARG B 209 2.15 40.42 1.82
CA ARG B 209 3.05 41.08 2.81
C ARG B 209 3.96 40.03 3.47
N ALA B 210 3.43 38.82 3.72
CA ALA B 210 4.14 37.70 4.39
C ALA B 210 4.07 36.44 3.52
N ASP B 211 5.09 35.58 3.64
CA ASP B 211 5.14 34.22 3.02
C ASP B 211 4.78 33.19 4.07
N ILE B 212 5.38 33.28 5.27
CA ILE B 212 5.10 32.44 6.46
C ILE B 212 4.39 33.32 7.50
N MET B 213 3.56 32.73 8.36
CA MET B 213 2.84 33.44 9.45
C MET B 213 2.48 32.45 10.58
N LEU B 214 3.01 32.70 11.78
CA LEU B 214 2.68 31.92 13.02
C LEU B 214 1.45 32.58 13.67
N ALA B 215 0.30 31.92 13.62
CA ALA B 215 -1.01 32.44 14.08
C ALA B 215 -1.62 31.49 15.12
N GLY B 216 -2.52 32.01 15.94
CA GLY B 216 -3.26 31.24 16.97
C GLY B 216 -3.63 32.09 18.17
N ALA B 217 -3.74 31.46 19.35
CA ALA B 217 -4.09 32.11 20.63
C ALA B 217 -3.65 31.25 21.82
N SER B 218 -3.34 31.91 22.93
CA SER B 218 -2.96 31.27 24.23
C SER B 218 -3.82 31.88 25.34
N GLU B 219 -4.31 31.06 26.27
CA GLU B 219 -5.14 31.55 27.40
C GLU B 219 -4.81 30.80 28.69
N ALA B 220 -4.73 31.50 29.83
CA ALA B 220 -4.51 30.89 31.16
C ALA B 220 -5.45 31.53 32.18
N PRO B 221 -6.77 31.26 32.14
CA PRO B 221 -7.74 31.91 32.99
C PRO B 221 -8.22 31.14 34.22
N LEU B 222 -7.47 30.13 34.62
CA LEU B 222 -7.86 29.34 35.80
C LEU B 222 -7.25 29.97 37.05
N CYS B 223 -7.65 31.20 37.32
CA CYS B 223 -7.27 31.98 38.50
C CYS B 223 -8.57 32.47 39.15
N PRO B 224 -8.58 32.80 40.43
CA PRO B 224 -9.82 33.19 41.11
C PRO B 224 -10.56 34.38 40.48
N LEU B 225 -9.82 35.42 40.05
CA LEU B 225 -10.36 36.65 39.43
C LEU B 225 -11.15 36.28 38.17
N SER B 226 -10.53 35.55 37.25
CA SER B 226 -11.13 35.13 35.95
C SER B 226 -12.34 34.23 36.18
N ILE B 227 -12.21 33.19 37.02
CA ILE B 227 -13.29 32.20 37.31
C ILE B 227 -14.41 32.92 38.08
N GLY B 228 -14.05 33.76 39.06
CA GLY B 228 -14.99 34.53 39.88
C GLY B 228 -15.78 35.54 39.07
N SER B 229 -15.16 36.14 38.05
CA SER B 229 -15.76 37.15 37.14
C SER B 229 -16.95 36.52 36.38
N PHE B 230 -16.74 35.33 35.82
CA PHE B 230 -17.79 34.60 35.05
C PHE B 230 -18.81 34.02 36.03
N GLU B 231 -18.32 33.49 37.14
CA GLU B 231 -19.17 32.94 38.23
C GLU B 231 -20.19 34.01 38.66
N ALA B 232 -19.70 35.22 38.97
CA ALA B 232 -20.52 36.39 39.41
C ALA B 232 -21.52 36.78 38.30
N LEU B 233 -21.08 36.67 37.04
CA LEU B 233 -21.90 36.99 35.84
C LEU B 233 -22.98 35.92 35.65
N GLY B 234 -22.68 34.68 36.03
CA GLY B 234 -23.60 33.53 35.94
C GLY B 234 -23.52 32.84 34.58
N ALA B 235 -22.32 32.80 33.99
CA ALA B 235 -22.04 32.19 32.66
C ALA B 235 -21.47 30.78 32.83
N LEU B 236 -20.93 30.46 34.01
CA LEU B 236 -20.35 29.12 34.34
C LEU B 236 -21.47 28.15 34.74
N SER B 237 -21.25 26.85 34.48
CA SER B 237 -22.15 25.73 34.88
C SER B 237 -22.16 25.63 36.42
N SER B 238 -23.35 25.66 37.03
CA SER B 238 -23.56 25.74 38.50
C SER B 238 -24.54 24.67 39.00
N ARG B 239 -25.01 23.77 38.14
CA ARG B 239 -26.01 22.72 38.51
C ARG B 239 -25.28 21.58 39.23
N GLU B 240 -25.91 21.00 40.26
CA GLU B 240 -25.38 19.86 41.05
C GLU B 240 -25.35 18.61 40.16
N LEU B 241 -24.21 17.90 40.16
CA LEU B 241 -23.95 16.74 39.26
C LEU B 241 -23.15 15.67 40.02
N GLU B 242 -23.39 14.40 39.69
CA GLU B 242 -22.60 13.23 40.17
C GLU B 242 -21.26 13.21 39.42
N ASN B 243 -21.30 13.42 38.11
CA ASN B 243 -20.12 13.49 37.20
C ASN B 243 -19.92 14.94 36.76
N GLN B 244 -18.78 15.55 37.14
CA GLN B 244 -18.44 16.97 36.85
C GLN B 244 -18.00 17.12 35.39
N GLN B 245 -17.59 16.04 34.73
CA GLN B 245 -17.19 16.01 33.30
C GLN B 245 -18.41 16.28 32.42
N ALA B 246 -19.61 15.95 32.89
CA ALA B 246 -20.90 16.10 32.16
C ALA B 246 -21.40 17.56 32.25
N ALA B 247 -20.77 18.40 33.09
CA ALA B 247 -21.15 19.81 33.33
C ALA B 247 -21.12 20.60 32.02
N THR B 248 -20.19 20.27 31.11
CA THR B 248 -20.13 20.83 29.73
C THR B 248 -20.81 19.82 28.77
N CYS B 249 -22.01 20.16 28.31
CA CYS B 249 -22.87 19.32 27.42
C CYS B 249 -23.51 20.21 26.34
N PRO B 250 -22.78 20.56 25.27
CA PRO B 250 -23.30 21.41 24.20
C PRO B 250 -24.51 20.80 23.47
N PHE B 251 -25.55 21.62 23.25
CA PHE B 251 -26.79 21.31 22.48
C PHE B 251 -27.71 20.37 23.27
N SER B 252 -27.36 20.06 24.53
CA SER B 252 -28.17 19.23 25.46
C SER B 252 -29.17 20.13 26.21
N LEU B 253 -30.30 19.57 26.61
CA LEU B 253 -31.40 20.28 27.31
C LEU B 253 -30.99 20.63 28.75
N GLU B 254 -29.97 19.94 29.28
CA GLU B 254 -29.50 20.09 30.70
C GLU B 254 -28.53 21.26 30.85
N ARG B 255 -27.94 21.75 29.75
CA ARG B 255 -26.83 22.75 29.78
C ARG B 255 -27.26 24.01 30.53
N ASP B 256 -26.36 24.60 31.31
CA ASP B 256 -26.62 25.78 32.18
C ASP B 256 -25.40 26.71 32.27
N GLY B 257 -24.39 26.54 31.42
CA GLY B 257 -23.16 27.36 31.44
C GLY B 257 -21.94 26.61 30.91
N PHE B 258 -20.86 27.32 30.63
CA PHE B 258 -19.59 26.78 30.07
C PHE B 258 -18.63 26.41 31.21
N VAL B 259 -17.93 25.28 31.06
CA VAL B 259 -16.80 24.86 31.95
C VAL B 259 -15.54 25.57 31.48
N ILE B 260 -14.99 26.49 32.28
CA ILE B 260 -13.78 27.28 31.95
C ILE B 260 -12.58 26.33 31.87
N ALA B 261 -11.62 26.64 30.98
CA ALA B 261 -10.44 25.81 30.68
C ALA B 261 -9.24 26.71 30.36
N GLU B 262 -8.05 26.12 30.27
CA GLU B 262 -6.79 26.79 29.85
C GLU B 262 -6.19 26.02 28.66
N GLY B 263 -5.21 26.61 27.98
CA GLY B 263 -4.47 25.97 26.88
C GLY B 263 -4.03 26.97 25.83
N CYS B 264 -3.52 26.46 24.70
CA CYS B 264 -3.00 27.26 23.55
C CYS B 264 -3.09 26.44 22.26
N GLY B 265 -3.47 27.09 21.16
CA GLY B 265 -3.41 26.55 19.79
C GLY B 265 -2.56 27.44 18.91
N ILE B 266 -1.65 26.85 18.11
CA ILE B 266 -0.77 27.58 17.16
C ILE B 266 -0.82 26.86 15.80
N LEU B 267 -1.19 27.61 14.75
CA LEU B 267 -1.20 27.13 13.35
C LEU B 267 -0.11 27.89 12.57
N ILE B 268 0.76 27.17 11.87
CA ILE B 268 1.75 27.75 10.92
C ILE B 268 1.04 27.92 9.56
N LEU B 269 0.54 29.12 9.29
CA LEU B 269 -0.07 29.51 7.99
C LEU B 269 1.04 30.00 7.07
N GLU B 270 1.01 29.62 5.79
CA GLU B 270 1.94 30.15 4.75
C GLU B 270 1.30 30.05 3.36
N SER B 271 1.92 30.71 2.39
CA SER B 271 1.49 30.77 0.95
C SER B 271 1.52 29.36 0.35
N TYR B 272 0.60 29.09 -0.59
CA TYR B 272 0.48 27.81 -1.31
C TYR B 272 1.74 27.57 -2.16
N GLU B 273 2.24 28.62 -2.81
CA GLU B 273 3.45 28.59 -3.66
C GLU B 273 4.69 28.34 -2.80
N HIS B 274 4.79 29.00 -1.64
CA HIS B 274 5.93 28.91 -0.69
C HIS B 274 6.04 27.49 -0.12
N ALA B 275 4.90 26.86 0.19
CA ALA B 275 4.80 25.51 0.78
C ALA B 275 5.23 24.45 -0.24
N LYS B 276 4.81 24.60 -1.50
CA LYS B 276 5.05 23.62 -2.60
C LYS B 276 6.55 23.60 -2.96
N GLN B 277 7.21 24.75 -2.96
CA GLN B 277 8.63 24.90 -3.37
C GLN B 277 9.55 24.15 -2.39
N ARG B 278 9.29 24.25 -1.08
CA ARG B 278 10.07 23.57 -0.01
C ARG B 278 9.50 22.17 0.27
N GLY B 279 8.39 21.80 -0.40
CA GLY B 279 7.81 20.45 -0.36
C GLY B 279 7.17 20.14 0.98
N ALA B 280 6.50 21.14 1.59
CA ALA B 280 5.88 21.05 2.93
C ALA B 280 4.60 20.22 2.86
N HIS B 281 4.25 19.55 3.95
CA HIS B 281 2.96 18.83 4.14
C HIS B 281 1.85 19.84 4.44
N ILE B 282 0.73 19.75 3.73
CA ILE B 282 -0.43 20.69 3.84
C ILE B 282 -1.58 19.96 4.55
N TYR B 283 -2.01 20.47 5.71
CA TYR B 283 -3.16 19.95 6.50
C TYR B 283 -4.47 20.32 5.80
N ALA B 284 -4.68 21.62 5.55
CA ALA B 284 -5.90 22.18 4.94
C ALA B 284 -5.63 23.60 4.42
N GLU B 285 -6.49 24.08 3.52
CA GLU B 285 -6.48 25.46 2.97
C GLU B 285 -7.40 26.35 3.81
N LEU B 286 -6.87 27.46 4.34
CA LEU B 286 -7.67 28.52 5.03
C LEU B 286 -8.18 29.49 3.96
N ALA B 287 -9.41 29.25 3.48
CA ALA B 287 -9.96 29.83 2.23
C ALA B 287 -10.45 31.27 2.44
N GLY B 288 -11.23 31.53 3.49
CA GLY B 288 -11.86 32.83 3.74
C GLY B 288 -12.06 33.13 5.22
N TYR B 289 -12.28 34.41 5.53
CA TYR B 289 -12.51 34.95 6.90
C TYR B 289 -13.50 36.12 6.82
N ALA B 290 -14.33 36.26 7.86
CA ALA B 290 -15.29 37.38 8.04
C ALA B 290 -15.58 37.56 9.53
N SER B 291 -15.91 38.79 9.94
CA SER B 291 -16.23 39.16 11.35
C SER B 291 -17.24 40.30 11.36
N VAL B 292 -18.22 40.24 12.27
CA VAL B 292 -19.32 41.24 12.41
C VAL B 292 -19.53 41.53 13.91
N ASN B 293 -20.43 42.47 14.21
CA ASN B 293 -20.90 42.78 15.58
C ASN B 293 -22.40 42.48 15.66
N ASN B 294 -22.89 42.10 16.85
CA ASN B 294 -24.33 41.84 17.13
C ASN B 294 -25.09 43.16 17.16
N ALA B 295 -24.54 44.17 17.85
CA ALA B 295 -25.20 45.45 18.19
C ALA B 295 -26.47 45.15 19.01
N TYR B 296 -26.37 44.20 19.94
CA TYR B 296 -27.50 43.64 20.73
C TYR B 296 -27.20 43.77 22.23
N HIS B 297 -26.18 43.04 22.71
CA HIS B 297 -25.75 43.01 24.13
C HIS B 297 -24.26 42.62 24.21
N MET B 298 -23.64 42.86 25.36
CA MET B 298 -22.20 42.58 25.59
C MET B 298 -21.97 41.09 25.86
N THR B 299 -22.85 40.46 26.64
CA THR B 299 -22.66 39.03 27.03
C THR B 299 -23.78 38.15 26.45
N ASP B 300 -25.02 38.66 26.46
CA ASP B 300 -26.20 37.90 25.96
C ASP B 300 -26.15 37.80 24.43
N LEU B 301 -26.63 36.68 23.89
CA LEU B 301 -26.73 36.40 22.43
C LEU B 301 -28.20 36.20 22.06
N PRO B 302 -28.67 36.76 20.92
CA PRO B 302 -30.07 36.63 20.52
C PRO B 302 -30.40 35.25 19.95
N ALA B 303 -31.67 34.85 20.01
CA ALA B 303 -32.18 33.50 19.64
C ALA B 303 -32.14 33.32 18.12
N ASP B 304 -32.60 34.31 17.36
CA ASP B 304 -32.74 34.26 15.87
C ASP B 304 -31.37 33.98 15.22
N GLY B 305 -30.31 34.62 15.72
CA GLY B 305 -28.92 34.44 15.24
C GLY B 305 -28.73 34.95 13.82
N MET B 306 -29.22 36.16 13.53
CA MET B 306 -29.16 36.81 12.19
C MET B 306 -27.73 37.31 11.94
N ALA B 307 -27.07 37.87 12.95
CA ALA B 307 -25.70 38.44 12.88
C ALA B 307 -24.70 37.34 12.50
N MET B 308 -24.73 36.22 13.22
CA MET B 308 -23.84 35.04 12.99
C MET B 308 -24.09 34.49 11.58
N ALA B 309 -25.36 34.45 11.15
CA ALA B 309 -25.79 33.98 9.81
C ALA B 309 -25.18 34.87 8.71
N ARG B 310 -25.13 36.18 8.94
CA ARG B 310 -24.56 37.18 8.00
C ARG B 310 -23.04 36.99 7.93
N CYS B 311 -22.41 36.68 9.06
CA CYS B 311 -20.94 36.45 9.20
C CYS B 311 -20.52 35.21 8.40
N ILE B 312 -21.30 34.14 8.48
CA ILE B 312 -21.10 32.86 7.71
C ILE B 312 -21.19 33.18 6.21
N ASP B 313 -22.18 33.99 5.82
CA ASP B 313 -22.47 34.37 4.40
C ASP B 313 -21.28 35.15 3.84
N MET B 314 -20.74 36.11 4.60
CA MET B 314 -19.63 37.00 4.15
C MET B 314 -18.31 36.22 4.10
N ALA B 315 -18.14 35.23 4.97
CA ALA B 315 -16.96 34.33 5.01
C ALA B 315 -16.90 33.46 3.75
N LEU B 316 -18.06 33.02 3.26
CA LEU B 316 -18.19 32.16 2.04
C LEU B 316 -17.95 33.00 0.79
N LYS B 317 -18.45 34.24 0.76
CA LYS B 317 -18.20 35.23 -0.34
C LYS B 317 -16.71 35.57 -0.38
N ASP B 318 -16.07 35.67 0.79
CA ASP B 318 -14.62 36.00 0.94
C ASP B 318 -13.78 34.84 0.39
N ALA B 319 -14.19 33.59 0.64
CA ALA B 319 -13.53 32.36 0.19
C ALA B 319 -13.89 32.06 -1.28
N GLN B 320 -14.95 32.67 -1.80
CA GLN B 320 -15.50 32.47 -3.17
C GLN B 320 -15.93 31.00 -3.32
N ILE B 321 -16.59 30.46 -2.30
CA ILE B 321 -17.09 29.05 -2.24
C ILE B 321 -18.60 29.08 -1.99
N SER B 322 -19.35 28.20 -2.67
CA SER B 322 -20.83 28.06 -2.57
C SER B 322 -21.18 27.38 -1.25
N PRO B 323 -22.28 27.80 -0.57
CA PRO B 323 -22.72 27.14 0.66
C PRO B 323 -23.09 25.66 0.50
N SER B 324 -23.40 25.23 -0.73
CA SER B 324 -23.84 23.85 -1.09
C SER B 324 -22.74 22.82 -0.83
N THR B 325 -21.46 23.23 -0.89
CA THR B 325 -20.27 22.36 -0.71
C THR B 325 -19.95 22.19 0.78
N VAL B 326 -20.56 22.99 1.66
CA VAL B 326 -20.33 22.93 3.15
C VAL B 326 -21.04 21.68 3.68
N ASN B 327 -20.26 20.70 4.16
CA ASN B 327 -20.77 19.40 4.68
C ASN B 327 -20.18 19.10 6.07
N TYR B 328 -19.65 20.11 6.77
CA TYR B 328 -19.16 20.00 8.18
C TYR B 328 -18.98 21.38 8.78
N ILE B 329 -19.34 21.53 10.07
CA ILE B 329 -19.26 22.80 10.84
C ILE B 329 -18.65 22.51 12.21
N SER B 330 -17.52 23.14 12.54
CA SER B 330 -16.89 23.15 13.89
C SER B 330 -17.44 24.33 14.69
N ALA B 331 -18.61 24.15 15.32
CA ALA B 331 -19.36 25.23 16.02
C ALA B 331 -18.62 25.63 17.29
N HIS B 332 -18.94 26.84 17.78
CA HIS B 332 -18.36 27.41 19.02
C HIS B 332 -18.76 26.53 20.21
N GLY B 333 -20.06 26.19 20.31
CA GLY B 333 -20.59 25.24 21.31
C GLY B 333 -20.14 25.43 22.75
N SER B 334 -20.34 26.60 23.35
CA SER B 334 -19.91 26.86 24.76
C SER B 334 -20.69 26.04 25.80
N SER B 335 -21.90 25.60 25.47
CA SER B 335 -22.81 24.84 26.37
C SER B 335 -23.53 25.79 27.33
N THR B 336 -23.76 27.04 26.90
CA THR B 336 -24.70 28.01 27.56
C THR B 336 -26.05 27.90 26.84
N ALA B 337 -27.12 28.36 27.50
CA ALA B 337 -28.52 28.30 26.98
C ALA B 337 -28.65 29.13 25.70
N GLN B 338 -27.97 30.29 25.64
CA GLN B 338 -28.18 31.34 24.61
C GLN B 338 -27.27 31.12 23.39
N ASN B 339 -26.06 30.57 23.59
CA ASN B 339 -25.04 30.40 22.52
C ASN B 339 -25.47 29.28 21.56
N ASP B 340 -25.86 28.12 22.08
CA ASP B 340 -26.11 26.88 21.31
C ASP B 340 -27.37 27.05 20.44
N ILE B 341 -28.40 27.72 20.96
CA ILE B 341 -29.65 28.04 20.21
C ILE B 341 -29.33 29.07 19.12
N ASN B 342 -28.44 30.03 19.41
CA ASN B 342 -28.03 31.13 18.50
C ASN B 342 -27.36 30.54 17.25
N GLU B 343 -26.43 29.59 17.44
CA GLU B 343 -25.64 28.95 16.36
C GLU B 343 -26.53 28.02 15.52
N SER B 344 -27.40 27.25 16.17
CA SER B 344 -28.33 26.29 15.52
C SER B 344 -29.25 27.04 14.54
N ASN B 345 -29.86 28.14 15.00
CA ASN B 345 -30.79 28.99 14.20
C ASN B 345 -30.00 29.73 13.11
N ALA B 346 -28.73 30.07 13.38
CA ALA B 346 -27.82 30.76 12.42
C ALA B 346 -27.53 29.84 11.22
N ILE B 347 -27.18 28.57 11.50
CA ILE B 347 -26.90 27.53 10.47
C ILE B 347 -28.19 27.23 9.68
N LYS B 348 -29.34 27.22 10.37
CA LYS B 348 -30.68 26.99 9.78
C LYS B 348 -31.03 28.11 8.79
N PHE B 349 -30.56 29.34 9.04
CA PHE B 349 -30.89 30.53 8.23
C PHE B 349 -30.10 30.53 6.91
N VAL B 350 -28.81 30.20 6.98
CA VAL B 350 -27.87 30.22 5.81
C VAL B 350 -28.19 29.02 4.91
N LEU B 351 -28.03 27.80 5.42
CA LEU B 351 -28.17 26.53 4.65
C LEU B 351 -29.65 26.29 4.33
N GLY B 352 -30.54 26.47 5.32
CA GLY B 352 -32.00 26.28 5.18
C GLY B 352 -32.41 24.86 5.54
N GLU B 353 -33.02 24.15 4.58
CA GLU B 353 -33.53 22.76 4.74
C GLU B 353 -32.37 21.76 4.65
N SER B 354 -31.23 22.19 4.09
CA SER B 354 -30.02 21.35 3.87
C SER B 354 -29.15 21.28 5.15
N ALA B 355 -29.53 22.00 6.20
CA ALA B 355 -28.76 22.16 7.45
C ALA B 355 -28.77 20.86 8.28
N PHE B 356 -29.85 20.07 8.19
CA PHE B 356 -30.14 18.91 9.06
C PHE B 356 -29.11 17.79 8.84
N GLY B 357 -28.71 17.55 7.59
CA GLY B 357 -27.77 16.47 7.21
C GLY B 357 -26.37 16.71 7.74
N ILE B 358 -25.95 17.98 7.86
CA ILE B 358 -24.54 18.40 8.09
C ILE B 358 -24.13 18.06 9.53
N PRO B 359 -23.09 17.24 9.73
CA PRO B 359 -22.50 17.03 11.06
C PRO B 359 -21.94 18.33 11.66
N ILE B 360 -22.40 18.70 12.85
CA ILE B 360 -21.96 19.89 13.63
C ILE B 360 -21.45 19.41 14.99
N ASN B 361 -20.28 19.87 15.45
CA ASN B 361 -19.71 19.43 16.75
C ASN B 361 -19.14 20.63 17.53
N SER B 362 -18.90 20.42 18.82
CA SER B 362 -18.23 21.36 19.76
C SER B 362 -17.15 20.60 20.53
N LEU B 363 -15.90 21.08 20.49
CA LEU B 363 -14.74 20.47 21.19
C LEU B 363 -14.83 20.80 22.70
N LYS B 364 -15.58 21.84 23.05
CA LYS B 364 -15.70 22.36 24.44
C LYS B 364 -16.41 21.33 25.34
N SER B 365 -17.02 20.29 24.77
CA SER B 365 -17.63 19.16 25.51
C SER B 365 -16.54 18.31 26.18
N MET B 366 -15.34 18.27 25.59
CA MET B 366 -14.16 17.51 26.10
C MET B 366 -13.16 18.46 26.75
N THR B 367 -12.85 19.59 26.09
CA THR B 367 -11.77 20.54 26.47
C THR B 367 -12.26 21.57 27.49
N GLY B 368 -13.55 21.91 27.47
CA GLY B 368 -14.10 23.09 28.17
C GLY B 368 -13.83 24.35 27.38
N HIS B 369 -13.99 25.52 28.00
CA HIS B 369 -13.87 26.82 27.31
C HIS B 369 -12.59 27.55 27.72
N ALA B 370 -11.68 27.73 26.78
CA ALA B 370 -10.37 28.40 26.98
C ALA B 370 -10.42 29.82 26.40
N LEU B 371 -11.63 30.35 26.21
CA LEU B 371 -11.87 31.72 25.69
C LEU B 371 -11.25 31.86 24.30
N ALA B 372 -10.30 32.79 24.15
CA ALA B 372 -9.61 33.02 22.87
C ALA B 372 -8.87 31.75 22.43
N ALA B 373 -8.25 31.04 23.38
CA ALA B 373 -7.49 29.82 23.09
C ALA B 373 -8.38 28.72 22.49
N ALA B 374 -9.66 28.64 22.86
CA ALA B 374 -10.61 27.62 22.37
C ALA B 374 -10.73 27.70 20.85
N ASN B 375 -10.74 28.90 20.27
CA ASN B 375 -10.85 29.04 18.80
C ASN B 375 -9.66 28.36 18.11
N ALA B 376 -8.45 28.60 18.61
CA ALA B 376 -7.18 28.09 18.07
C ALA B 376 -7.10 26.57 18.24
N ILE B 377 -7.43 26.07 19.44
CA ILE B 377 -7.39 24.61 19.78
C ILE B 377 -8.37 23.86 18.87
N GLU B 378 -9.57 24.41 18.68
CA GLU B 378 -10.62 23.86 17.78
C GLU B 378 -10.17 23.96 16.32
N SER B 379 -9.43 25.03 15.98
CA SER B 379 -8.85 25.26 14.63
C SER B 379 -7.75 24.22 14.36
N VAL B 380 -6.96 23.84 15.37
CA VAL B 380 -5.94 22.76 15.28
C VAL B 380 -6.67 21.43 15.07
N ALA B 381 -7.72 21.17 15.87
CA ALA B 381 -8.58 19.96 15.80
C ALA B 381 -9.25 19.87 14.43
N LEU B 382 -9.72 21.00 13.91
CA LEU B 382 -10.40 21.12 12.59
C LEU B 382 -9.45 20.69 11.48
N CYS B 383 -8.19 21.13 11.53
CA CYS B 383 -7.13 20.81 10.54
C CYS B 383 -6.84 19.30 10.55
N LEU B 384 -6.77 18.69 11.73
CA LEU B 384 -6.55 17.24 11.92
C LEU B 384 -7.76 16.44 11.39
N GLU B 385 -8.98 16.96 11.61
CA GLU B 385 -10.25 16.32 11.17
C GLU B 385 -10.29 16.22 9.65
N ILE B 386 -9.94 17.30 8.94
CA ILE B 386 -9.94 17.37 7.44
C ILE B 386 -8.84 16.44 6.90
N GLU B 387 -7.66 16.46 7.51
CA GLU B 387 -6.49 15.61 7.14
C GLU B 387 -6.88 14.13 7.20
N LYS B 388 -7.44 13.70 8.33
CA LYS B 388 -7.69 12.26 8.66
C LYS B 388 -9.11 11.87 8.25
N GLN B 389 -9.89 12.78 7.65
CA GLN B 389 -11.27 12.55 7.16
C GLN B 389 -12.10 11.89 8.27
N TYR B 390 -11.94 12.37 9.51
CA TYR B 390 -12.68 11.91 10.72
C TYR B 390 -13.31 13.13 11.41
N VAL B 391 -14.44 12.92 12.09
CA VAL B 391 -15.19 13.98 12.82
C VAL B 391 -15.33 13.53 14.28
N HIS B 392 -14.78 14.32 15.22
CA HIS B 392 -14.85 14.06 16.68
C HIS B 392 -16.28 14.32 17.16
N PRO B 393 -16.77 13.57 18.17
CA PRO B 393 -18.15 13.73 18.65
C PRO B 393 -18.31 14.85 19.70
N THR B 394 -19.54 15.31 19.91
CA THR B 394 -19.97 16.15 21.05
C THR B 394 -20.39 15.21 22.19
N ILE B 395 -19.53 15.02 23.19
CA ILE B 395 -19.76 14.05 24.31
C ILE B 395 -20.71 14.68 25.33
N ASN B 396 -21.17 13.87 26.28
CA ASN B 396 -22.07 14.27 27.41
C ASN B 396 -23.44 14.70 26.86
N TYR B 397 -23.85 14.17 25.69
CA TYR B 397 -25.16 14.44 25.06
C TYR B 397 -26.22 13.60 25.77
N GLN B 398 -27.00 14.24 26.65
CA GLN B 398 -28.03 13.59 27.51
C GLN B 398 -29.39 13.67 26.81
N THR B 399 -30.29 14.54 27.29
CA THR B 399 -31.65 14.74 26.73
C THR B 399 -31.57 15.68 25.53
N PRO B 400 -32.13 15.29 24.36
CA PRO B 400 -32.12 16.16 23.18
C PRO B 400 -33.06 17.37 23.36
N ASP B 401 -32.57 18.57 23.06
CA ASP B 401 -33.33 19.85 23.12
C ASP B 401 -34.23 19.94 21.89
N PRO B 402 -35.53 20.27 22.04
CA PRO B 402 -36.42 20.42 20.89
C PRO B 402 -36.03 21.58 19.96
N ASP B 403 -35.42 22.64 20.50
CA ASP B 403 -34.99 23.85 19.75
C ASP B 403 -33.73 23.52 18.93
N CYS B 404 -32.74 22.89 19.57
CA CYS B 404 -31.49 22.39 18.93
C CYS B 404 -31.74 20.99 18.35
N ASP B 405 -32.15 20.91 17.08
CA ASP B 405 -32.61 19.65 16.42
C ASP B 405 -31.82 19.40 15.14
N LEU B 406 -30.52 19.75 15.13
CA LEU B 406 -29.56 19.41 14.03
C LEU B 406 -28.74 18.19 14.46
N ASP B 407 -27.93 17.66 13.54
CA ASP B 407 -27.00 16.53 13.80
C ASP B 407 -25.77 17.08 14.54
N TYR B 408 -25.59 16.70 15.81
CA TYR B 408 -24.52 17.18 16.71
C TYR B 408 -23.49 16.09 16.99
N ILE B 409 -23.60 14.93 16.32
CA ILE B 409 -22.63 13.80 16.41
C ILE B 409 -22.44 13.43 17.88
N PRO B 410 -23.51 12.94 18.56
CA PRO B 410 -23.46 12.74 20.01
C PRO B 410 -22.66 11.49 20.44
N ASN B 411 -21.64 11.70 21.30
CA ASN B 411 -20.96 10.67 22.13
C ASN B 411 -19.93 9.90 21.30
N GLN B 412 -20.34 9.27 20.19
CA GLN B 412 -19.44 8.46 19.31
C GLN B 412 -19.22 9.21 17.98
N GLY B 413 -17.95 9.38 17.59
CA GLY B 413 -17.54 9.98 16.31
C GLY B 413 -17.53 8.95 15.19
N CYS B 414 -17.13 9.34 13.98
CA CYS B 414 -17.12 8.48 12.77
C CYS B 414 -16.26 9.10 11.66
N SER B 415 -15.81 8.27 10.72
CA SER B 415 -15.14 8.70 9.46
C SER B 415 -16.14 9.44 8.58
N TYR B 416 -15.77 10.62 8.08
CA TYR B 416 -16.62 11.49 7.22
C TYR B 416 -15.76 12.23 6.21
N PRO B 417 -16.12 12.23 4.91
CA PRO B 417 -15.35 12.93 3.89
C PRO B 417 -15.70 14.43 3.87
N ILE B 418 -14.85 15.25 4.50
CA ILE B 418 -15.03 16.73 4.63
C ILE B 418 -14.48 17.40 3.36
N LYS B 419 -15.33 18.14 2.65
CA LYS B 419 -14.94 18.98 1.48
C LYS B 419 -14.67 20.41 1.97
N THR B 420 -15.73 21.17 2.27
CA THR B 420 -15.67 22.57 2.76
C THR B 420 -16.15 22.60 4.21
N ALA B 421 -15.29 23.06 5.13
CA ALA B 421 -15.56 23.11 6.59
C ALA B 421 -15.79 24.57 7.03
N LEU B 422 -16.76 24.78 7.92
CA LEU B 422 -17.02 26.08 8.60
C LEU B 422 -16.53 25.99 10.05
N LYS B 423 -16.12 27.13 10.61
CA LYS B 423 -15.62 27.25 12.01
C LYS B 423 -16.20 28.52 12.64
N LEU B 424 -17.20 28.37 13.50
CA LEU B 424 -17.94 29.49 14.13
C LEU B 424 -17.32 29.80 15.49
N SER B 425 -17.09 31.09 15.78
CA SER B 425 -16.59 31.60 17.08
C SER B 425 -17.42 32.81 17.51
N SER B 426 -17.60 32.98 18.82
CA SER B 426 -18.39 34.07 19.47
C SER B 426 -17.69 34.48 20.77
N GLY B 427 -17.77 35.77 21.09
CA GLY B 427 -17.18 36.32 22.33
C GLY B 427 -17.99 37.51 22.82
N PHE B 428 -17.48 38.20 23.84
CA PHE B 428 -18.12 39.41 24.42
C PHE B 428 -17.97 40.59 23.46
N SER B 429 -18.81 41.61 23.65
CA SER B 429 -18.98 42.83 22.80
C SER B 429 -19.69 42.44 21.50
N GLY B 430 -20.49 41.37 21.56
CA GLY B 430 -21.28 40.88 20.42
C GLY B 430 -20.44 40.59 19.19
N ILE B 431 -19.29 39.95 19.39
CA ILE B 431 -18.38 39.66 18.26
C ILE B 431 -18.60 38.24 17.71
N HIS B 432 -18.96 38.17 16.42
CA HIS B 432 -19.02 36.88 15.70
C HIS B 432 -17.86 36.81 14.69
N SER B 433 -17.20 35.66 14.59
CA SER B 433 -16.05 35.42 13.68
C SER B 433 -16.16 34.02 13.07
N VAL B 434 -16.00 33.93 11.74
CA VAL B 434 -16.10 32.67 10.94
C VAL B 434 -14.88 32.58 10.02
N ILE B 435 -14.25 31.40 9.94
CA ILE B 435 -13.22 31.06 8.91
C ILE B 435 -13.73 29.84 8.12
N VAL B 436 -13.47 29.83 6.81
CA VAL B 436 -13.83 28.70 5.90
C VAL B 436 -12.55 27.93 5.58
N MET B 437 -12.46 26.68 6.05
CA MET B 437 -11.33 25.76 5.75
C MET B 437 -11.77 24.76 4.68
N ARG B 438 -10.81 24.22 3.93
CA ARG B 438 -11.02 23.43 2.70
C ARG B 438 -9.92 22.38 2.57
N ALA B 439 -10.25 21.19 2.04
CA ALA B 439 -9.31 20.09 1.75
C ALA B 439 -8.58 20.40 0.44
N VAL B 440 -7.29 20.01 0.36
CA VAL B 440 -6.42 20.21 -0.84
C VAL B 440 -6.25 18.86 -1.53
N ARG C 2 -7.62 47.79 -4.52
CA ARG C 2 -7.21 48.83 -3.52
C ARG C 2 -8.15 50.04 -3.60
N LYS C 3 -8.52 50.59 -2.44
CA LYS C 3 -9.38 51.80 -2.30
C LYS C 3 -8.60 52.87 -1.53
N ARG C 4 -8.74 54.14 -1.94
CA ARG C 4 -8.09 55.30 -1.28
C ARG C 4 -8.84 55.62 0.02
N VAL C 5 -8.12 55.76 1.12
CA VAL C 5 -8.66 56.03 2.49
C VAL C 5 -8.32 57.47 2.88
N VAL C 6 -9.28 58.20 3.44
CA VAL C 6 -9.14 59.64 3.83
C VAL C 6 -9.70 59.85 5.24
N VAL C 7 -9.11 60.79 5.99
CA VAL C 7 -9.54 61.22 7.35
C VAL C 7 -10.54 62.36 7.17
N THR C 8 -11.76 62.21 7.70
CA THR C 8 -12.88 63.19 7.57
C THR C 8 -13.18 63.86 8.91
N GLY C 9 -12.88 63.20 10.04
CA GLY C 9 -13.12 63.74 11.40
C GLY C 9 -12.12 63.21 12.41
N VAL C 10 -11.78 64.01 13.42
CA VAL C 10 -10.83 63.65 14.50
C VAL C 10 -11.37 64.18 15.84
N GLY C 11 -11.18 63.40 16.91
CA GLY C 11 -11.52 63.77 18.29
C GLY C 11 -10.53 63.17 19.27
N ALA C 12 -10.09 63.95 20.26
CA ALA C 12 -9.13 63.50 21.29
C ALA C 12 -9.38 64.28 22.59
N ILE C 13 -9.01 63.71 23.74
CA ILE C 13 -9.09 64.43 25.05
C ILE C 13 -7.75 64.20 25.75
N HIS C 14 -7.22 65.20 26.44
CA HIS C 14 -5.89 65.04 27.06
C HIS C 14 -5.76 66.00 28.24
N PRO C 15 -4.78 65.85 29.15
CA PRO C 15 -4.56 66.78 30.23
C PRO C 15 -4.36 68.20 29.69
N ASP C 16 -3.69 68.32 28.55
CA ASP C 16 -3.51 69.61 27.86
C ASP C 16 -4.82 70.09 27.23
N GLY C 17 -5.75 69.23 26.84
CA GLY C 17 -7.00 69.77 26.29
C GLY C 17 -8.14 68.78 26.24
N ASN C 18 -9.38 69.27 26.28
CA ASN C 18 -10.53 68.34 26.21
C ASN C 18 -11.09 68.29 24.80
N ASP C 19 -10.44 68.95 23.87
CA ASP C 19 -10.81 68.92 22.42
C ASP C 19 -9.55 69.08 21.57
N VAL C 20 -9.66 68.81 20.27
CA VAL C 20 -8.51 68.75 19.30
C VAL C 20 -7.89 70.15 19.17
N THR C 21 -8.69 71.21 19.15
CA THR C 21 -8.24 72.61 18.97
C THR C 21 -7.48 73.10 20.21
N ALA C 22 -7.92 72.70 21.41
CA ALA C 22 -7.31 73.06 22.71
C ALA C 22 -5.94 72.38 22.84
N ILE C 23 -5.82 71.12 22.41
CA ILE C 23 -4.56 70.32 22.48
C ILE C 23 -3.55 70.90 21.47
N LYS C 24 -3.98 71.13 20.23
CA LYS C 24 -3.12 71.59 19.10
C LYS C 24 -2.51 72.97 19.42
N SER C 25 -3.31 73.87 20.01
CA SER C 25 -2.90 75.25 20.39
C SER C 25 -1.84 75.21 21.49
N LYS C 26 -1.92 74.22 22.39
CA LYS C 26 -1.01 74.08 23.57
C LYS C 26 0.35 73.54 23.12
N VAL C 27 0.37 72.49 22.29
CA VAL C 27 1.62 71.79 21.85
C VAL C 27 2.45 72.73 20.97
N ILE C 28 1.80 73.54 20.13
CA ILE C 28 2.47 74.56 19.26
C ILE C 28 3.14 75.61 20.16
N GLN C 29 2.45 76.05 21.22
CA GLN C 29 2.95 77.04 22.20
C GLN C 29 4.19 76.48 22.91
N LYS C 30 4.17 75.20 23.28
CA LYS C 30 5.27 74.51 24.00
C LYS C 30 6.40 74.16 23.02
N LEU C 31 6.09 73.97 21.73
CA LEU C 31 7.08 73.68 20.67
C LEU C 31 7.94 74.94 20.42
N LEU C 32 7.30 76.12 20.38
CA LEU C 32 7.96 77.43 20.20
C LEU C 32 8.78 77.77 21.45
N SER C 43 9.92 58.61 39.80
CA SER C 43 10.01 60.08 39.66
C SER C 43 8.92 60.61 38.71
N SER C 44 8.67 59.90 37.60
CA SER C 44 7.59 60.20 36.62
C SER C 44 6.22 60.17 37.31
N ILE C 45 5.27 60.98 36.83
CA ILE C 45 3.89 61.11 37.39
C ILE C 45 2.86 60.79 36.31
N ILE C 46 1.66 60.39 36.73
CA ILE C 46 0.47 60.16 35.85
C ILE C 46 -0.36 61.45 35.83
N ARG C 47 -0.42 62.11 34.67
CA ARG C 47 -1.19 63.37 34.47
C ARG C 47 -2.66 63.02 34.18
N THR C 48 -3.56 63.46 35.06
CA THR C 48 -5.04 63.26 34.95
C THR C 48 -5.61 64.34 34.02
N LEU C 49 -6.87 64.17 33.60
CA LEU C 49 -7.64 65.18 32.81
C LEU C 49 -8.09 66.30 33.75
N SER C 50 -8.14 67.54 33.25
CA SER C 50 -8.59 68.75 33.99
C SER C 50 -9.95 69.21 33.44
N ASP C 51 -10.90 69.48 34.35
CA ASP C 51 -12.25 70.02 34.04
C ASP C 51 -12.97 69.07 33.07
N PHE C 52 -12.93 67.75 33.36
CA PHE C 52 -13.60 66.70 32.55
C PHE C 52 -14.60 65.93 33.42
N ASP C 53 -15.79 65.69 32.88
CA ASP C 53 -16.84 64.81 33.48
C ASP C 53 -17.70 64.23 32.35
N GLY C 54 -17.99 62.93 32.41
CA GLY C 54 -18.74 62.18 31.38
C GLY C 54 -20.19 61.96 31.78
N ALA C 55 -20.84 63.01 32.31
CA ALA C 55 -22.26 63.02 32.72
C ALA C 55 -23.13 63.46 31.54
N LYS C 56 -22.67 64.48 30.79
CA LYS C 56 -23.40 65.08 29.64
C LYS C 56 -23.40 64.09 28.46
N TYR C 57 -22.27 63.43 28.22
CA TYR C 57 -22.05 62.51 27.06
C TYR C 57 -22.76 61.17 27.29
N ILE C 58 -22.42 60.50 28.40
CA ILE C 58 -22.88 59.11 28.72
C ILE C 58 -23.93 59.17 29.85
N ASN C 59 -25.02 58.40 29.69
CA ASN C 59 -26.12 58.27 30.69
C ASN C 59 -25.63 57.46 31.90
N ASN C 60 -26.28 57.61 33.05
CA ASN C 60 -25.82 57.06 34.35
C ASN C 60 -25.94 55.53 34.37
N ARG C 61 -26.91 54.94 33.67
CA ARG C 61 -27.11 53.47 33.60
C ARG C 61 -25.87 52.82 33.00
N LEU C 62 -25.43 53.30 31.84
CA LEU C 62 -24.27 52.76 31.07
C LEU C 62 -22.95 53.10 31.78
N ARG C 63 -22.82 54.32 32.31
CA ARG C 63 -21.56 54.83 32.94
C ARG C 63 -21.24 53.99 34.19
N ARG C 64 -22.29 53.55 34.90
CA ARG C 64 -22.19 52.72 36.14
C ARG C 64 -21.37 51.45 35.88
N LYS C 65 -21.50 50.86 34.70
CA LYS C 65 -21.07 49.46 34.39
C LYS C 65 -19.87 49.43 33.44
N ILE C 66 -19.21 50.58 33.18
CA ILE C 66 -18.00 50.66 32.29
C ILE C 66 -16.86 51.36 33.02
N ASP C 67 -15.62 51.00 32.67
CA ASP C 67 -14.37 51.61 33.21
C ASP C 67 -14.12 52.95 32.50
N GLU C 68 -13.24 53.78 33.05
CA GLU C 68 -12.96 55.16 32.58
C GLU C 68 -12.30 55.14 31.18
N PHE C 69 -11.59 54.08 30.81
CA PHE C 69 -10.91 53.95 29.49
C PHE C 69 -11.97 53.85 28.39
N SER C 70 -13.09 53.19 28.67
CA SER C 70 -14.27 53.09 27.77
C SER C 70 -14.99 54.44 27.72
N VAL C 71 -15.04 55.17 28.84
CA VAL C 71 -15.66 56.52 28.96
C VAL C 71 -14.87 57.49 28.05
N TYR C 72 -13.54 57.49 28.16
CA TYR C 72 -12.62 58.34 27.37
C TYR C 72 -12.77 58.03 25.88
N GLY C 73 -12.99 56.75 25.54
CA GLY C 73 -13.14 56.27 24.15
C GLY C 73 -14.39 56.82 23.49
N ILE C 74 -15.52 56.78 24.19
CA ILE C 74 -16.88 57.14 23.67
C ILE C 74 -16.93 58.66 23.41
N VAL C 75 -16.39 59.47 24.32
CA VAL C 75 -16.39 60.97 24.21
C VAL C 75 -15.49 61.38 23.04
N ALA C 76 -14.38 60.65 22.81
CA ALA C 76 -13.43 60.89 21.70
C ALA C 76 -14.10 60.57 20.36
N VAL C 77 -14.82 59.46 20.28
CA VAL C 77 -15.55 58.98 19.07
C VAL C 77 -16.67 59.98 18.72
N GLU C 78 -17.40 60.46 19.73
CA GLU C 78 -18.55 61.39 19.56
C GLU C 78 -18.04 62.71 18.97
N MET C 79 -16.92 63.24 19.48
CA MET C 79 -16.28 64.49 18.98
C MET C 79 -15.83 64.31 17.52
N ALA C 80 -15.26 63.14 17.20
CA ALA C 80 -14.73 62.79 15.87
C ALA C 80 -15.87 62.69 14.84
N LEU C 81 -16.98 62.05 15.21
CA LEU C 81 -18.17 61.86 14.34
C LEU C 81 -18.86 63.21 14.10
N LYS C 82 -18.84 64.11 15.08
CA LYS C 82 -19.48 65.46 15.00
C LYS C 82 -18.69 66.33 14.02
N ALA C 83 -17.35 66.21 14.03
CA ALA C 83 -16.42 66.96 13.15
C ALA C 83 -16.56 66.47 11.70
N SER C 84 -16.80 65.16 11.52
CA SER C 84 -16.94 64.50 10.18
C SER C 84 -18.27 64.90 9.53
N ARG C 85 -19.28 65.24 10.33
CA ARG C 85 -20.64 65.67 9.90
C ARG C 85 -21.35 64.50 9.21
N LEU C 86 -21.12 63.27 9.66
CA LEU C 86 -21.78 62.04 9.14
C LEU C 86 -23.21 61.97 9.67
N ASP C 87 -24.18 61.72 8.78
CA ASP C 87 -25.58 61.42 9.13
C ASP C 87 -25.63 59.97 9.62
N VAL C 88 -25.33 59.75 10.91
CA VAL C 88 -25.05 58.42 11.53
C VAL C 88 -26.30 57.52 11.41
N ASP C 89 -27.51 58.09 11.46
CA ASP C 89 -28.80 57.36 11.39
C ASP C 89 -28.97 56.74 10.01
N LYS C 90 -28.67 57.50 8.95
CA LYS C 90 -28.89 57.11 7.53
C LYS C 90 -27.80 56.12 7.07
N LEU C 91 -26.61 56.15 7.70
CA LEU C 91 -25.48 55.23 7.39
C LEU C 91 -25.92 53.77 7.62
N ASP C 92 -25.52 52.87 6.71
CA ASP C 92 -25.78 51.41 6.79
C ASP C 92 -24.89 50.81 7.88
N PRO C 93 -25.47 50.20 8.94
CA PRO C 93 -24.67 49.70 10.06
C PRO C 93 -23.69 48.57 9.69
N ASN C 94 -23.97 47.82 8.62
CA ASN C 94 -23.17 46.66 8.15
C ASN C 94 -21.87 47.14 7.47
N ARG C 95 -21.76 48.43 7.13
CA ARG C 95 -20.62 49.02 6.39
C ARG C 95 -19.85 50.01 7.28
N VAL C 96 -19.94 49.87 8.60
CA VAL C 96 -19.19 50.72 9.59
C VAL C 96 -18.60 49.82 10.67
N GLY C 97 -17.28 49.91 10.89
CA GLY C 97 -16.54 49.12 11.91
C GLY C 97 -15.88 50.03 12.94
N ILE C 98 -15.34 49.42 14.00
CA ILE C 98 -14.67 50.14 15.13
C ILE C 98 -13.34 49.42 15.44
N TYR C 99 -12.21 50.11 15.25
CA TYR C 99 -10.85 49.60 15.55
C TYR C 99 -10.28 50.34 16.76
N VAL C 100 -9.89 49.59 17.80
CA VAL C 100 -9.42 50.17 19.09
C VAL C 100 -8.05 49.62 19.47
N GLY C 101 -7.25 50.45 20.15
CA GLY C 101 -5.95 50.11 20.75
C GLY C 101 -5.97 50.37 22.23
N ASN C 102 -5.75 49.33 23.05
CA ASN C 102 -5.76 49.43 24.54
C ASN C 102 -4.89 48.31 25.12
N CYS C 103 -3.96 48.66 26.02
CA CYS C 103 -2.91 47.75 26.56
C CYS C 103 -3.24 47.34 28.01
N PHE C 104 -3.56 48.29 28.89
CA PHE C 104 -3.65 48.11 30.36
C PHE C 104 -5.06 47.71 30.81
N GLY C 105 -6.06 47.83 29.94
CA GLY C 105 -7.45 47.44 30.24
C GLY C 105 -8.14 48.47 31.12
N GLY C 106 -9.00 48.01 32.04
CA GLY C 106 -9.80 48.87 32.94
C GLY C 106 -9.78 48.37 34.37
N TRP C 107 -8.69 48.67 35.11
CA TRP C 107 -8.47 48.20 36.50
C TRP C 107 -9.26 49.04 37.50
N GLN C 108 -9.54 50.31 37.18
CA GLN C 108 -10.23 51.28 38.07
C GLN C 108 -11.59 50.71 38.52
N HIS C 109 -12.29 49.99 37.64
CA HIS C 109 -13.67 49.50 37.85
C HIS C 109 -13.70 48.20 38.68
N ILE C 110 -12.60 47.44 38.71
CA ILE C 110 -12.58 46.05 39.25
C ILE C 110 -11.59 45.88 40.41
N GLU C 111 -10.67 46.83 40.63
CA GLU C 111 -9.56 46.70 41.63
C GLU C 111 -10.10 46.24 42.98
N ASP C 112 -11.03 46.99 43.56
CA ASP C 112 -11.60 46.75 44.92
C ASP C 112 -12.29 45.38 44.94
N GLU C 113 -12.89 44.97 43.81
CA GLU C 113 -13.65 43.70 43.66
C GLU C 113 -12.67 42.51 43.64
N VAL C 114 -11.48 42.67 43.04
CA VAL C 114 -10.45 41.60 42.96
C VAL C 114 -9.86 41.37 44.36
N LYS C 115 -9.68 42.44 45.15
CA LYS C 115 -9.13 42.39 46.52
C LYS C 115 -10.16 41.78 47.48
N ALA C 116 -11.44 42.16 47.34
CA ALA C 116 -12.56 41.75 48.21
C ALA C 116 -12.91 40.27 48.01
N LEU C 117 -12.59 39.71 46.83
CA LEU C 117 -12.84 38.30 46.46
C LEU C 117 -12.03 37.36 47.38
N HIS C 118 -10.83 37.78 47.80
CA HIS C 118 -9.86 36.97 48.58
C HIS C 118 -10.08 37.13 50.09
N ILE C 119 -11.01 38.00 50.51
CA ILE C 119 -11.38 38.24 51.94
C ILE C 119 -12.81 37.73 52.16
N GLU C 120 -13.78 38.28 51.43
CA GLU C 120 -15.23 37.99 51.58
C GLU C 120 -15.58 36.70 50.83
N GLY C 121 -15.20 36.60 49.56
CA GLY C 121 -15.56 35.50 48.64
C GLY C 121 -16.26 36.04 47.40
N ILE C 122 -17.20 35.28 46.84
CA ILE C 122 -17.96 35.64 45.61
C ILE C 122 -18.77 36.93 45.84
N LYS C 123 -19.27 37.13 47.06
CA LYS C 123 -20.04 38.34 47.47
C LYS C 123 -19.21 39.61 47.18
N GLY C 124 -17.88 39.49 47.23
CA GLY C 124 -16.91 40.58 47.04
C GLY C 124 -17.02 41.24 45.67
N MET C 125 -17.05 40.46 44.59
CA MET C 125 -17.04 40.99 43.20
C MET C 125 -18.38 40.74 42.51
N GLY C 126 -18.89 41.75 41.80
CA GLY C 126 -20.17 41.75 41.09
C GLY C 126 -20.05 41.23 39.66
N PRO C 127 -21.11 41.33 38.84
CA PRO C 127 -21.14 40.70 37.52
C PRO C 127 -20.57 41.51 36.34
N TYR C 128 -20.13 42.75 36.57
CA TYR C 128 -19.64 43.67 35.52
C TYR C 128 -18.10 43.65 35.44
N VAL C 129 -17.44 42.79 36.23
CA VAL C 129 -15.97 42.58 36.19
C VAL C 129 -15.60 41.91 34.86
N ALA C 130 -16.50 41.09 34.33
CA ALA C 130 -16.36 40.33 33.08
C ALA C 130 -16.36 41.23 31.84
N THR C 131 -17.06 42.35 31.87
CA THR C 131 -17.08 43.21 30.67
C THR C 131 -16.32 44.52 30.86
N ALA C 132 -16.19 45.01 32.09
CA ALA C 132 -15.53 46.31 32.31
C ALA C 132 -14.02 46.30 32.08
N TRP C 133 -13.32 45.28 32.55
CA TRP C 133 -11.84 45.25 32.49
C TRP C 133 -11.24 45.01 31.10
N PHE C 134 -11.79 44.08 30.33
CA PHE C 134 -11.09 43.69 29.08
C PHE C 134 -10.95 44.84 28.09
N PRO C 135 -9.85 44.88 27.31
CA PRO C 135 -9.60 45.93 26.34
C PRO C 135 -10.64 46.03 25.22
N ALA C 136 -11.31 44.94 24.87
CA ALA C 136 -12.32 44.87 23.78
C ALA C 136 -13.70 45.36 24.21
N ALA C 137 -13.76 45.90 25.42
CA ALA C 137 -14.97 46.46 26.02
C ALA C 137 -15.39 47.68 25.22
N LEU C 138 -14.42 48.50 24.82
CA LEU C 138 -14.69 49.78 24.13
C LEU C 138 -15.38 49.54 22.80
N GLN C 139 -14.90 48.58 22.03
CA GLN C 139 -15.48 48.31 20.70
C GLN C 139 -16.93 47.86 20.85
N GLY C 140 -17.23 47.01 21.83
CA GLY C 140 -18.58 46.51 22.09
C GLY C 140 -19.50 47.58 22.59
N GLN C 141 -18.99 48.44 23.48
CA GLN C 141 -19.78 49.55 24.05
C GLN C 141 -20.16 50.52 22.95
N LEU C 142 -19.26 50.78 22.01
CA LEU C 142 -19.50 51.70 20.87
C LEU C 142 -20.55 51.12 19.92
N SER C 143 -20.47 49.82 19.70
CA SER C 143 -21.32 49.06 18.74
C SER C 143 -22.77 49.01 19.25
N LEU C 144 -23.00 49.08 20.56
CA LEU C 144 -24.37 49.11 21.15
C LEU C 144 -24.98 50.51 20.97
N LEU C 145 -24.20 51.57 21.20
CA LEU C 145 -24.67 52.99 21.17
C LEU C 145 -25.01 53.40 19.73
N TYR C 146 -24.11 53.15 18.77
CA TYR C 146 -24.20 53.61 17.37
C TYR C 146 -24.79 52.52 16.46
N GLY C 147 -24.64 51.25 16.82
CA GLY C 147 -25.21 50.11 16.09
C GLY C 147 -24.33 49.62 14.97
N PHE C 148 -23.04 50.01 14.96
CA PHE C 148 -22.05 49.65 13.92
C PHE C 148 -21.76 48.14 13.99
N SER C 149 -21.87 47.45 12.84
CA SER C 149 -21.97 45.97 12.74
C SER C 149 -20.85 45.36 11.90
N ALA C 150 -19.99 46.16 11.25
CA ALA C 150 -18.90 45.68 10.37
C ALA C 150 -17.71 45.21 11.21
N GLN C 151 -16.74 44.53 10.55
CA GLN C 151 -15.49 44.00 11.16
C GLN C 151 -14.94 45.02 12.17
N SER C 152 -14.76 44.60 13.43
CA SER C 152 -14.32 45.46 14.56
C SER C 152 -13.31 44.68 15.43
N LYS C 153 -12.10 45.21 15.57
CA LYS C 153 -11.04 44.51 16.34
C LYS C 153 -10.37 45.43 17.36
N THR C 154 -9.76 44.83 18.37
CA THR C 154 -9.01 45.54 19.44
C THR C 154 -7.61 44.93 19.49
N PHE C 155 -6.59 45.78 19.59
CA PHE C 155 -5.18 45.35 19.67
C PHE C 155 -4.66 45.75 21.05
N SER C 156 -3.86 44.88 21.66
CA SER C 156 -3.27 45.18 22.99
C SER C 156 -1.75 45.06 22.90
N THR C 157 -1.21 45.11 21.68
CA THR C 157 0.26 45.04 21.45
C THR C 157 0.92 46.23 22.15
N SER C 158 1.84 45.95 23.09
CA SER C 158 2.50 46.98 23.95
C SER C 158 2.97 48.16 23.08
N ASP C 159 2.52 49.37 23.43
CA ASP C 159 2.97 50.68 22.89
C ASP C 159 2.33 50.96 21.53
N VAL C 160 2.35 50.01 20.59
CA VAL C 160 1.95 50.21 19.16
C VAL C 160 0.57 49.60 18.89
N ALA C 161 -0.30 49.50 19.90
CA ALA C 161 -1.67 48.93 19.79
C ALA C 161 -2.53 49.82 18.89
N GLY C 162 -2.60 51.12 19.23
CA GLY C 162 -3.40 52.12 18.49
C GLY C 162 -2.83 52.42 17.11
N MET C 163 -1.51 52.30 16.96
CA MET C 163 -0.79 52.56 15.68
C MET C 163 -1.20 51.48 14.66
N GLN C 164 -1.35 50.24 15.12
CA GLN C 164 -1.83 49.08 14.29
C GLN C 164 -3.32 49.25 14.01
N ALA C 165 -4.10 49.73 14.98
CA ALA C 165 -5.57 49.90 14.91
C ALA C 165 -5.95 50.77 13.70
N ILE C 166 -5.25 51.90 13.50
CA ILE C 166 -5.50 52.85 12.38
C ILE C 166 -5.10 52.19 11.05
N GLY C 167 -3.94 51.52 11.03
CA GLY C 167 -3.35 50.91 9.83
C GLY C 167 -4.22 49.81 9.24
N TYR C 168 -4.75 48.91 10.08
CA TYR C 168 -5.53 47.73 9.67
C TYR C 168 -7.00 48.11 9.46
N ALA C 169 -7.44 49.25 10.01
CA ALA C 169 -8.76 49.86 9.74
C ALA C 169 -8.77 50.41 8.32
N ALA C 170 -7.65 51.00 7.88
CA ALA C 170 -7.43 51.52 6.52
C ALA C 170 -7.39 50.36 5.52
N GLU C 171 -6.73 49.25 5.88
CA GLU C 171 -6.62 48.02 5.05
C GLU C 171 -8.01 47.41 4.84
N ALA C 172 -8.87 47.45 5.86
CA ALA C 172 -10.27 46.96 5.82
C ALA C 172 -11.07 47.78 4.80
N ILE C 173 -10.85 49.10 4.76
CA ILE C 173 -11.47 50.03 3.77
C ILE C 173 -10.86 49.78 2.40
N SER C 174 -9.54 49.55 2.33
CA SER C 174 -8.78 49.28 1.09
C SER C 174 -9.33 48.02 0.39
N ASN C 175 -9.54 46.94 1.15
CA ASN C 175 -10.00 45.62 0.64
C ASN C 175 -11.53 45.62 0.45
N GLY C 176 -12.22 46.63 0.99
CA GLY C 176 -13.66 46.86 0.77
C GLY C 176 -14.52 46.09 1.77
N VAL C 177 -14.09 46.00 3.03
CA VAL C 177 -14.80 45.31 4.14
C VAL C 177 -15.87 46.28 4.70
N ALA C 178 -15.53 47.56 4.80
CA ALA C 178 -16.43 48.63 5.30
C ALA C 178 -16.09 49.97 4.60
N GLU C 179 -17.05 50.89 4.56
CA GLU C 179 -16.91 52.24 3.93
C GLU C 179 -16.37 53.24 4.97
N VAL C 180 -16.82 53.13 6.23
CA VAL C 180 -16.42 54.01 7.36
C VAL C 180 -15.77 53.16 8.45
N MET C 181 -14.81 53.73 9.19
CA MET C 181 -14.10 53.07 10.31
C MET C 181 -13.80 54.10 11.42
N LEU C 182 -14.25 53.81 12.65
CA LEU C 182 -13.90 54.57 13.87
C LEU C 182 -12.66 53.93 14.50
N CYS C 183 -11.46 54.30 14.00
CA CYS C 183 -10.15 53.79 14.47
C CYS C 183 -9.55 54.77 15.48
N GLY C 184 -8.85 54.25 16.49
CA GLY C 184 -8.20 55.06 17.54
C GLY C 184 -7.74 54.22 18.71
N ALA C 185 -7.56 54.85 19.88
CA ALA C 185 -7.03 54.23 21.12
C ALA C 185 -7.52 55.01 22.34
N SER C 186 -7.40 54.40 23.52
CA SER C 186 -7.76 54.99 24.84
C SER C 186 -7.00 54.28 25.96
N GLU C 187 -6.71 55.01 27.03
CA GLU C 187 -5.99 54.45 28.21
C GLU C 187 -6.40 55.20 29.48
N HIS C 188 -6.54 54.46 30.58
CA HIS C 188 -6.75 54.97 31.96
C HIS C 188 -5.66 54.40 32.87
N LEU C 189 -4.77 55.27 33.38
CA LEU C 189 -3.54 54.87 34.12
C LEU C 189 -3.60 55.37 35.58
N SER C 190 -4.74 55.93 36.01
CA SER C 190 -4.90 56.61 37.32
C SER C 190 -5.34 55.64 38.42
N SER C 191 -5.64 54.38 38.07
CA SER C 191 -6.04 53.32 39.04
C SER C 191 -4.83 52.89 39.87
N PRO C 192 -4.97 52.78 41.21
CA PRO C 192 -3.84 52.54 42.11
C PRO C 192 -2.81 51.47 41.68
N LEU C 193 -3.26 50.37 41.07
CA LEU C 193 -2.39 49.22 40.69
C LEU C 193 -1.40 49.64 39.60
N VAL C 194 -1.90 50.17 38.48
CA VAL C 194 -1.08 50.60 37.31
C VAL C 194 -0.38 51.93 37.61
N LYS C 195 -0.97 52.76 38.48
CA LYS C 195 -0.39 54.08 38.87
C LYS C 195 0.94 53.85 39.60
N ASN C 196 0.94 53.02 40.64
CA ASN C 196 2.13 52.67 41.46
C ASN C 196 3.15 51.90 40.60
N LEU C 197 2.68 51.12 39.63
CA LEU C 197 3.52 50.30 38.72
C LEU C 197 4.36 51.23 37.82
N LEU C 198 3.70 52.17 37.12
CA LEU C 198 4.34 53.08 36.14
C LEU C 198 5.26 54.09 36.84
N GLU C 199 4.92 54.48 38.07
CA GLU C 199 5.68 55.50 38.86
C GLU C 199 7.04 54.93 39.30
N LYS C 200 7.16 53.60 39.41
CA LYS C 200 8.39 52.93 39.92
C LYS C 200 9.16 52.26 38.77
N THR C 201 8.58 51.19 38.20
CA THR C 201 9.31 50.20 37.34
C THR C 201 9.64 50.79 35.96
N SER C 202 8.71 51.52 35.34
CA SER C 202 8.78 51.98 33.93
C SER C 202 9.99 52.90 33.69
N SER C 203 10.38 53.68 34.71
CA SER C 203 11.48 54.69 34.64
C SER C 203 12.82 54.00 34.38
N GLN C 204 13.14 52.96 35.16
CA GLN C 204 14.47 52.28 35.17
C GLN C 204 14.61 51.32 33.98
N LYS C 205 13.50 50.74 33.50
CA LYS C 205 13.49 49.68 32.45
C LYS C 205 13.98 50.27 31.12
N HIS C 206 14.99 49.62 30.53
CA HIS C 206 15.57 49.95 29.18
C HIS C 206 15.08 48.92 28.16
N SER C 207 15.05 49.29 26.88
CA SER C 207 14.73 48.40 25.73
C SER C 207 16.01 47.71 25.26
N GLU C 208 15.97 46.36 25.17
CA GLU C 208 17.13 45.52 24.75
C GLU C 208 17.47 45.80 23.28
N VAL C 209 16.48 46.21 22.48
CA VAL C 209 16.63 46.50 21.02
C VAL C 209 17.09 47.96 20.83
N PHE C 210 16.37 48.92 21.43
CA PHE C 210 16.50 50.37 21.14
C PHE C 210 17.53 51.01 22.09
N GLY C 211 17.38 50.82 23.41
CA GLY C 211 18.33 51.32 24.43
C GLY C 211 17.62 52.01 25.59
N GLU C 212 18.26 53.04 26.15
CA GLU C 212 17.80 53.74 27.38
C GLU C 212 16.64 54.69 27.04
N LYS C 213 15.76 54.94 28.02
CA LYS C 213 14.58 55.84 27.90
C LYS C 213 14.98 57.28 28.24
N GLN C 214 14.30 58.26 27.63
CA GLN C 214 14.41 59.69 27.98
C GLN C 214 13.59 59.95 29.24
N PRO C 215 13.94 60.95 30.08
CA PRO C 215 13.08 61.37 31.18
C PRO C 215 11.75 61.92 30.66
N GLY C 216 10.62 61.40 31.17
CA GLY C 216 9.27 61.79 30.74
C GLY C 216 8.20 61.32 31.70
N ASP C 217 7.06 62.02 31.73
CA ASP C 217 5.86 61.69 32.54
C ASP C 217 4.95 60.76 31.72
N PHE C 218 3.78 60.41 32.27
CA PHE C 218 2.70 59.66 31.57
C PHE C 218 1.41 60.50 31.60
N SER C 219 0.55 60.30 30.61
CA SER C 219 -0.75 61.01 30.53
C SER C 219 -1.82 60.04 30.04
N GLU C 220 -3.01 60.11 30.62
CA GLU C 220 -4.13 59.24 30.18
C GLU C 220 -5.03 60.04 29.24
N GLY C 221 -6.01 59.37 28.66
CA GLY C 221 -6.98 60.01 27.74
C GLY C 221 -7.33 59.10 26.57
N ALA C 222 -7.70 59.69 25.43
CA ALA C 222 -8.13 58.98 24.22
C ALA C 222 -7.94 59.86 22.98
N ALA C 223 -7.80 59.23 21.81
CA ALA C 223 -7.67 59.86 20.48
C ALA C 223 -8.27 58.93 19.43
N PHE C 224 -9.18 59.44 18.59
CA PHE C 224 -9.89 58.67 17.54
C PHE C 224 -9.95 59.48 16.24
N LEU C 225 -9.93 58.77 15.11
CA LEU C 225 -10.07 59.32 13.73
C LEU C 225 -11.26 58.64 13.04
N VAL C 226 -11.97 59.38 12.20
CA VAL C 226 -13.03 58.84 11.29
C VAL C 226 -12.40 58.62 9.91
N LEU C 227 -11.81 57.44 9.70
CA LEU C 227 -11.33 56.97 8.37
C LEU C 227 -12.53 56.50 7.56
N GLU C 228 -12.59 56.88 6.27
CA GLU C 228 -13.63 56.39 5.32
C GLU C 228 -13.10 56.42 3.89
N GLU C 229 -13.73 55.64 3.01
CA GLU C 229 -13.37 55.47 1.58
C GLU C 229 -13.53 56.82 0.86
N ARG C 230 -12.61 57.13 -0.06
CA ARG C 230 -12.45 58.47 -0.70
C ARG C 230 -13.71 58.83 -1.48
N GLN C 231 -14.24 57.91 -2.29
CA GLN C 231 -15.44 58.13 -3.15
C GLN C 231 -16.66 58.34 -2.26
N HIS C 232 -16.77 57.62 -1.14
CA HIS C 232 -17.86 57.74 -0.14
C HIS C 232 -17.83 59.13 0.51
N ALA C 233 -16.63 59.67 0.75
CA ALA C 233 -16.41 61.01 1.36
C ALA C 233 -16.80 62.11 0.37
N LEU C 234 -16.38 61.97 -0.90
CA LEU C 234 -16.70 62.93 -2.00
C LEU C 234 -18.20 62.91 -2.30
N GLU C 235 -18.85 61.74 -2.14
CA GLU C 235 -20.30 61.52 -2.40
C GLU C 235 -21.12 62.49 -1.54
N ARG C 236 -20.88 62.50 -0.22
CA ARG C 236 -21.68 63.26 0.78
C ARG C 236 -21.14 64.70 0.92
N GLY C 237 -20.06 65.04 0.21
CA GLY C 237 -19.46 66.39 0.21
C GLY C 237 -18.82 66.73 1.54
N ALA C 238 -17.93 65.84 2.01
CA ALA C 238 -17.28 65.91 3.34
C ALA C 238 -16.06 66.83 3.30
N SER C 239 -15.76 67.49 4.42
CA SER C 239 -14.53 68.29 4.64
C SER C 239 -13.36 67.33 4.94
N ILE C 240 -12.65 66.89 3.90
CA ILE C 240 -11.54 65.90 3.98
C ILE C 240 -10.31 66.62 4.59
N LEU C 241 -9.85 66.15 5.76
CA LEU C 241 -8.67 66.71 6.48
C LEU C 241 -7.40 66.35 5.70
N CYS C 242 -7.19 65.06 5.44
CA CYS C 242 -5.98 64.50 4.77
C CYS C 242 -6.28 63.09 4.23
N GLU C 243 -5.33 62.51 3.49
CA GLU C 243 -5.39 61.14 2.92
C GLU C 243 -4.34 60.27 3.61
N LEU C 244 -4.73 59.08 4.08
CA LEU C 244 -3.79 58.05 4.61
C LEU C 244 -3.18 57.31 3.41
N THR C 245 -1.90 57.55 3.15
CA THR C 245 -1.18 57.12 1.92
C THR C 245 -0.42 55.81 2.14
N GLY C 246 0.07 55.57 3.36
CA GLY C 246 0.91 54.39 3.67
C GLY C 246 0.82 53.97 5.13
N PHE C 247 1.06 52.68 5.40
CA PHE C 247 1.13 52.06 6.74
C PHE C 247 2.28 51.05 6.79
N VAL C 248 3.06 51.09 7.87
CA VAL C 248 4.24 50.21 8.11
C VAL C 248 4.06 49.51 9.46
N ASP C 249 4.25 48.19 9.48
CA ASP C 249 4.11 47.33 10.70
C ASP C 249 5.12 46.18 10.62
N TYR C 250 6.28 46.35 11.25
CA TYR C 250 7.39 45.36 11.28
C TYR C 250 7.91 45.18 12.71
N PHE C 251 8.83 44.24 12.90
CA PHE C 251 9.45 43.88 14.20
C PHE C 251 10.97 43.75 14.01
N ALA C 252 11.72 43.96 15.08
CA ALA C 252 13.21 43.87 15.14
C ALA C 252 13.61 43.04 16.36
N PRO C 253 13.93 41.74 16.19
CA PRO C 253 14.36 40.90 17.33
C PRO C 253 15.71 41.31 17.94
N ASP C 254 16.59 41.94 17.15
CA ASP C 254 17.96 42.35 17.59
C ASP C 254 18.31 43.72 16.99
N LYS C 255 19.47 44.27 17.36
CA LYS C 255 19.95 45.62 16.97
C LYS C 255 20.32 45.66 15.48
N ASN C 256 20.72 44.52 14.90
CA ASN C 256 21.18 44.42 13.48
C ASN C 256 19.98 44.68 12.55
N THR C 257 18.86 43.99 12.76
CA THR C 257 17.63 44.09 11.94
C THR C 257 16.93 45.44 12.20
N ARG C 258 17.11 46.01 13.40
CA ARG C 258 16.50 47.30 13.84
C ARG C 258 16.77 48.39 12.79
N ASN C 259 18.04 48.59 12.42
CA ASN C 259 18.48 49.67 11.49
C ASN C 259 17.95 49.38 10.08
N ASN C 260 17.86 48.10 9.69
CA ASN C 260 17.33 47.65 8.37
C ASN C 260 15.82 47.94 8.29
N THR C 261 15.10 47.82 9.42
CA THR C 261 13.63 48.00 9.51
C THR C 261 13.25 49.47 9.32
N LEU C 262 14.12 50.40 9.77
CA LEU C 262 13.89 51.87 9.71
C LEU C 262 13.86 52.34 8.24
N GLU C 263 14.49 51.59 7.32
CA GLU C 263 14.55 51.92 5.87
C GLU C 263 13.16 51.75 5.23
N TYR C 264 12.28 50.94 5.83
CA TYR C 264 10.87 50.75 5.38
C TYR C 264 10.03 51.98 5.74
N THR C 265 10.40 52.70 6.80
CA THR C 265 9.78 54.00 7.20
C THR C 265 10.20 55.08 6.19
N ALA C 266 11.41 54.99 5.66
CA ALA C 266 12.00 55.95 4.68
C ALA C 266 11.28 55.80 3.32
N GLU C 267 10.73 54.62 3.03
CA GLU C 267 10.00 54.32 1.76
C GLU C 267 8.66 55.09 1.74
N LEU C 268 8.09 55.40 2.91
CA LEU C 268 6.79 56.13 3.03
C LEU C 268 6.90 57.54 2.42
N PHE C 269 8.08 58.15 2.47
CA PHE C 269 8.35 59.55 2.06
C PHE C 269 8.14 59.72 0.54
N ASN C 270 8.46 58.69 -0.26
CA ASN C 270 8.43 58.73 -1.75
C ASN C 270 9.39 59.83 -2.24
N HIS C 271 10.54 59.97 -1.55
CA HIS C 271 11.62 60.95 -1.85
C HIS C 271 11.07 62.39 -1.80
N ASN C 272 10.08 62.65 -0.94
CA ASN C 272 9.46 64.00 -0.77
C ASN C 272 10.31 64.83 0.20
N GLU C 273 10.67 66.05 -0.20
CA GLU C 273 11.54 66.97 0.59
C GLU C 273 10.69 67.90 1.46
N ASN C 274 9.42 68.13 1.10
CA ASN C 274 8.46 69.00 1.84
C ASN C 274 7.67 68.15 2.84
N ALA C 275 8.36 67.38 3.69
CA ALA C 275 7.76 66.42 4.65
C ALA C 275 8.27 66.71 6.08
N VAL C 276 7.43 66.45 7.07
CA VAL C 276 7.74 66.60 8.53
C VAL C 276 7.66 65.21 9.17
N PHE C 277 8.73 64.78 9.85
CA PHE C 277 8.84 63.46 10.52
C PHE C 277 8.56 63.63 12.03
N ILE C 278 7.43 63.13 12.50
CA ILE C 278 7.07 63.03 13.94
C ILE C 278 7.66 61.71 14.47
N MET C 279 8.48 61.79 15.53
CA MET C 279 9.27 60.64 16.06
C MET C 279 8.59 60.09 17.32
N ASP C 280 8.99 58.88 17.72
CA ASP C 280 8.49 58.14 18.92
C ASP C 280 8.78 58.99 20.17
N GLY C 281 10.04 59.36 20.37
CA GLY C 281 10.49 60.30 21.42
C GLY C 281 10.56 59.67 22.81
N ILE C 282 10.58 58.34 22.88
CA ILE C 282 10.70 57.57 24.16
C ILE C 282 12.19 57.36 24.47
N TYR C 283 12.94 56.84 23.50
CA TYR C 283 14.33 56.35 23.66
C TYR C 283 15.33 57.37 23.08
N ASP C 284 16.56 57.36 23.61
CA ASP C 284 17.61 58.37 23.35
C ASP C 284 18.19 58.17 21.94
N ASP C 285 18.42 56.92 21.53
CA ASP C 285 19.24 56.57 20.33
C ASP C 285 18.42 56.73 19.03
N GLU C 286 17.11 56.97 19.12
CA GLU C 286 16.18 57.06 17.96
C GLU C 286 16.73 58.01 16.89
N LYS C 287 17.07 59.25 17.28
CA LYS C 287 17.45 60.34 16.34
C LYS C 287 18.70 59.93 15.54
N GLU C 288 19.62 59.18 16.15
CA GLU C 288 20.89 58.73 15.50
C GLU C 288 20.56 57.67 14.43
N ILE C 289 19.86 56.60 14.81
CA ILE C 289 19.63 55.39 13.95
C ILE C 289 18.64 55.72 12.82
N THR C 290 17.63 56.54 13.07
CA THR C 290 16.56 56.88 12.09
C THR C 290 17.13 57.85 11.03
N SER C 291 17.93 58.83 11.45
CA SER C 291 18.59 59.83 10.57
C SER C 291 19.59 59.15 9.64
N LYS C 292 20.27 58.10 10.13
CA LYS C 292 21.27 57.31 9.36
C LYS C 292 20.56 56.50 8.28
N ALA C 293 19.37 55.98 8.59
CA ALA C 293 18.50 55.21 7.65
C ALA C 293 18.02 56.14 6.53
N PHE C 294 17.71 57.41 6.85
CA PHE C 294 17.28 58.45 5.88
C PHE C 294 18.47 58.88 5.01
N SER C 295 19.67 58.96 5.61
CA SER C 295 20.94 59.32 4.93
C SER C 295 21.25 58.30 3.83
N ASN C 296 20.99 57.01 4.08
CA ASN C 296 21.22 55.89 3.14
C ASN C 296 20.26 56.01 1.95
N LYS C 297 19.01 56.40 2.19
CA LYS C 297 17.91 56.46 1.17
C LYS C 297 17.82 57.88 0.57
N GLU C 298 18.73 58.78 0.93
CA GLU C 298 18.79 60.18 0.42
C GLU C 298 17.46 60.88 0.71
N ILE C 299 17.03 60.86 1.98
CA ILE C 299 15.80 61.57 2.47
C ILE C 299 16.26 62.74 3.35
N LYS C 300 15.70 63.93 3.10
CA LYS C 300 15.99 65.18 3.86
C LYS C 300 14.65 65.76 4.34
N THR C 301 14.42 65.72 5.66
CA THR C 301 13.14 66.09 6.32
C THR C 301 13.42 66.80 7.64
N SER C 302 12.40 67.41 8.24
CA SER C 302 12.45 68.11 9.55
C SER C 302 12.00 67.15 10.66
N PHE C 303 12.74 67.11 11.77
CA PHE C 303 12.45 66.28 12.97
C PHE C 303 11.72 67.13 14.02
N ILE C 304 10.52 66.70 14.40
CA ILE C 304 9.68 67.35 15.46
C ILE C 304 9.26 66.27 16.46
N ASN C 305 9.69 66.40 17.73
CA ASN C 305 9.38 65.48 18.84
C ASN C 305 8.26 66.10 19.69
N LEU C 306 7.12 65.40 19.80
CA LEU C 306 5.93 65.86 20.59
C LEU C 306 5.84 65.10 21.92
N ARG C 307 6.76 64.17 22.18
CA ARG C 307 6.67 63.24 23.34
C ARG C 307 6.94 63.96 24.66
N PRO C 308 7.87 64.94 24.73
CA PRO C 308 8.07 65.71 25.96
C PRO C 308 6.82 66.48 26.41
N TYR C 309 5.99 66.91 25.45
CA TYR C 309 4.79 67.76 25.68
C TYR C 309 3.56 66.88 25.91
N LEU C 310 3.44 65.80 25.13
CA LEU C 310 2.27 64.88 25.18
C LEU C 310 2.46 63.73 26.18
N ASP C 311 3.70 63.32 26.47
CA ASP C 311 4.06 62.24 27.44
C ASP C 311 3.84 60.84 26.85
N ASN C 312 4.12 59.81 27.65
CA ASN C 312 3.90 58.43 27.16
C ASN C 312 2.46 58.05 27.46
N GLN C 313 1.67 57.77 26.43
CA GLN C 313 0.25 57.38 26.62
C GLN C 313 0.03 55.94 26.16
N PHE C 314 1.12 55.22 25.87
CA PHE C 314 1.03 53.83 25.35
C PHE C 314 0.27 53.81 24.04
N SER C 315 -0.86 53.10 23.99
CA SER C 315 -1.66 52.95 22.74
C SER C 315 -2.13 54.29 22.18
N VAL C 316 -2.46 55.24 23.04
CA VAL C 316 -2.90 56.60 22.57
C VAL C 316 -1.73 57.29 21.87
N SER C 317 -0.50 57.10 22.36
CA SER C 317 0.70 57.70 21.71
C SER C 317 0.80 57.19 20.27
N GLY C 318 1.08 58.10 19.34
CA GLY C 318 1.10 57.74 17.92
C GLY C 318 -0.24 58.00 17.25
N VAL C 319 -1.34 57.70 17.96
CA VAL C 319 -2.74 57.95 17.50
C VAL C 319 -3.05 59.45 17.66
N ILE C 320 -2.74 60.01 18.83
CA ILE C 320 -2.99 61.46 19.11
C ILE C 320 -2.11 62.29 18.17
N ASP C 321 -0.93 61.77 17.83
CA ASP C 321 0.00 62.40 16.85
C ASP C 321 -0.68 62.47 15.48
N SER C 322 -1.33 61.38 15.06
CA SER C 322 -2.09 61.25 13.78
C SER C 322 -3.31 62.17 13.79
N VAL C 323 -3.92 62.38 14.96
CA VAL C 323 -5.07 63.32 15.16
C VAL C 323 -4.58 64.75 14.91
N LEU C 324 -3.45 65.13 15.51
CA LEU C 324 -2.80 66.46 15.34
C LEU C 324 -2.35 66.64 13.88
N ALA C 325 -1.68 65.63 13.32
CA ALA C 325 -1.10 65.64 11.95
C ALA C 325 -2.22 65.87 10.92
N SER C 326 -3.40 65.27 11.15
CA SER C 326 -4.62 65.43 10.29
C SER C 326 -5.12 66.87 10.34
N SER C 327 -5.09 67.49 11.53
CA SER C 327 -5.51 68.90 11.76
C SER C 327 -4.55 69.88 11.08
N PHE C 328 -3.24 69.59 11.15
CA PHE C 328 -2.16 70.41 10.53
C PHE C 328 -2.32 70.44 9.00
N LEU C 329 -2.58 69.27 8.39
CA LEU C 329 -2.63 69.08 6.92
C LEU C 329 -3.97 69.61 6.35
N SER C 330 -4.96 69.87 7.20
CA SER C 330 -6.32 70.35 6.81
C SER C 330 -6.34 71.88 6.74
N GLU C 331 -5.33 72.49 6.10
CA GLU C 331 -5.16 73.96 5.94
C GLU C 331 -5.27 74.65 7.31
N SER C 332 -4.59 74.10 8.32
CA SER C 332 -4.57 74.61 9.72
C SER C 332 -3.41 73.98 10.49
N PHE C 346 7.96 73.79 9.90
CA PHE C 346 6.54 73.45 9.61
C PHE C 346 6.08 74.17 8.34
N SER C 347 6.10 75.50 8.35
CA SER C 347 5.68 76.41 7.24
C SER C 347 4.59 75.77 6.38
N ASN C 348 4.97 75.16 5.25
CA ASN C 348 4.04 74.56 4.24
C ASN C 348 4.47 73.11 3.96
N THR C 349 3.83 72.16 4.64
CA THR C 349 4.06 70.69 4.51
C THR C 349 2.85 70.05 3.80
N ASN C 350 3.10 69.06 2.93
CA ASN C 350 2.05 68.35 2.15
C ASN C 350 2.01 66.86 2.53
N GLN C 351 2.89 66.42 3.44
CA GLN C 351 2.94 65.02 3.96
C GLN C 351 3.56 65.01 5.35
N ILE C 352 2.88 64.39 6.33
CA ILE C 352 3.40 64.13 7.70
C ILE C 352 3.46 62.62 7.92
N ILE C 353 4.64 62.10 8.28
CA ILE C 353 4.90 60.66 8.57
C ILE C 353 5.23 60.53 10.06
N ILE C 354 4.46 59.72 10.78
CA ILE C 354 4.58 59.49 12.26
C ILE C 354 5.16 58.09 12.47
N GLN C 355 6.14 57.96 13.37
CA GLN C 355 6.79 56.67 13.74
C GLN C 355 6.59 56.40 15.23
N ARG C 356 6.34 55.15 15.59
CA ARG C 356 6.32 54.64 16.98
C ARG C 356 6.95 53.24 17.01
N PHE C 357 7.51 52.83 18.15
CA PHE C 357 8.03 51.46 18.37
C PHE C 357 7.98 51.11 19.86
N SER C 358 7.96 49.82 20.15
CA SER C 358 7.72 49.22 21.49
C SER C 358 9.07 48.89 22.16
N ASN C 359 9.01 48.43 23.42
CA ASN C 359 10.18 48.00 24.22
C ASN C 359 10.72 46.68 23.67
N GLN C 360 9.82 45.76 23.28
CA GLN C 360 10.16 44.39 22.80
C GLN C 360 10.81 44.45 21.41
N GLY C 361 10.49 45.50 20.63
CA GLY C 361 11.22 45.85 19.39
C GLY C 361 10.34 45.89 18.15
N HIS C 362 9.13 46.45 18.25
CA HIS C 362 8.22 46.73 17.09
C HIS C 362 8.79 47.90 16.28
N VAL C 363 8.32 48.06 15.04
CA VAL C 363 8.55 49.27 14.18
C VAL C 363 7.26 49.54 13.40
N CYS C 364 6.50 50.55 13.83
CA CYS C 364 5.21 50.96 13.23
C CYS C 364 5.29 52.42 12.78
N ALA C 365 4.70 52.75 11.64
CA ALA C 365 4.67 54.12 11.07
C ALA C 365 3.44 54.30 10.17
N LEU C 366 2.85 55.50 10.21
CA LEU C 366 1.68 55.92 9.38
C LEU C 366 2.08 57.13 8.53
N SER C 367 1.54 57.22 7.32
CA SER C 367 1.79 58.32 6.35
C SER C 367 0.47 59.04 6.03
N PHE C 368 0.42 60.35 6.28
CA PHE C 368 -0.75 61.23 5.97
C PHE C 368 -0.30 62.32 4.99
N SER C 369 -1.10 62.56 3.94
CA SER C 369 -0.81 63.50 2.83
C SER C 369 -1.96 64.51 2.68
N ALA C 370 -1.64 65.74 2.29
CA ALA C 370 -2.57 66.90 2.20
C ALA C 370 -3.54 66.71 1.02
N ILE C 371 -4.65 67.45 1.05
CA ILE C 371 -5.73 67.45 0.02
C ILE C 371 -6.41 66.08 0.04
N GLN D 25 -12.05 -16.58 3.17
CA GLN D 25 -11.61 -15.66 2.08
C GLN D 25 -10.50 -14.74 2.60
N PRO D 26 -9.55 -14.32 1.74
CA PRO D 26 -8.42 -13.49 2.17
C PRO D 26 -8.82 -12.04 2.49
N ARG D 27 -8.21 -11.45 3.52
CA ARG D 27 -8.45 -10.05 3.97
C ARG D 27 -7.30 -9.16 3.48
N ARG D 28 -7.53 -7.84 3.44
CA ARG D 28 -6.52 -6.81 3.11
C ARG D 28 -5.86 -6.31 4.40
N VAL D 29 -4.53 -6.20 4.40
CA VAL D 29 -3.71 -5.74 5.56
C VAL D 29 -3.40 -4.26 5.36
N VAL D 30 -3.55 -3.45 6.43
CA VAL D 30 -3.30 -1.97 6.41
C VAL D 30 -2.44 -1.60 7.62
N VAL D 31 -1.62 -0.55 7.48
CA VAL D 31 -0.73 0.01 8.54
C VAL D 31 -1.46 1.17 9.22
N THR D 32 -1.70 1.07 10.54
CA THR D 32 -2.45 2.07 11.35
C THR D 32 -1.51 2.83 12.30
N GLY D 33 -0.37 2.24 12.67
CA GLY D 33 0.59 2.82 13.64
C GLY D 33 2.02 2.71 13.17
N LEU D 34 2.84 3.72 13.47
CA LEU D 34 4.30 3.76 13.17
C LEU D 34 5.06 4.20 14.42
N GLY D 35 6.14 3.47 14.75
CA GLY D 35 7.12 3.84 15.80
C GLY D 35 8.53 3.56 15.31
N VAL D 36 9.44 4.51 15.49
CA VAL D 36 10.84 4.43 14.94
C VAL D 36 11.83 5.01 15.95
N VAL D 37 12.91 4.27 16.22
CA VAL D 37 14.15 4.75 16.91
C VAL D 37 15.29 4.63 15.90
N ALA D 38 15.79 5.76 15.37
CA ALA D 38 16.80 5.81 14.29
C ALA D 38 17.83 6.90 14.59
N PRO D 39 19.03 6.84 13.95
CA PRO D 39 20.01 7.92 14.06
C PRO D 39 19.52 9.26 13.48
N THR D 40 18.63 9.21 12.48
CA THR D 40 18.02 10.39 11.83
C THR D 40 17.01 11.06 12.77
N GLY D 41 16.38 10.29 13.68
CA GLY D 41 15.44 10.83 14.67
C GLY D 41 14.78 9.75 15.52
N VAL D 42 14.47 10.08 16.77
CA VAL D 42 13.63 9.27 17.71
C VAL D 42 12.19 9.80 17.63
N GLY D 43 11.24 8.95 17.23
CA GLY D 43 9.83 9.32 17.05
C GLY D 43 9.54 9.75 15.62
N VAL D 44 8.27 9.67 15.20
CA VAL D 44 7.81 9.87 13.79
C VAL D 44 8.09 11.32 13.36
N ASN D 45 7.84 12.30 14.24
CA ASN D 45 7.92 13.75 13.93
C ASN D 45 9.38 14.13 13.60
N GLU D 46 10.31 13.79 14.50
CA GLU D 46 11.76 14.10 14.35
C GLU D 46 12.34 13.31 13.16
N PHE D 47 11.96 12.03 13.05
CA PHE D 47 12.44 11.08 12.01
C PHE D 47 12.15 11.65 10.61
N TRP D 48 10.88 12.01 10.35
CA TRP D 48 10.40 12.47 9.01
C TRP D 48 11.13 13.75 8.59
N ASN D 49 11.19 14.74 9.50
CA ASN D 49 11.75 16.10 9.23
C ASN D 49 13.19 15.99 8.72
N ASN D 50 14.00 15.13 9.36
CA ASN D 50 15.46 14.99 9.08
C ASN D 50 15.66 14.28 7.73
N ILE D 51 14.84 13.27 7.42
CA ILE D 51 14.96 12.49 6.13
C ILE D 51 14.35 13.31 4.99
N HIS D 52 13.36 14.16 5.28
CA HIS D 52 12.73 15.09 4.30
C HIS D 52 13.78 16.06 3.77
N ASN D 53 14.52 16.71 4.67
CA ASN D 53 15.50 17.79 4.36
C ASN D 53 16.81 17.17 3.87
N GLY D 54 17.00 15.86 4.07
CA GLY D 54 18.19 15.11 3.62
C GLY D 54 19.36 15.27 4.58
N LYS D 55 19.08 15.24 5.88
CA LYS D 55 20.10 15.38 6.96
C LYS D 55 20.61 13.99 7.35
N SER D 56 21.94 13.83 7.44
CA SER D 56 22.62 12.57 7.82
C SER D 56 22.53 12.37 9.33
N GLY D 57 22.25 11.13 9.76
CA GLY D 57 22.27 10.70 11.17
C GLY D 57 23.57 10.01 11.53
N VAL D 58 24.52 9.95 10.59
CA VAL D 58 25.85 9.27 10.75
C VAL D 58 26.75 10.19 11.59
N SER D 59 27.45 9.60 12.58
CA SER D 59 28.41 10.29 13.47
C SER D 59 29.81 9.69 13.29
N LYS D 60 30.84 10.52 13.43
CA LYS D 60 32.27 10.09 13.46
C LYS D 60 32.57 9.51 14.84
N TYR D 61 33.21 8.33 14.88
CA TYR D 61 33.59 7.63 16.14
C TYR D 61 35.10 7.32 16.10
N GLU D 62 35.72 7.30 17.28
CA GLU D 62 37.20 7.26 17.46
C GLU D 62 37.64 5.93 18.07
N TRP D 63 36.84 5.34 18.97
CA TRP D 63 37.23 4.17 19.81
C TRP D 63 37.57 2.95 18.93
N GLY D 64 36.93 2.82 17.76
CA GLY D 64 37.20 1.73 16.80
C GLY D 64 38.63 1.72 16.33
N ARG D 65 39.15 2.88 15.91
CA ARG D 65 40.51 3.06 15.35
C ARG D 65 41.55 2.95 16.48
N GLU D 66 41.28 3.56 17.63
CA GLU D 66 42.25 3.73 18.75
C GLU D 66 42.47 2.39 19.46
N ARG D 67 41.40 1.72 19.89
CA ARG D 67 41.45 0.50 20.74
C ARG D 67 41.73 -0.73 19.87
N PHE D 68 40.84 -1.00 18.89
CA PHE D 68 40.77 -2.27 18.13
C PHE D 68 41.54 -2.19 16.81
N GLY D 69 41.76 -0.98 16.30
CA GLY D 69 42.49 -0.75 15.02
C GLY D 69 41.60 -0.96 13.82
N PHE D 70 40.35 -0.46 13.88
CA PHE D 70 39.36 -0.49 12.78
C PHE D 70 39.62 0.69 11.83
N LYS D 71 39.60 0.42 10.52
CA LYS D 71 39.76 1.44 9.45
C LYS D 71 38.48 2.30 9.36
N SER D 72 37.33 1.74 9.75
CA SER D 72 36.02 2.43 9.78
C SER D 72 36.04 3.56 10.82
N GLY D 73 35.51 4.72 10.47
CA GLY D 73 35.40 5.91 11.36
C GLY D 73 34.05 6.59 11.25
N ALA D 74 33.00 5.84 10.89
CA ALA D 74 31.61 6.32 10.73
C ALA D 74 30.64 5.26 11.25
N ILE D 75 29.65 5.69 12.07
CA ILE D 75 28.56 4.82 12.60
C ILE D 75 27.25 5.60 12.61
N GLY D 76 26.12 4.89 12.48
CA GLY D 76 24.76 5.44 12.67
C GLY D 76 24.27 5.19 14.08
N GLN D 77 24.72 6.00 15.04
CA GLN D 77 24.37 5.91 16.48
C GLN D 77 23.16 6.81 16.74
N VAL D 78 22.27 6.41 17.65
CA VAL D 78 21.03 7.15 18.04
C VAL D 78 21.42 8.24 19.04
N TYR D 79 22.03 7.84 20.17
CA TYR D 79 22.44 8.71 21.29
C TYR D 79 23.97 8.84 21.31
N PHE D 88 38.03 2.95 25.82
CA PHE D 88 36.77 2.22 25.54
C PHE D 88 36.41 1.33 26.74
N VAL D 89 35.11 1.23 27.04
CA VAL D 89 34.55 0.40 28.14
C VAL D 89 33.40 -0.46 27.57
N LEU D 90 33.44 -1.78 27.83
CA LEU D 90 32.34 -2.72 27.51
C LEU D 90 31.18 -2.47 28.47
N LYS D 91 29.96 -2.26 27.93
CA LYS D 91 28.74 -1.92 28.71
C LYS D 91 27.57 -2.76 28.22
N SER D 92 26.88 -3.44 29.15
CA SER D 92 25.66 -4.24 28.90
C SER D 92 24.43 -3.34 29.05
N GLU D 93 24.25 -2.41 28.10
CA GLU D 93 23.15 -1.40 28.08
C GLU D 93 21.83 -2.06 27.65
N ARG D 94 21.91 -3.10 26.81
CA ARG D 94 20.76 -3.88 26.28
C ARG D 94 19.85 -2.93 25.48
N LYS D 95 20.40 -2.32 24.44
CA LYS D 95 19.71 -1.33 23.57
C LYS D 95 18.74 -2.05 22.63
N TYR D 96 19.07 -3.28 22.21
CA TYR D 96 18.24 -4.11 21.30
C TYR D 96 16.84 -4.28 21.88
N LEU D 97 16.74 -4.58 23.18
CA LEU D 97 15.45 -4.73 23.91
C LEU D 97 14.80 -3.35 24.09
N GLN D 98 15.59 -2.35 24.49
CA GLN D 98 15.10 -0.99 24.87
C GLN D 98 14.51 -0.28 23.65
N PHE D 99 15.19 -0.33 22.50
CA PHE D 99 14.75 0.30 21.23
C PHE D 99 13.37 -0.26 20.82
N ALA D 100 13.17 -1.58 20.98
CA ALA D 100 11.93 -2.30 20.64
C ALA D 100 10.78 -1.83 21.54
N LEU D 101 11.04 -1.67 22.85
CA LEU D 101 10.03 -1.22 23.85
C LEU D 101 9.65 0.24 23.56
N ASP D 102 10.63 1.09 23.26
CA ASP D 102 10.42 2.54 22.95
C ASP D 102 9.60 2.66 21.65
N ALA D 103 10.00 1.93 20.60
CA ALA D 103 9.37 1.92 19.27
C ALA D 103 7.94 1.40 19.36
N ALA D 104 7.72 0.29 20.08
CA ALA D 104 6.41 -0.36 20.26
C ALA D 104 5.44 0.57 20.99
N GLU D 105 5.94 1.37 21.95
CA GLU D 105 5.12 2.31 22.76
C GLU D 105 4.53 3.39 21.85
N MET D 106 5.37 4.09 21.08
CA MET D 106 4.96 5.24 20.23
C MET D 106 4.35 4.74 18.91
N ALA D 107 4.36 3.42 18.66
CA ALA D 107 3.65 2.76 17.53
C ALA D 107 2.19 2.49 17.94
N MET D 108 1.99 1.93 19.13
CA MET D 108 0.65 1.59 19.69
C MET D 108 -0.13 2.88 19.98
N GLN D 109 0.56 3.91 20.49
CA GLN D 109 -0.04 5.25 20.78
C GLN D 109 -0.44 5.94 19.47
N ASP D 110 0.33 5.75 18.40
CA ASP D 110 0.08 6.33 17.05
C ASP D 110 -1.17 5.65 16.45
N ALA D 111 -1.30 4.33 16.63
CA ALA D 111 -2.44 3.51 16.15
C ALA D 111 -3.70 3.81 16.97
N ASN D 112 -3.55 4.32 18.20
CA ASN D 112 -4.64 4.66 19.14
C ASN D 112 -5.33 3.37 19.61
N LEU D 113 -4.53 2.33 19.88
CA LEU D 113 -5.02 1.01 20.36
C LEU D 113 -5.01 0.98 21.89
N ARG D 114 -6.20 1.08 22.50
CA ARG D 114 -6.41 0.91 23.96
C ARG D 114 -6.67 -0.55 24.27
N PRO D 115 -6.48 -1.01 25.53
CA PRO D 115 -6.86 -2.37 25.93
C PRO D 115 -8.28 -2.79 25.54
N SER D 116 -9.24 -1.85 25.56
CA SER D 116 -10.66 -2.07 25.16
C SER D 116 -10.75 -2.52 23.70
N ASP D 117 -9.94 -1.92 22.81
CA ASP D 117 -9.97 -2.15 21.35
C ASP D 117 -9.28 -3.48 21.00
N ILE D 118 -8.28 -3.88 21.80
CA ILE D 118 -7.45 -5.10 21.56
C ILE D 118 -8.19 -6.33 22.08
N ASP D 119 -8.45 -7.31 21.18
CA ASP D 119 -8.86 -8.69 21.55
C ASP D 119 -7.58 -9.51 21.74
N GLY D 120 -7.35 -10.02 22.95
CA GLY D 120 -6.10 -10.69 23.37
C GLY D 120 -5.68 -11.80 22.42
N ARG D 121 -6.60 -12.73 22.13
CA ARG D 121 -6.31 -13.98 21.37
C ARG D 121 -6.24 -13.70 19.87
N ARG D 122 -6.50 -12.47 19.43
CA ARG D 122 -6.46 -12.05 17.99
C ARG D 122 -5.33 -11.03 17.77
N PHE D 123 -4.45 -10.83 18.76
CA PHE D 123 -3.33 -9.85 18.73
C PHE D 123 -2.00 -10.58 18.92
N GLY D 124 -1.09 -10.46 17.94
CA GLY D 124 0.21 -11.15 17.93
C GLY D 124 1.37 -10.20 17.66
N VAL D 125 2.60 -10.63 17.99
CA VAL D 125 3.86 -9.86 17.81
C VAL D 125 4.75 -10.62 16.82
N ALA D 126 5.56 -9.89 16.05
CA ALA D 126 6.57 -10.44 15.11
C ALA D 126 7.71 -9.42 14.94
N ILE D 127 8.61 -9.36 15.92
CA ILE D 127 9.82 -8.48 15.89
C ILE D 127 11.03 -9.34 15.53
N ALA D 128 11.70 -9.00 14.44
CA ALA D 128 12.90 -9.71 13.92
C ALA D 128 14.17 -9.06 14.46
N THR D 129 15.31 -9.74 14.27
CA THR D 129 16.67 -9.24 14.59
C THR D 129 17.68 -10.13 13.86
N ALA D 130 18.93 -9.68 13.80
CA ALA D 130 20.01 -10.44 13.16
C ALA D 130 20.94 -11.00 14.26
N ILE D 131 21.22 -10.20 15.29
CA ILE D 131 22.20 -10.62 16.34
C ILE D 131 21.60 -10.53 17.74
N ALA D 132 20.34 -10.13 17.87
CA ALA D 132 19.66 -9.94 19.17
C ALA D 132 20.55 -9.08 20.08
N ASP D 133 20.86 -9.55 21.30
CA ASP D 133 21.73 -8.84 22.28
C ASP D 133 23.13 -9.48 22.25
N ALA D 134 23.77 -9.50 21.08
CA ALA D 134 25.15 -10.01 20.87
C ALA D 134 26.16 -9.16 21.64
N ALA D 135 25.87 -7.87 21.81
CA ALA D 135 26.65 -6.91 22.62
C ALA D 135 26.67 -7.38 24.08
N GLY D 136 25.52 -7.85 24.59
CA GLY D 136 25.36 -8.40 25.95
C GLY D 136 26.08 -9.73 26.12
N MET D 137 26.06 -10.57 25.08
CA MET D 137 26.74 -11.90 25.04
C MET D 137 28.26 -11.68 25.08
N GLU D 138 28.77 -10.74 24.28
CA GLU D 138 30.21 -10.38 24.20
C GLU D 138 30.67 -9.83 25.55
N GLU D 139 29.89 -8.92 26.15
CA GLU D 139 30.18 -8.30 27.47
C GLU D 139 30.31 -9.41 28.52
N CYS D 140 29.42 -10.41 28.48
CA CYS D 140 29.41 -11.59 29.39
C CYS D 140 30.68 -12.43 29.19
N LEU D 141 31.04 -12.70 27.93
CA LEU D 141 32.20 -13.56 27.56
C LEU D 141 33.51 -12.93 28.03
N LEU D 142 33.68 -11.61 27.83
CA LEU D 142 34.91 -10.87 28.17
C LEU D 142 35.03 -10.68 29.69
N ARG D 143 33.91 -10.66 30.42
CA ARG D 143 33.89 -10.44 31.89
C ARG D 143 34.35 -11.71 32.62
N ILE D 144 33.80 -12.88 32.22
CA ILE D 144 34.06 -14.19 32.88
C ILE D 144 35.47 -14.69 32.53
N THR D 145 36.08 -14.17 31.45
CA THR D 145 37.43 -14.56 30.97
C THR D 145 38.48 -13.52 31.43
N LYS D 146 38.08 -12.56 32.27
CA LYS D 146 38.96 -11.50 32.83
C LYS D 146 39.64 -10.74 31.68
N GLY D 147 38.84 -10.14 30.80
CA GLY D 147 39.31 -9.32 29.67
C GLY D 147 39.83 -10.17 28.50
N GLY D 148 39.41 -11.43 28.42
CA GLY D 148 39.70 -12.34 27.29
C GLY D 148 41.02 -13.08 27.43
N LYS D 149 41.83 -12.75 28.44
CA LYS D 149 43.19 -13.32 28.64
C LYS D 149 43.08 -14.74 29.23
N GLU D 150 42.42 -14.86 30.40
CA GLU D 150 42.28 -16.13 31.15
C GLU D 150 41.13 -16.96 30.56
N ASN D 151 40.95 -18.19 31.07
CA ASN D 151 39.84 -19.10 30.71
C ASN D 151 38.57 -18.68 31.47
N ILE D 152 37.43 -19.28 31.13
CA ILE D 152 36.09 -18.93 31.69
C ILE D 152 36.03 -19.35 33.18
N HIS D 153 35.73 -18.38 34.05
CA HIS D 153 35.40 -18.58 35.49
C HIS D 153 33.89 -18.78 35.63
N PRO D 154 33.42 -19.98 36.05
CA PRO D 154 31.97 -20.22 36.19
C PRO D 154 31.28 -19.31 37.22
N ASP D 155 31.98 -18.96 38.32
CA ASP D 155 31.44 -18.22 39.48
C ASP D 155 31.07 -16.78 39.07
N LEU D 156 31.71 -16.22 38.04
CA LEU D 156 31.48 -14.83 37.56
C LEU D 156 30.19 -14.74 36.72
N ILE D 157 29.66 -15.87 36.24
CA ILE D 157 28.41 -15.91 35.43
C ILE D 157 27.23 -15.53 36.32
N LYS D 158 26.62 -14.36 36.07
CA LYS D 158 25.45 -13.84 36.81
C LYS D 158 24.18 -14.53 36.31
N SER D 159 23.08 -14.40 37.06
CA SER D 159 21.73 -14.90 36.70
C SER D 159 21.15 -14.10 35.53
N GLU D 160 21.53 -12.81 35.43
CA GLU D 160 21.05 -11.86 34.39
C GLU D 160 21.67 -12.21 33.03
N ASP D 161 22.86 -12.82 33.02
CA ASP D 161 23.68 -13.08 31.80
C ASP D 161 22.92 -13.99 30.82
N TYR D 162 22.07 -14.89 31.31
CA TYR D 162 21.31 -15.87 30.50
C TYR D 162 20.33 -15.15 29.56
N ASP D 163 19.78 -14.02 30.00
CA ASP D 163 18.74 -13.24 29.26
C ASP D 163 19.33 -12.63 27.99
N SER D 164 20.65 -12.36 27.97
CA SER D 164 21.39 -11.82 26.79
C SER D 164 21.30 -12.81 25.61
N PHE D 165 21.32 -14.12 25.91
CA PHE D 165 21.33 -15.21 24.90
C PHE D 165 19.90 -15.49 24.39
N ASP D 166 18.89 -14.85 24.97
CA ASP D 166 17.49 -14.89 24.49
C ASP D 166 17.39 -14.05 23.21
N PHE D 167 17.14 -14.70 22.07
CA PHE D 167 17.03 -14.05 20.73
C PHE D 167 15.68 -13.33 20.61
N SER D 168 14.63 -13.87 21.25
CA SER D 168 13.25 -13.32 21.23
C SER D 168 12.96 -12.57 22.54
N SER D 169 13.86 -11.66 22.93
CA SER D 169 13.74 -10.80 24.14
C SER D 169 12.63 -9.76 23.90
N ALA D 170 12.75 -8.99 22.81
CA ALA D 170 11.89 -7.84 22.47
C ALA D 170 10.48 -8.30 22.13
N ALA D 171 10.33 -9.42 21.41
CA ALA D 171 9.05 -9.97 20.92
C ALA D 171 8.16 -10.35 22.12
N THR D 172 8.72 -11.10 23.08
CA THR D 172 8.01 -11.61 24.29
C THR D 172 7.72 -10.47 25.27
N SER D 173 8.63 -9.49 25.37
CA SER D 173 8.54 -8.34 26.32
C SER D 173 7.34 -7.45 25.97
N VAL D 174 7.18 -7.09 24.70
CA VAL D 174 6.06 -6.21 24.20
C VAL D 174 4.76 -7.04 24.17
N ALA D 175 4.87 -8.35 23.95
CA ALA D 175 3.72 -9.30 23.97
C ALA D 175 3.13 -9.34 25.38
N LYS D 176 3.98 -9.37 26.41
CA LYS D 176 3.58 -9.35 27.85
C LYS D 176 3.05 -7.96 28.20
N LYS D 177 3.64 -6.91 27.62
CA LYS D 177 3.33 -5.47 27.91
C LYS D 177 1.90 -5.15 27.47
N TYR D 178 1.54 -5.49 26.23
CA TYR D 178 0.25 -5.07 25.57
C TYR D 178 -0.71 -6.26 25.43
N GLY D 179 -0.40 -7.39 26.06
CA GLY D 179 -1.29 -8.56 26.19
C GLY D 179 -1.57 -9.25 24.87
N ALA D 180 -0.55 -9.41 24.02
CA ALA D 180 -0.62 -10.16 22.75
C ALA D 180 -0.57 -11.66 23.05
N SER D 181 -1.67 -12.38 22.77
CA SER D 181 -1.85 -13.82 23.10
C SER D 181 -1.81 -14.70 21.85
N MET D 182 -1.77 -14.10 20.65
CA MET D 182 -1.65 -14.83 19.35
C MET D 182 -0.16 -15.10 19.09
N SER D 183 0.20 -15.45 17.86
CA SER D 183 1.58 -15.83 17.44
C SER D 183 2.60 -14.76 17.86
N VAL D 184 3.64 -15.18 18.58
CA VAL D 184 4.84 -14.34 18.95
C VAL D 184 6.09 -15.04 18.41
N SER D 185 6.66 -14.52 17.32
CA SER D 185 7.79 -15.14 16.59
C SER D 185 9.00 -14.19 16.55
N ASN D 186 10.19 -14.74 16.31
CA ASN D 186 11.46 -14.00 16.11
C ASN D 186 12.20 -14.59 14.91
N ILE D 187 11.97 -14.05 13.71
CA ILE D 187 12.69 -14.46 12.45
C ILE D 187 14.09 -13.83 12.49
N SER D 188 15.11 -14.64 12.21
CA SER D 188 16.55 -14.29 12.36
C SER D 188 17.29 -14.47 11.03
N THR D 189 16.62 -14.10 9.93
CA THR D 189 17.17 -14.23 8.56
C THR D 189 18.04 -13.01 8.23
N GLY D 190 18.93 -12.63 9.15
CA GLY D 190 19.89 -11.54 8.97
C GLY D 190 19.25 -10.20 8.63
N CYS D 191 19.76 -9.55 7.59
CA CYS D 191 19.32 -8.25 7.10
C CYS D 191 18.02 -8.30 6.35
N ALA D 192 17.51 -9.48 5.99
CA ALA D 192 16.21 -9.53 5.30
C ALA D 192 15.11 -9.85 6.32
N ALA D 193 15.47 -9.97 7.61
CA ALA D 193 14.53 -10.37 8.68
C ALA D 193 13.39 -9.35 8.88
N GLY D 194 13.67 -8.06 8.76
CA GLY D 194 12.64 -7.00 8.94
C GLY D 194 11.42 -7.19 8.06
N LEU D 195 11.62 -7.51 6.77
CA LEU D 195 10.52 -7.71 5.79
C LEU D 195 9.81 -9.04 6.07
N ASP D 196 10.55 -10.06 6.51
CA ASP D 196 10.02 -11.42 6.80
C ASP D 196 9.07 -11.34 7.99
N ALA D 197 9.39 -10.52 9.00
CA ALA D 197 8.56 -10.25 10.19
C ALA D 197 7.25 -9.55 9.77
N LEU D 198 7.34 -8.63 8.81
CA LEU D 198 6.15 -7.96 8.18
C LEU D 198 5.39 -8.98 7.33
N GLY D 199 6.12 -9.81 6.59
CA GLY D 199 5.58 -10.86 5.70
C GLY D 199 4.76 -11.89 6.45
N ILE D 200 5.28 -12.40 7.56
CA ILE D 200 4.61 -13.46 8.39
C ILE D 200 3.40 -12.84 9.10
N ALA D 201 3.50 -11.57 9.49
CA ALA D 201 2.42 -10.79 10.16
C ALA D 201 1.29 -10.49 9.17
N MET D 202 1.65 -10.20 7.91
CA MET D 202 0.68 -9.95 6.80
C MET D 202 -0.20 -11.18 6.60
N GLU D 203 0.42 -12.36 6.56
CA GLU D 203 -0.25 -13.67 6.29
C GLU D 203 -1.22 -14.00 7.44
N HIS D 204 -0.83 -13.73 8.68
CA HIS D 204 -1.66 -13.97 9.90
C HIS D 204 -2.99 -13.20 9.77
N ILE D 205 -2.94 -11.94 9.34
CA ILE D 205 -4.13 -11.04 9.20
C ILE D 205 -4.93 -11.47 7.96
N ARG D 206 -4.26 -11.79 6.86
CA ARG D 206 -4.89 -12.12 5.56
C ARG D 206 -5.70 -13.42 5.68
N TYR D 207 -5.16 -14.43 6.35
CA TYR D 207 -5.75 -15.79 6.46
C TYR D 207 -6.48 -15.96 7.81
N GLY D 208 -6.91 -14.85 8.41
CA GLY D 208 -7.92 -14.80 9.49
C GLY D 208 -7.45 -15.45 10.78
N ARG D 209 -6.16 -15.36 11.11
CA ARG D 209 -5.57 -15.91 12.36
C ARG D 209 -5.39 -14.80 13.39
N ALA D 210 -5.20 -13.55 12.95
CA ALA D 210 -5.05 -12.36 13.82
C ALA D 210 -5.79 -11.16 13.21
N ASP D 211 -6.29 -10.26 14.07
CA ASP D 211 -6.96 -8.99 13.68
C ASP D 211 -5.93 -7.86 13.71
N ILE D 212 -5.08 -7.82 14.75
CA ILE D 212 -3.99 -6.83 14.94
C ILE D 212 -2.65 -7.59 15.01
N MET D 213 -1.57 -7.00 14.48
CA MET D 213 -0.19 -7.56 14.52
C MET D 213 0.82 -6.42 14.70
N LEU D 214 1.65 -6.52 15.75
CA LEU D 214 2.78 -5.60 16.02
C LEU D 214 4.05 -6.20 15.39
N ALA D 215 4.40 -5.73 14.19
CA ALA D 215 5.50 -6.28 13.35
C ALA D 215 6.61 -5.23 13.20
N GLY D 216 7.85 -5.69 12.99
CA GLY D 216 9.03 -4.83 12.79
C GLY D 216 10.33 -5.57 13.04
N ALA D 217 11.38 -4.84 13.45
CA ALA D 217 12.72 -5.39 13.76
C ALA D 217 13.51 -4.38 14.60
N SER D 218 14.27 -4.88 15.58
CA SER D 218 15.18 -4.10 16.45
C SER D 218 16.62 -4.60 16.29
N GLU D 219 17.60 -3.70 16.38
CA GLU D 219 19.04 -4.01 16.17
C GLU D 219 19.91 -3.04 16.98
N ALA D 220 20.97 -3.55 17.61
CA ALA D 220 21.99 -2.77 18.35
C ALA D 220 23.38 -3.38 18.10
N PRO D 221 23.90 -3.28 16.85
CA PRO D 221 25.14 -3.96 16.47
C PRO D 221 26.39 -3.05 16.45
N LEU D 222 26.36 -1.94 17.20
CA LEU D 222 27.51 -1.00 17.34
C LEU D 222 28.36 -1.44 18.54
N CYS D 223 28.87 -2.67 18.48
CA CYS D 223 29.79 -3.28 19.48
C CYS D 223 31.01 -3.84 18.75
N PRO D 224 32.16 -4.02 19.44
CA PRO D 224 33.38 -4.51 18.79
C PRO D 224 33.20 -5.80 17.97
N LEU D 225 32.41 -6.74 18.48
CA LEU D 225 32.19 -8.06 17.86
C LEU D 225 31.52 -7.95 16.48
N SER D 226 30.40 -7.24 16.42
CA SER D 226 29.63 -7.08 15.16
C SER D 226 30.44 -6.27 14.14
N ILE D 227 30.95 -5.11 14.55
CA ILE D 227 31.70 -4.18 13.65
C ILE D 227 32.97 -4.90 13.14
N GLY D 228 33.70 -5.56 14.05
CA GLY D 228 34.94 -6.30 13.74
C GLY D 228 34.70 -7.41 12.72
N SER D 229 33.55 -8.05 12.80
CA SER D 229 33.19 -9.16 11.90
C SER D 229 32.99 -8.66 10.46
N PHE D 230 32.29 -7.54 10.26
CA PHE D 230 32.02 -7.05 8.88
C PHE D 230 33.28 -6.46 8.23
N GLU D 231 34.20 -5.96 9.05
CA GLU D 231 35.44 -5.32 8.55
C GLU D 231 36.46 -6.40 8.17
N ALA D 232 36.55 -7.48 8.97
CA ALA D 232 37.40 -8.67 8.70
C ALA D 232 36.93 -9.32 7.39
N LEU D 233 35.61 -9.35 7.16
CA LEU D 233 34.97 -9.80 5.89
C LEU D 233 35.27 -8.78 4.79
N GLY D 234 35.20 -7.49 5.13
CA GLY D 234 35.52 -6.36 4.22
C GLY D 234 34.27 -5.75 3.62
N ALA D 235 33.19 -5.66 4.41
CA ALA D 235 31.86 -5.19 3.99
C ALA D 235 31.65 -3.71 4.38
N LEU D 236 32.36 -3.22 5.40
CA LEU D 236 32.27 -1.81 5.89
C LEU D 236 33.05 -0.89 4.96
N SER D 237 32.71 0.40 4.98
CA SER D 237 33.43 1.50 4.26
C SER D 237 34.72 1.82 5.00
N SER D 238 35.86 1.86 4.29
CA SER D 238 37.22 2.02 4.86
C SER D 238 38.09 2.97 4.03
N ARG D 239 37.50 3.82 3.19
CA ARG D 239 38.24 4.77 2.32
C ARG D 239 38.50 6.07 3.09
N GLU D 240 39.59 6.77 2.75
CA GLU D 240 40.00 8.06 3.37
C GLU D 240 38.95 9.13 3.04
N LEU D 241 38.44 9.83 4.06
CA LEU D 241 37.35 10.85 3.93
C LEU D 241 37.58 11.98 4.95
N GLU D 242 37.38 13.23 4.52
CA GLU D 242 37.32 14.43 5.39
C GLU D 242 35.97 14.42 6.14
N ASN D 243 34.88 14.26 5.39
CA ASN D 243 33.49 14.14 5.91
C ASN D 243 33.12 12.66 5.99
N GLN D 244 32.96 12.13 7.22
CA GLN D 244 32.65 10.70 7.48
C GLN D 244 31.18 10.41 7.20
N GLN D 245 30.33 11.45 7.12
CA GLN D 245 28.89 11.33 6.78
C GLN D 245 28.73 10.90 5.32
N ALA D 246 29.72 11.20 4.47
CA ALA D 246 29.73 10.90 3.02
C ALA D 246 30.22 9.46 2.76
N ALA D 247 30.59 8.71 3.81
CA ALA D 247 31.07 7.32 3.73
C ALA D 247 29.99 6.42 3.13
N THR D 248 28.73 6.63 3.53
CA THR D 248 27.52 5.93 2.98
C THR D 248 26.95 6.77 1.84
N CYS D 249 27.20 6.34 0.59
CA CYS D 249 26.77 7.01 -0.67
C CYS D 249 26.22 5.98 -1.64
N PRO D 250 24.96 5.50 -1.44
CA PRO D 250 24.35 4.50 -2.32
C PRO D 250 24.26 4.95 -3.78
N PHE D 251 24.65 4.07 -4.71
CA PHE D 251 24.52 4.21 -6.18
C PHE D 251 25.56 5.19 -6.76
N SER D 252 26.43 5.74 -5.91
CA SER D 252 27.58 6.59 -6.33
C SER D 252 28.76 5.69 -6.73
N LEU D 253 29.66 6.21 -7.57
CA LEU D 253 30.88 5.49 -8.03
C LEU D 253 31.95 5.51 -6.93
N GLU D 254 31.70 6.27 -5.85
CA GLU D 254 32.66 6.52 -4.75
C GLU D 254 32.52 5.44 -3.67
N ARG D 255 31.42 4.68 -3.68
CA ARG D 255 31.00 3.76 -2.59
C ARG D 255 32.01 2.62 -2.43
N ASP D 256 32.20 2.14 -1.19
CA ASP D 256 33.19 1.08 -0.84
C ASP D 256 32.72 0.24 0.36
N GLY D 257 31.43 0.23 0.67
CA GLY D 257 30.86 -0.54 1.81
C GLY D 257 29.77 0.23 2.55
N PHE D 258 29.06 -0.45 3.44
CA PHE D 258 27.95 0.13 4.25
C PHE D 258 28.50 0.70 5.56
N VAL D 259 27.92 1.81 6.02
CA VAL D 259 28.14 2.39 7.38
C VAL D 259 27.18 1.68 8.34
N ILE D 260 27.72 0.89 9.28
CA ILE D 260 26.93 0.14 10.30
C ILE D 260 26.16 1.14 11.17
N ALA D 261 24.94 0.79 11.58
CA ALA D 261 24.03 1.62 12.39
C ALA D 261 23.23 0.74 13.35
N GLU D 262 22.51 1.36 14.29
CA GLU D 262 21.58 0.71 15.25
C GLU D 262 20.21 1.39 15.13
N GLY D 263 19.20 0.82 15.80
CA GLY D 263 17.84 1.38 15.86
C GLY D 263 16.77 0.31 15.75
N CYS D 264 15.51 0.73 15.62
CA CYS D 264 14.32 -0.17 15.58
C CYS D 264 13.17 0.53 14.84
N GLY D 265 12.41 -0.25 14.06
CA GLY D 265 11.15 0.16 13.42
C GLY D 265 10.03 -0.81 13.78
N ILE D 266 8.86 -0.29 14.16
CA ILE D 266 7.66 -1.09 14.55
C ILE D 266 6.44 -0.55 13.79
N LEU D 267 5.86 -1.39 12.93
CA LEU D 267 4.60 -1.10 12.19
C LEU D 267 3.46 -1.88 12.85
N ILE D 268 2.37 -1.19 13.21
CA ILE D 268 1.09 -1.82 13.66
C ILE D 268 0.28 -2.20 12.43
N LEU D 269 0.20 -3.49 12.12
CA LEU D 269 -0.62 -4.05 11.02
C LEU D 269 -1.95 -4.51 11.60
N GLU D 270 -3.05 -4.35 10.87
CA GLU D 270 -4.38 -4.91 11.23
C GLU D 270 -5.26 -5.02 9.98
N SER D 271 -6.39 -5.71 10.13
CA SER D 271 -7.40 -5.96 9.06
C SER D 271 -8.02 -4.64 8.60
N TYR D 272 -8.44 -4.58 7.34
CA TYR D 272 -9.13 -3.41 6.72
C TYR D 272 -10.45 -3.16 7.44
N GLU D 273 -11.21 -4.23 7.70
CA GLU D 273 -12.53 -4.18 8.41
C GLU D 273 -12.33 -3.74 9.86
N HIS D 274 -11.31 -4.28 10.53
CA HIS D 274 -10.99 -3.98 11.96
C HIS D 274 -10.62 -2.50 12.12
N ALA D 275 -9.90 -1.93 11.15
CA ALA D 275 -9.46 -0.51 11.13
C ALA D 275 -10.66 0.41 10.94
N LYS D 276 -11.60 0.06 10.06
CA LYS D 276 -12.80 0.87 9.73
C LYS D 276 -13.77 0.87 10.92
N GLN D 277 -13.87 -0.23 11.67
CA GLN D 277 -14.74 -0.36 12.86
C GLN D 277 -14.30 0.64 13.94
N ARG D 278 -12.99 0.73 14.18
CA ARG D 278 -12.38 1.66 15.17
C ARG D 278 -12.45 3.11 14.65
N GLY D 279 -12.42 3.28 13.33
CA GLY D 279 -12.30 4.59 12.66
C GLY D 279 -10.87 5.08 12.66
N ALA D 280 -9.91 4.15 12.58
CA ALA D 280 -8.46 4.39 12.75
C ALA D 280 -7.88 5.00 11.47
N HIS D 281 -6.83 5.82 11.62
CA HIS D 281 -6.05 6.41 10.49
C HIS D 281 -5.22 5.31 9.82
N ILE D 282 -5.29 5.23 8.49
CA ILE D 282 -4.58 4.21 7.66
C ILE D 282 -3.51 4.93 6.82
N TYR D 283 -2.24 4.59 7.04
CA TYR D 283 -1.07 5.13 6.29
C TYR D 283 -1.09 4.59 4.86
N ALA D 284 -1.03 3.26 4.73
CA ALA D 284 -0.95 2.54 3.43
C ALA D 284 -1.35 1.07 3.61
N GLU D 285 -1.71 0.41 2.50
CA GLU D 285 -2.06 -1.04 2.45
C GLU D 285 -0.80 -1.86 2.19
N LEU D 286 -0.56 -2.89 3.02
CA LEU D 286 0.52 -3.90 2.81
C LEU D 286 -0.05 -5.04 1.98
N ALA D 287 0.09 -4.95 0.65
CA ALA D 287 -0.66 -5.75 -0.35
C ALA D 287 -0.03 -7.14 -0.52
N GLY D 288 1.28 -7.21 -0.76
CA GLY D 288 1.98 -8.45 -1.15
C GLY D 288 3.31 -8.63 -0.44
N TYR D 289 3.80 -9.87 -0.42
CA TYR D 289 5.11 -10.28 0.15
C TYR D 289 5.61 -11.54 -0.57
N ALA D 290 6.91 -11.58 -0.87
CA ALA D 290 7.62 -12.76 -1.44
C ALA D 290 9.08 -12.75 -0.97
N SER D 291 9.68 -13.94 -0.86
CA SER D 291 11.10 -14.14 -0.45
C SER D 291 11.67 -15.36 -1.19
N VAL D 292 12.93 -15.27 -1.62
CA VAL D 292 13.66 -16.34 -2.38
C VAL D 292 15.10 -16.43 -1.86
N ASN D 293 15.82 -17.46 -2.31
CA ASN D 293 17.29 -17.63 -2.12
C ASN D 293 17.95 -17.53 -3.51
N ASN D 294 19.04 -16.75 -3.62
CA ASN D 294 19.79 -16.56 -4.89
C ASN D 294 20.63 -17.82 -5.19
N ALA D 295 21.00 -18.58 -4.16
CA ALA D 295 21.80 -19.82 -4.23
C ALA D 295 23.13 -19.54 -4.96
N TYR D 296 23.76 -18.40 -4.66
CA TYR D 296 25.00 -17.91 -5.32
C TYR D 296 26.14 -17.91 -4.29
N HIS D 297 26.02 -17.07 -3.26
CA HIS D 297 27.02 -16.90 -2.17
C HIS D 297 26.31 -16.31 -0.94
N MET D 298 26.93 -16.41 0.24
CA MET D 298 26.33 -16.03 1.54
C MET D 298 26.67 -14.59 1.91
N THR D 299 27.51 -13.91 1.12
CA THR D 299 27.92 -12.49 1.32
C THR D 299 27.87 -11.74 -0.01
N ASP D 300 28.66 -12.20 -1.00
CA ASP D 300 28.73 -11.63 -2.37
C ASP D 300 27.35 -11.78 -3.03
N LEU D 301 26.91 -10.74 -3.75
CA LEU D 301 25.64 -10.71 -4.51
C LEU D 301 25.95 -10.63 -6.00
N PRO D 302 25.27 -11.43 -6.85
CA PRO D 302 25.55 -11.46 -8.29
C PRO D 302 25.02 -10.22 -9.01
N ALA D 303 25.75 -9.74 -10.03
CA ALA D 303 25.52 -8.47 -10.74
C ALA D 303 24.17 -8.47 -11.46
N ASP D 304 23.82 -9.60 -12.10
CA ASP D 304 22.60 -9.75 -12.95
C ASP D 304 21.34 -9.47 -12.12
N GLY D 305 21.29 -9.98 -10.87
CA GLY D 305 20.16 -9.80 -9.94
C GLY D 305 18.90 -10.50 -10.42
N MET D 306 19.03 -11.74 -10.90
CA MET D 306 17.93 -12.56 -11.47
C MET D 306 16.98 -13.00 -10.34
N ALA D 307 17.53 -13.39 -9.18
CA ALA D 307 16.77 -13.86 -8.00
C ALA D 307 15.87 -12.73 -7.46
N MET D 308 16.46 -11.56 -7.21
CA MET D 308 15.74 -10.36 -6.69
C MET D 308 14.64 -9.95 -7.68
N ALA D 309 14.91 -10.05 -8.99
CA ALA D 309 13.95 -9.73 -10.08
C ALA D 309 12.77 -10.71 -10.02
N ARG D 310 13.03 -12.00 -9.80
CA ARG D 310 12.00 -13.07 -9.67
C ARG D 310 11.21 -12.84 -8.38
N CYS D 311 11.86 -12.36 -7.33
CA CYS D 311 11.25 -12.06 -6.00
C CYS D 311 10.25 -10.90 -6.13
N ILE D 312 10.62 -9.84 -6.86
CA ILE D 312 9.75 -8.67 -7.17
C ILE D 312 8.53 -9.16 -7.98
N ASP D 313 8.77 -10.05 -8.95
CA ASP D 313 7.73 -10.62 -9.86
C ASP D 313 6.71 -11.41 -9.03
N MET D 314 7.17 -12.22 -8.08
CA MET D 314 6.33 -13.07 -7.20
C MET D 314 5.54 -12.18 -6.23
N ALA D 315 6.18 -11.15 -5.67
CA ALA D 315 5.60 -10.20 -4.69
C ALA D 315 4.41 -9.46 -5.33
N LEU D 316 4.53 -9.07 -6.60
CA LEU D 316 3.47 -8.39 -7.38
C LEU D 316 2.31 -9.36 -7.65
N LYS D 317 2.63 -10.61 -7.98
CA LYS D 317 1.64 -11.70 -8.22
C LYS D 317 0.95 -12.08 -6.90
N ASP D 318 1.66 -11.94 -5.77
CA ASP D 318 1.14 -12.18 -4.40
C ASP D 318 0.11 -11.10 -4.04
N ALA D 319 0.38 -9.85 -4.44
CA ALA D 319 -0.50 -8.68 -4.25
C ALA D 319 -1.63 -8.69 -5.28
N GLN D 320 -1.44 -9.41 -6.40
CA GLN D 320 -2.36 -9.47 -7.56
C GLN D 320 -2.51 -8.06 -8.16
N ILE D 321 -1.39 -7.35 -8.31
CA ILE D 321 -1.28 -6.00 -8.92
C ILE D 321 -0.25 -6.05 -10.04
N SER D 322 -0.52 -5.39 -11.16
CA SER D 322 0.34 -5.35 -12.37
C SER D 322 1.58 -4.49 -12.10
N PRO D 323 2.76 -4.85 -12.65
CA PRO D 323 3.96 -4.02 -12.53
C PRO D 323 3.89 -2.65 -13.24
N SER D 324 2.80 -2.38 -13.97
CA SER D 324 2.53 -1.09 -14.65
C SER D 324 2.26 0.02 -13.62
N THR D 325 1.67 -0.33 -12.47
CA THR D 325 1.16 0.62 -11.44
C THR D 325 2.32 1.17 -10.59
N VAL D 326 3.35 0.37 -10.31
CA VAL D 326 4.48 0.77 -9.41
C VAL D 326 5.19 2.00 -10.02
N ASN D 327 5.27 3.08 -9.25
CA ASN D 327 5.90 4.37 -9.66
C ASN D 327 6.89 4.84 -8.57
N TYR D 328 7.32 3.93 -7.68
CA TYR D 328 8.31 4.22 -6.61
C TYR D 328 8.86 2.91 -6.04
N ILE D 329 10.17 2.88 -5.74
CA ILE D 329 10.87 1.69 -5.15
C ILE D 329 11.77 2.17 -4.01
N SER D 330 11.55 1.64 -2.80
CA SER D 330 12.41 1.85 -1.61
C SER D 330 13.47 0.74 -1.56
N ALA D 331 14.59 0.95 -2.26
CA ALA D 331 15.68 -0.05 -2.42
C ALA D 331 16.41 -0.25 -1.09
N HIS D 332 17.12 -1.38 -0.98
CA HIS D 332 17.95 -1.73 0.20
C HIS D 332 19.11 -0.72 0.21
N GLY D 333 19.86 -0.67 -0.89
CA GLY D 333 20.92 0.33 -1.13
C GLY D 333 21.90 0.41 0.03
N SER D 334 22.70 -0.63 0.24
CA SER D 334 23.66 -0.78 1.36
C SER D 334 24.87 0.15 1.18
N SER D 335 25.14 0.59 -0.06
CA SER D 335 26.31 1.41 -0.46
C SER D 335 27.56 0.53 -0.60
N THR D 336 27.36 -0.78 -0.81
CA THR D 336 28.42 -1.74 -1.23
C THR D 336 28.49 -1.75 -2.75
N ALA D 337 29.62 -2.19 -3.32
CA ALA D 337 29.88 -2.25 -4.77
C ALA D 337 28.90 -3.21 -5.45
N GLN D 338 28.61 -4.34 -4.81
CA GLN D 338 27.91 -5.51 -5.43
C GLN D 338 26.38 -5.36 -5.30
N ASN D 339 25.89 -4.88 -4.16
CA ASN D 339 24.43 -4.81 -3.84
C ASN D 339 23.73 -3.82 -4.78
N ASP D 340 24.33 -2.65 -5.00
CA ASP D 340 23.71 -1.50 -5.71
C ASP D 340 23.47 -1.87 -7.19
N ILE D 341 24.43 -2.55 -7.84
CA ILE D 341 24.31 -3.03 -9.24
C ILE D 341 23.32 -4.21 -9.28
N ASN D 342 23.28 -5.03 -8.23
CA ASN D 342 22.38 -6.20 -8.10
C ASN D 342 20.91 -5.73 -8.14
N GLU D 343 20.59 -4.69 -7.36
CA GLU D 343 19.22 -4.12 -7.25
C GLU D 343 18.85 -3.36 -8.52
N SER D 344 19.79 -2.57 -9.07
CA SER D 344 19.59 -1.76 -10.30
C SER D 344 19.23 -2.67 -11.48
N ASN D 345 20.02 -3.72 -11.71
CA ASN D 345 19.86 -4.68 -12.83
C ASN D 345 18.59 -5.51 -12.62
N ALA D 346 18.25 -5.82 -11.36
CA ALA D 346 17.01 -6.55 -10.97
C ALA D 346 15.78 -5.74 -11.38
N ILE D 347 15.76 -4.45 -11.03
CA ILE D 347 14.66 -3.49 -11.32
C ILE D 347 14.58 -3.28 -12.84
N LYS D 348 15.73 -3.26 -13.53
CA LYS D 348 15.82 -3.18 -15.01
C LYS D 348 15.20 -4.42 -15.65
N PHE D 349 15.45 -5.61 -15.08
CA PHE D 349 15.04 -6.91 -15.65
C PHE D 349 13.51 -7.08 -15.59
N VAL D 350 12.91 -6.82 -14.43
CA VAL D 350 11.47 -7.12 -14.15
C VAL D 350 10.57 -6.09 -14.84
N LEU D 351 10.96 -4.80 -14.84
CA LEU D 351 10.15 -3.68 -15.39
C LEU D 351 10.57 -3.35 -16.82
N GLY D 352 11.81 -3.67 -17.21
CA GLY D 352 12.32 -3.46 -18.58
C GLY D 352 12.69 -2.02 -18.84
N GLU D 353 12.13 -1.43 -19.90
CA GLU D 353 12.43 -0.05 -20.36
C GLU D 353 11.64 0.97 -19.53
N SER D 354 10.61 0.50 -18.81
CA SER D 354 9.71 1.33 -17.96
C SER D 354 10.40 1.72 -16.63
N ALA D 355 11.56 1.12 -16.34
CA ALA D 355 12.26 1.23 -15.04
C ALA D 355 12.89 2.62 -14.85
N PHE D 356 13.15 3.36 -15.94
CA PHE D 356 13.97 4.59 -15.94
C PHE D 356 13.22 5.77 -15.32
N GLY D 357 11.89 5.83 -15.47
CA GLY D 357 11.05 6.94 -14.96
C GLY D 357 10.89 6.92 -13.45
N ILE D 358 10.92 5.72 -12.85
CA ILE D 358 10.52 5.46 -11.43
C ILE D 358 11.58 6.01 -10.47
N PRO D 359 11.23 6.94 -9.56
CA PRO D 359 12.13 7.32 -8.47
C PRO D 359 12.47 6.16 -7.53
N ILE D 360 13.77 5.94 -7.25
CA ILE D 360 14.31 4.92 -6.31
C ILE D 360 15.17 5.64 -5.28
N ASN D 361 15.09 5.25 -3.99
CA ASN D 361 15.93 5.87 -2.91
C ASN D 361 16.43 4.79 -1.95
N SER D 362 17.47 5.13 -1.19
CA SER D 362 18.05 4.35 -0.07
C SER D 362 18.14 5.25 1.16
N LEU D 363 17.52 4.85 2.27
CA LEU D 363 17.53 5.61 3.55
C LEU D 363 18.89 5.44 4.25
N LYS D 364 19.64 4.41 3.87
CA LYS D 364 20.97 4.06 4.46
C LYS D 364 22.00 5.18 4.17
N SER D 365 21.71 6.04 3.18
CA SER D 365 22.49 7.27 2.88
C SER D 365 22.50 8.20 4.10
N MET D 366 21.42 8.19 4.90
CA MET D 366 21.23 9.06 6.09
C MET D 366 21.32 8.23 7.38
N THR D 367 20.51 7.17 7.49
CA THR D 367 20.34 6.34 8.72
C THR D 367 21.50 5.37 8.90
N GLY D 368 22.16 4.96 7.82
CA GLY D 368 23.15 3.87 7.81
C GLY D 368 22.47 2.51 7.80
N HIS D 369 23.27 1.44 7.86
CA HIS D 369 22.76 0.05 7.79
C HIS D 369 22.55 -0.52 9.20
N ALA D 370 21.30 -0.58 9.64
CA ALA D 370 20.88 -1.14 10.94
C ALA D 370 20.51 -2.63 10.79
N LEU D 371 21.14 -3.33 9.85
CA LEU D 371 20.95 -4.78 9.55
C LEU D 371 19.47 -5.11 9.35
N ALA D 372 18.86 -5.84 10.27
CA ALA D 372 17.43 -6.24 10.17
C ALA D 372 16.52 -5.04 10.45
N ALA D 373 16.91 -4.17 11.38
CA ALA D 373 16.13 -2.96 11.76
C ALA D 373 16.07 -1.98 10.58
N ALA D 374 17.07 -2.01 9.69
CA ALA D 374 17.15 -1.19 8.45
C ALA D 374 15.86 -1.34 7.62
N ASN D 375 15.35 -2.57 7.54
CA ASN D 375 14.14 -2.88 6.75
C ASN D 375 12.91 -2.23 7.37
N ALA D 376 12.76 -2.39 8.67
CA ALA D 376 11.61 -1.87 9.45
C ALA D 376 11.65 -0.33 9.46
N ILE D 377 12.82 0.26 9.70
CA ILE D 377 13.03 1.74 9.74
C ILE D 377 12.66 2.32 8.38
N GLU D 378 13.07 1.66 7.30
CA GLU D 378 12.76 2.05 5.89
C GLU D 378 11.26 1.83 5.61
N SER D 379 10.67 0.77 6.18
CA SER D 379 9.23 0.42 6.05
C SER D 379 8.36 1.49 6.73
N VAL D 380 8.83 2.06 7.85
CA VAL D 380 8.17 3.20 8.55
C VAL D 380 8.23 4.43 7.64
N ALA D 381 9.41 4.71 7.06
CA ALA D 381 9.66 5.82 6.13
C ALA D 381 8.79 5.67 4.88
N LEU D 382 8.67 4.44 4.36
CA LEU D 382 7.84 4.09 3.17
C LEU D 382 6.39 4.45 3.42
N CYS D 383 5.85 4.12 4.61
CA CYS D 383 4.46 4.41 5.04
C CYS D 383 4.24 5.92 5.09
N LEU D 384 5.21 6.67 5.64
CA LEU D 384 5.15 8.15 5.74
C LEU D 384 5.21 8.79 4.35
N GLU D 385 6.01 8.22 3.44
CA GLU D 385 6.20 8.72 2.05
C GLU D 385 4.89 8.59 1.27
N ILE D 386 4.18 7.47 1.41
CA ILE D 386 2.88 7.20 0.73
C ILE D 386 1.81 8.12 1.33
N GLU D 387 1.83 8.30 2.65
CA GLU D 387 0.87 9.14 3.42
C GLU D 387 0.95 10.60 2.95
N LYS D 388 2.16 11.16 2.89
CA LYS D 388 2.43 12.61 2.68
C LYS D 388 2.75 12.91 1.21
N GLN D 389 2.72 11.89 0.34
CA GLN D 389 2.96 12.01 -1.13
C GLN D 389 4.26 12.78 -1.38
N TYR D 390 5.31 12.45 -0.60
CA TYR D 390 6.69 13.00 -0.72
C TYR D 390 7.68 11.84 -0.70
N VAL D 391 8.80 11.98 -1.42
CA VAL D 391 9.87 10.95 -1.52
C VAL D 391 11.19 11.57 -1.06
N HIS D 392 11.84 10.96 -0.06
CA HIS D 392 13.14 11.42 0.50
C HIS D 392 14.24 11.14 -0.51
N PRO D 393 15.34 11.94 -0.51
CA PRO D 393 16.44 11.74 -1.45
C PRO D 393 17.46 10.68 -0.99
N THR D 394 18.38 10.31 -1.88
CA THR D 394 19.62 9.54 -1.58
C THR D 394 20.78 10.54 -1.50
N ILE D 395 21.15 10.95 -0.28
CA ILE D 395 22.14 12.05 -0.06
C ILE D 395 23.55 11.51 -0.29
N ASN D 396 24.54 12.42 -0.33
CA ASN D 396 25.98 12.13 -0.55
C ASN D 396 26.17 11.52 -1.94
N TYR D 397 25.31 11.87 -2.91
CA TYR D 397 25.42 11.45 -4.32
C TYR D 397 26.46 12.32 -5.02
N GLN D 398 27.59 11.71 -5.38
CA GLN D 398 28.77 12.39 -5.97
C GLN D 398 28.84 12.04 -7.47
N THR D 399 29.77 11.17 -7.88
CA THR D 399 29.98 10.75 -9.29
C THR D 399 28.97 9.65 -9.62
N PRO D 400 28.17 9.80 -10.71
CA PRO D 400 27.29 8.73 -11.16
C PRO D 400 28.06 7.49 -11.65
N ASP D 401 27.60 6.29 -11.25
CA ASP D 401 28.13 4.98 -11.71
C ASP D 401 27.48 4.66 -13.05
N PRO D 402 28.26 4.35 -14.11
CA PRO D 402 27.68 4.06 -15.43
C PRO D 402 26.77 2.82 -15.45
N ASP D 403 27.00 1.86 -14.55
CA ASP D 403 26.15 0.66 -14.36
C ASP D 403 24.83 1.07 -13.71
N CYS D 404 24.88 1.83 -12.62
CA CYS D 404 23.72 2.37 -11.86
C CYS D 404 23.25 3.67 -12.52
N ASP D 405 22.49 3.57 -13.62
CA ASP D 405 22.04 4.72 -14.44
C ASP D 405 20.52 4.90 -14.31
N LEU D 406 19.95 4.52 -13.15
CA LEU D 406 18.53 4.77 -12.80
C LEU D 406 18.44 6.07 -11.99
N ASP D 407 17.25 6.65 -11.90
CA ASP D 407 16.93 7.88 -11.13
C ASP D 407 16.89 7.55 -9.64
N TYR D 408 17.83 8.07 -8.85
CA TYR D 408 18.01 7.74 -7.41
C TYR D 408 17.64 8.94 -6.52
N ILE D 409 16.95 9.95 -7.09
CA ILE D 409 16.49 11.17 -6.36
C ILE D 409 17.69 11.74 -5.60
N PRO D 410 18.73 12.21 -6.32
CA PRO D 410 20.00 12.57 -5.68
C PRO D 410 19.94 13.87 -4.87
N ASN D 411 20.15 13.76 -3.55
CA ASN D 411 20.52 14.88 -2.63
C ASN D 411 19.30 15.73 -2.26
N GLN D 412 18.41 16.02 -3.22
CA GLN D 412 17.21 16.88 -3.01
C GLN D 412 15.94 16.04 -3.25
N GLY D 413 15.08 15.92 -2.23
CA GLY D 413 13.77 15.24 -2.30
C GLY D 413 12.75 16.10 -3.01
N CYS D 414 11.55 15.55 -3.26
CA CYS D 414 10.45 16.22 -4.00
C CYS D 414 9.10 15.60 -3.65
N SER D 415 8.01 16.34 -3.90
CA SER D 415 6.61 15.84 -3.84
C SER D 415 6.36 14.92 -5.05
N TYR D 416 5.87 13.70 -4.81
CA TYR D 416 5.61 12.67 -5.84
C TYR D 416 4.34 11.90 -5.50
N PRO D 417 3.40 11.71 -6.46
CA PRO D 417 2.18 10.94 -6.21
C PRO D 417 2.43 9.43 -6.36
N ILE D 418 2.46 8.71 -5.25
CA ILE D 418 2.75 7.24 -5.18
C ILE D 418 1.42 6.48 -5.15
N LYS D 419 1.22 5.56 -6.11
CA LYS D 419 0.07 4.61 -6.15
C LYS D 419 0.51 3.28 -5.53
N THR D 420 1.44 2.58 -6.19
CA THR D 420 2.02 1.28 -5.74
C THR D 420 3.52 1.46 -5.54
N ALA D 421 4.07 0.85 -4.48
CA ALA D 421 5.50 0.97 -4.07
C ALA D 421 6.06 -0.41 -3.74
N LEU D 422 7.25 -0.71 -4.25
CA LEU D 422 8.05 -1.92 -3.89
C LEU D 422 9.02 -1.53 -2.77
N LYS D 423 9.33 -2.49 -1.88
CA LYS D 423 10.34 -2.34 -0.79
C LYS D 423 11.27 -3.55 -0.85
N LEU D 424 12.53 -3.33 -1.26
CA LEU D 424 13.54 -4.39 -1.50
C LEU D 424 14.45 -4.53 -0.27
N SER D 425 14.80 -5.78 0.08
CA SER D 425 15.72 -6.14 1.18
C SER D 425 16.54 -7.37 0.78
N SER D 426 17.84 -7.33 1.11
CA SER D 426 18.76 -8.45 0.83
C SER D 426 19.57 -8.75 2.10
N GLY D 427 20.11 -9.95 2.22
CA GLY D 427 20.92 -10.30 3.39
C GLY D 427 21.82 -11.50 3.15
N PHE D 428 22.72 -11.78 4.11
CA PHE D 428 23.63 -12.96 4.12
C PHE D 428 22.75 -14.21 4.17
N SER D 429 23.21 -15.34 3.55
CA SER D 429 22.50 -16.61 3.20
C SER D 429 21.78 -16.45 1.86
N GLY D 430 22.14 -15.42 1.09
CA GLY D 430 21.63 -15.17 -0.28
C GLY D 430 20.14 -14.93 -0.32
N ILE D 431 19.57 -14.37 0.75
CA ILE D 431 18.10 -14.15 0.91
C ILE D 431 17.72 -12.80 0.32
N HIS D 432 16.73 -12.78 -0.58
CA HIS D 432 16.06 -11.58 -1.12
C HIS D 432 14.61 -11.56 -0.61
N SER D 433 14.11 -10.39 -0.18
CA SER D 433 12.73 -10.17 0.31
C SER D 433 12.15 -8.91 -0.30
N VAL D 434 10.89 -8.95 -0.73
CA VAL D 434 10.15 -7.82 -1.36
C VAL D 434 8.81 -7.65 -0.65
N ILE D 435 8.42 -6.39 -0.39
CA ILE D 435 7.08 -5.99 0.13
C ILE D 435 6.44 -5.05 -0.90
N VAL D 436 5.18 -5.31 -1.26
CA VAL D 436 4.36 -4.44 -2.16
C VAL D 436 3.40 -3.63 -1.29
N MET D 437 3.67 -2.32 -1.14
CA MET D 437 2.79 -1.37 -0.40
C MET D 437 1.99 -0.55 -1.40
N ARG D 438 0.76 -0.20 -1.03
CA ARG D 438 -0.25 0.45 -1.93
C ARG D 438 -0.91 1.61 -1.17
N ALA D 439 -1.18 2.72 -1.86
CA ALA D 439 -1.84 3.93 -1.31
C ALA D 439 -3.33 3.64 -1.15
N VAL D 440 -3.89 3.95 0.03
CA VAL D 440 -5.34 3.80 0.36
C VAL D 440 -6.03 5.14 0.09
N ASP D 441 -7.01 5.17 -0.82
CA ASP D 441 -7.77 6.39 -1.20
C ASP D 441 -8.74 6.75 -0.07
N ASN D 442 -9.06 8.05 0.05
CA ASN D 442 -9.98 8.60 1.09
C ASN D 442 -10.88 9.66 0.45
N MET E 1 -10.73 -24.35 0.13
CA MET E 1 -9.85 -25.23 0.96
C MET E 1 -8.37 -24.90 0.66
N ARG E 2 -7.48 -25.24 1.60
CA ARG E 2 -6.00 -25.09 1.49
C ARG E 2 -5.41 -26.44 1.07
N LYS E 3 -4.16 -26.46 0.60
CA LYS E 3 -3.43 -27.69 0.21
C LYS E 3 -3.03 -28.45 1.48
N ARG E 4 -3.02 -29.79 1.40
CA ARG E 4 -2.68 -30.70 2.54
C ARG E 4 -1.19 -31.03 2.49
N VAL E 5 -0.57 -31.19 3.67
CA VAL E 5 0.90 -31.39 3.84
C VAL E 5 1.14 -32.77 4.46
N VAL E 6 2.14 -33.50 3.95
CA VAL E 6 2.49 -34.88 4.41
C VAL E 6 4.02 -34.98 4.59
N VAL E 7 4.47 -35.82 5.52
CA VAL E 7 5.90 -36.12 5.80
C VAL E 7 6.30 -37.34 4.96
N THR E 8 7.29 -37.18 4.07
CA THR E 8 7.79 -38.23 3.15
C THR E 8 9.12 -38.81 3.65
N GLY E 9 9.89 -38.03 4.42
CA GLY E 9 11.19 -38.45 4.99
C GLY E 9 11.51 -37.74 6.29
N VAL E 10 12.38 -38.32 7.11
CA VAL E 10 12.85 -37.76 8.40
C VAL E 10 14.33 -38.11 8.60
N GLY E 11 15.09 -37.19 9.20
CA GLY E 11 16.50 -37.39 9.61
C GLY E 11 16.79 -36.64 10.90
N ALA E 12 17.58 -37.24 11.79
CA ALA E 12 17.94 -36.67 13.11
C ALA E 12 19.18 -37.37 13.66
N ILE E 13 20.02 -36.63 14.40
CA ILE E 13 21.22 -37.15 15.12
C ILE E 13 21.13 -36.73 16.59
N HIS E 14 21.58 -37.60 17.50
CA HIS E 14 21.39 -37.49 18.97
C HIS E 14 22.52 -38.25 19.68
N PRO E 15 22.90 -37.85 20.92
CA PRO E 15 23.82 -38.67 21.73
C PRO E 15 23.43 -40.15 21.85
N ASP E 16 22.13 -40.46 21.79
CA ASP E 16 21.58 -41.84 21.92
C ASP E 16 21.69 -42.60 20.59
N GLY E 17 21.67 -41.89 19.45
CA GLY E 17 21.75 -42.51 18.11
C GLY E 17 22.11 -41.52 17.01
N ASN E 18 22.87 -41.97 16.01
CA ASN E 18 23.34 -41.17 14.86
C ASN E 18 22.37 -41.31 13.67
N ASP E 19 21.24 -42.01 13.86
CA ASP E 19 20.14 -42.10 12.87
C ASP E 19 18.80 -42.26 13.61
N VAL E 20 17.69 -42.10 12.89
CA VAL E 20 16.30 -42.08 13.44
C VAL E 20 15.97 -43.47 14.02
N THR E 21 16.40 -44.54 13.33
CA THR E 21 16.15 -45.95 13.75
C THR E 21 16.85 -46.23 15.08
N ALA E 22 18.10 -45.77 15.24
CA ALA E 22 18.94 -45.94 16.44
C ALA E 22 18.33 -45.18 17.63
N ILE E 23 17.82 -43.96 17.39
CA ILE E 23 17.20 -43.10 18.43
C ILE E 23 15.87 -43.74 18.86
N LYS E 24 14.99 -44.06 17.90
CA LYS E 24 13.63 -44.60 18.14
C LYS E 24 13.72 -45.90 18.94
N SER E 25 14.64 -46.80 18.57
CA SER E 25 14.85 -48.12 19.22
C SER E 25 15.25 -47.92 20.69
N LYS E 26 16.06 -46.91 21.00
CA LYS E 26 16.59 -46.62 22.37
C LYS E 26 15.55 -45.82 23.17
N VAL E 27 14.65 -45.09 22.51
CA VAL E 27 13.54 -44.33 23.15
C VAL E 27 12.47 -45.33 23.64
N ILE E 28 12.09 -46.29 22.79
CA ILE E 28 11.11 -47.38 23.13
C ILE E 28 11.70 -48.22 24.28
N GLN E 29 13.01 -48.52 24.20
CA GLN E 29 13.78 -49.28 25.21
C GLN E 29 13.64 -48.61 26.58
N LYS E 30 13.68 -47.28 26.62
CA LYS E 30 13.60 -46.47 27.87
C LYS E 30 12.14 -46.26 28.29
N LEU E 31 11.21 -46.12 27.32
CA LEU E 31 9.76 -45.94 27.59
C LEU E 31 9.20 -47.19 28.27
N LEU E 32 9.46 -48.37 27.70
CA LEU E 32 9.07 -49.69 28.27
C LEU E 32 9.76 -49.89 29.62
N GLY E 33 11.08 -49.68 29.67
CA GLY E 33 11.91 -49.80 30.87
C GLY E 33 12.89 -50.95 30.76
N GLN E 34 14.06 -50.70 30.14
CA GLN E 34 15.16 -51.68 29.95
C GLN E 34 16.50 -50.98 30.20
N ASN E 39 18.36 -39.05 38.68
CA ASN E 39 17.94 -38.88 40.09
C ASN E 39 18.75 -37.74 40.74
N THR E 40 19.01 -36.66 39.99
CA THR E 40 19.88 -35.52 40.42
C THR E 40 19.12 -34.21 40.16
N THR E 41 19.34 -33.20 41.01
CA THR E 41 18.65 -31.88 40.99
C THR E 41 19.67 -30.77 40.72
N ALA E 42 19.44 -29.97 39.66
CA ALA E 42 20.20 -28.76 39.30
C ALA E 42 21.69 -29.07 39.13
N SER E 43 22.02 -30.26 38.60
CA SER E 43 23.39 -30.71 38.25
C SER E 43 23.38 -31.21 36.81
N SER E 44 22.90 -30.38 35.88
CA SER E 44 22.70 -30.69 34.45
C SER E 44 24.06 -30.75 33.74
N ILE E 45 24.14 -31.55 32.66
CA ILE E 45 25.34 -31.69 31.79
C ILE E 45 24.91 -31.56 30.32
N ILE E 46 25.82 -31.12 29.46
CA ILE E 46 25.63 -31.07 27.97
C ILE E 46 26.19 -32.38 27.39
N ARG E 47 25.31 -33.25 26.90
CA ARG E 47 25.67 -34.56 26.30
C ARG E 47 26.10 -34.33 24.84
N THR E 48 27.26 -34.87 24.46
CA THR E 48 27.84 -34.76 23.09
C THR E 48 27.41 -35.97 22.25
N LEU E 49 27.62 -35.91 20.93
CA LEU E 49 27.32 -37.01 19.98
C LEU E 49 28.43 -38.07 20.08
N SER E 50 28.06 -39.35 20.09
CA SER E 50 28.98 -40.51 20.23
C SER E 50 29.26 -41.12 18.85
N ASP E 51 30.55 -41.29 18.52
CA ASP E 51 31.05 -41.95 17.28
C ASP E 51 30.49 -41.21 16.05
N PHE E 52 30.49 -39.88 16.08
CA PHE E 52 30.00 -39.01 14.97
C PHE E 52 31.19 -38.32 14.29
N ASP E 53 31.14 -38.24 12.95
CA ASP E 53 32.08 -37.46 12.10
C ASP E 53 31.46 -37.27 10.72
N GLY E 54 31.17 -36.02 10.34
CA GLY E 54 30.53 -35.66 9.06
C GLY E 54 31.53 -35.49 7.94
N ALA E 55 32.39 -36.50 7.72
CA ALA E 55 33.42 -36.54 6.66
C ALA E 55 32.77 -36.97 5.34
N LYS E 56 31.88 -37.97 5.39
CA LYS E 56 31.15 -38.52 4.22
C LYS E 56 30.18 -37.47 3.66
N TYR E 57 29.53 -36.70 4.55
CA TYR E 57 28.44 -35.75 4.21
C TYR E 57 29.01 -34.42 3.70
N ILE E 58 29.84 -33.80 4.54
CA ILE E 58 30.38 -32.43 4.32
C ILE E 58 31.84 -32.44 3.87
N ASN E 59 32.15 -31.64 2.86
CA ASN E 59 33.51 -31.48 2.31
C ASN E 59 34.34 -30.74 3.35
N ASN E 60 35.61 -31.07 3.47
CA ASN E 60 36.56 -30.52 4.50
C ASN E 60 36.76 -29.02 4.35
N ARG E 61 36.81 -28.53 3.13
CA ARG E 61 37.03 -27.09 2.90
C ARG E 61 35.83 -26.31 3.47
N LEU E 62 34.64 -26.83 3.24
CA LEU E 62 33.40 -26.21 3.75
C LEU E 62 33.32 -26.29 5.27
N ARG E 63 33.75 -27.38 5.89
CA ARG E 63 33.65 -27.55 7.36
C ARG E 63 34.48 -26.50 8.09
N ARG E 64 35.61 -26.09 7.56
CA ARG E 64 36.44 -25.08 8.25
C ARG E 64 35.68 -23.76 8.39
N LYS E 65 34.93 -23.36 7.37
CA LYS E 65 34.19 -22.08 7.32
C LYS E 65 33.05 -22.02 8.34
N ILE E 66 32.35 -23.14 8.53
CA ILE E 66 31.08 -23.20 9.31
C ILE E 66 31.21 -23.84 10.70
N ASP E 67 30.27 -23.49 11.57
CA ASP E 67 30.14 -23.98 12.97
C ASP E 67 29.57 -25.39 12.97
N GLU E 68 29.69 -26.08 14.10
CA GLU E 68 29.22 -27.49 14.19
C GLU E 68 27.70 -27.57 14.20
N PHE E 69 26.99 -26.47 14.53
CA PHE E 69 25.50 -26.42 14.52
C PHE E 69 25.00 -26.49 13.08
N SER E 70 25.75 -25.90 12.14
CA SER E 70 25.49 -25.98 10.67
C SER E 70 25.84 -27.39 10.15
N VAL E 71 26.88 -28.02 10.72
CA VAL E 71 27.33 -29.39 10.38
C VAL E 71 26.21 -30.39 10.72
N TYR E 72 25.64 -30.29 11.92
CA TYR E 72 24.57 -31.19 12.44
C TYR E 72 23.30 -31.05 11.58
N GLY E 73 23.01 -29.84 11.11
CA GLY E 73 21.85 -29.53 10.26
C GLY E 73 21.94 -30.18 8.88
N ILE E 74 23.12 -30.12 8.26
CA ILE E 74 23.38 -30.60 6.87
C ILE E 74 23.26 -32.14 6.82
N VAL E 75 23.83 -32.84 7.81
CA VAL E 75 23.83 -34.33 7.88
C VAL E 75 22.39 -34.83 8.07
N ALA E 76 21.58 -34.10 8.84
CA ALA E 76 20.16 -34.43 9.14
C ALA E 76 19.31 -34.29 7.86
N VAL E 77 19.57 -33.25 7.06
CA VAL E 77 18.83 -32.95 5.81
C VAL E 77 19.12 -34.03 4.77
N GLU E 78 20.39 -34.46 4.66
CA GLU E 78 20.84 -35.50 3.70
C GLU E 78 20.15 -36.82 4.04
N MET E 79 20.10 -37.19 5.32
CA MET E 79 19.45 -38.42 5.84
C MET E 79 17.95 -38.37 5.54
N ALA E 80 17.33 -37.20 5.70
CA ALA E 80 15.89 -36.96 5.50
C ALA E 80 15.53 -37.02 4.01
N LEU E 81 16.41 -36.50 3.14
CA LEU E 81 16.22 -36.47 1.67
C LEU E 81 16.40 -37.88 1.08
N LYS E 82 17.27 -38.70 1.69
CA LYS E 82 17.53 -40.10 1.24
C LYS E 82 16.32 -40.98 1.61
N ALA E 83 15.69 -40.72 2.77
CA ALA E 83 14.50 -41.45 3.26
C ALA E 83 13.29 -41.15 2.37
N SER E 84 13.20 -39.91 1.85
CA SER E 84 12.07 -39.42 1.02
C SER E 84 12.11 -40.04 -0.39
N ARG E 85 13.31 -40.30 -0.92
CA ARG E 85 13.56 -40.83 -2.29
C ARG E 85 13.04 -39.81 -3.32
N LEU E 86 13.43 -38.54 -3.16
CA LEU E 86 12.85 -37.40 -3.92
C LEU E 86 13.51 -37.27 -5.29
N ASP E 87 14.82 -37.54 -5.40
CA ASP E 87 15.65 -37.26 -6.60
C ASP E 87 15.81 -35.75 -6.71
N VAL E 88 16.81 -35.19 -6.00
CA VAL E 88 16.99 -33.73 -5.77
C VAL E 88 17.40 -33.02 -7.07
N ASP E 89 18.09 -33.73 -7.98
CA ASP E 89 18.59 -33.16 -9.26
C ASP E 89 17.42 -32.79 -10.18
N LYS E 90 16.33 -33.56 -10.14
CA LYS E 90 15.14 -33.40 -11.04
C LYS E 90 14.14 -32.41 -10.43
N LEU E 91 14.20 -32.16 -9.12
CA LEU E 91 13.32 -31.18 -8.42
C LEU E 91 13.61 -29.76 -8.94
N ASP E 92 12.56 -28.98 -9.16
CA ASP E 92 12.65 -27.55 -9.55
C ASP E 92 13.15 -26.76 -8.33
N PRO E 93 14.28 -26.02 -8.44
CA PRO E 93 14.86 -25.34 -7.27
C PRO E 93 13.98 -24.23 -6.70
N ASN E 94 13.09 -23.65 -7.52
CA ASN E 94 12.19 -22.53 -7.16
C ASN E 94 10.99 -23.03 -6.35
N ARG E 95 10.81 -24.36 -6.23
CA ARG E 95 9.64 -24.99 -5.55
C ARG E 95 10.10 -25.82 -4.35
N VAL E 96 11.31 -25.57 -3.83
CA VAL E 96 11.85 -26.23 -2.60
C VAL E 96 12.46 -25.16 -1.69
N GLY E 97 12.02 -25.11 -0.43
CA GLY E 97 12.46 -24.12 0.58
C GLY E 97 13.05 -24.81 1.81
N ILE E 98 13.71 -24.03 2.68
CA ILE E 98 14.42 -24.51 3.89
C ILE E 98 13.97 -23.67 5.09
N TYR E 99 13.27 -24.30 6.05
CA TYR E 99 12.87 -23.68 7.34
C TYR E 99 13.74 -24.27 8.47
N VAL E 100 14.26 -23.40 9.34
CA VAL E 100 15.26 -23.77 10.40
C VAL E 100 14.84 -23.15 11.73
N GLY E 101 15.03 -23.88 12.83
CA GLY E 101 14.92 -23.41 14.22
C GLY E 101 16.27 -23.47 14.92
N ASN E 102 16.75 -22.34 15.44
CA ASN E 102 18.08 -22.24 16.12
C ASN E 102 18.07 -21.03 17.05
N CYS E 103 18.41 -21.24 18.33
CA CYS E 103 18.29 -20.26 19.44
C CYS E 103 19.67 -19.66 19.80
N PHE E 104 20.70 -20.49 19.92
CA PHE E 104 22.02 -20.12 20.51
C PHE E 104 23.04 -19.71 19.43
N GLY E 105 22.90 -20.22 18.20
CA GLY E 105 23.79 -19.89 17.07
C GLY E 105 25.00 -20.80 17.03
N GLY E 106 26.17 -20.25 16.65
CA GLY E 106 27.43 -21.00 16.49
C GLY E 106 28.61 -20.30 17.14
N TRP E 107 28.71 -20.39 18.48
CA TRP E 107 29.74 -19.70 19.30
C TRP E 107 31.09 -20.40 19.19
N GLN E 108 31.11 -21.73 19.09
CA GLN E 108 32.35 -22.56 19.09
C GLN E 108 33.33 -22.03 18.04
N HIS E 109 32.83 -21.65 16.86
CA HIS E 109 33.65 -21.24 15.68
C HIS E 109 34.30 -19.87 15.92
N ILE E 110 33.64 -18.97 16.68
CA ILE E 110 34.03 -17.53 16.78
C ILE E 110 34.62 -17.20 18.17
N GLU E 111 34.32 -18.00 19.20
CA GLU E 111 34.59 -17.64 20.63
C GLU E 111 36.03 -17.17 20.82
N ASP E 112 37.01 -17.92 20.30
CA ASP E 112 38.47 -17.62 20.48
C ASP E 112 38.83 -16.33 19.74
N GLU E 113 38.21 -16.08 18.57
CA GLU E 113 38.44 -14.86 17.74
C GLU E 113 37.88 -13.63 18.46
N VAL E 114 36.78 -13.79 19.21
CA VAL E 114 36.12 -12.69 19.98
C VAL E 114 37.04 -12.28 21.15
N LYS E 115 37.69 -13.26 21.79
CA LYS E 115 38.64 -13.04 22.92
C LYS E 115 39.90 -12.33 22.39
N ALA E 116 40.41 -12.78 21.24
CA ALA E 116 41.63 -12.25 20.58
C ALA E 116 41.42 -10.80 20.12
N LEU E 117 40.18 -10.43 19.81
CA LEU E 117 39.80 -9.08 19.28
C LEU E 117 40.20 -8.00 20.29
N HIS E 118 39.99 -8.25 21.59
CA HIS E 118 40.20 -7.27 22.69
C HIS E 118 41.68 -7.23 23.11
N ILE E 119 42.47 -8.25 22.77
CA ILE E 119 43.93 -8.35 23.10
C ILE E 119 44.74 -7.83 21.91
N GLU E 120 44.63 -8.51 20.77
CA GLU E 120 45.44 -8.23 19.54
C GLU E 120 44.83 -7.07 18.77
N GLY E 121 43.54 -7.16 18.45
CA GLY E 121 42.81 -6.20 17.59
C GLY E 121 42.12 -6.91 16.44
N ILE E 122 41.84 -6.20 15.34
CA ILE E 122 41.14 -6.73 14.13
C ILE E 122 41.97 -7.86 13.50
N LYS E 123 43.29 -7.85 13.67
CA LYS E 123 44.24 -8.86 13.13
C LYS E 123 43.94 -10.25 13.72
N GLY E 124 43.31 -10.31 14.91
CA GLY E 124 42.95 -11.55 15.61
C GLY E 124 41.58 -12.10 15.21
N MET E 125 40.93 -11.48 14.21
CA MET E 125 39.59 -11.92 13.69
C MET E 125 39.71 -12.28 12.20
N GLY E 126 39.06 -13.38 11.80
CA GLY E 126 39.00 -13.87 10.41
C GLY E 126 37.73 -13.40 9.71
N PRO E 127 37.58 -13.67 8.39
CA PRO E 127 36.43 -13.18 7.62
C PRO E 127 35.14 -14.01 7.77
N TYR E 128 35.18 -15.16 8.44
CA TYR E 128 34.05 -16.12 8.54
C TYR E 128 33.28 -15.95 9.86
N VAL E 129 33.60 -14.94 10.66
CA VAL E 129 32.88 -14.71 11.95
C VAL E 129 31.47 -14.20 11.65
N ALA E 130 31.33 -13.42 10.58
CA ALA E 130 30.04 -12.82 10.20
C ALA E 130 29.12 -13.82 9.51
N THR E 131 29.67 -14.96 9.10
CA THR E 131 28.83 -15.98 8.48
C THR E 131 28.70 -17.21 9.39
N ALA E 132 29.71 -17.51 10.16
CA ALA E 132 29.70 -18.74 11.00
C ALA E 132 28.74 -18.71 12.20
N TRP E 133 28.69 -17.61 12.94
CA TRP E 133 27.86 -17.51 14.16
C TRP E 133 26.35 -17.40 13.93
N PHE E 134 25.91 -16.60 12.96
CA PHE E 134 24.47 -16.28 12.82
C PHE E 134 23.60 -17.50 12.55
N PRO E 135 22.42 -17.56 13.19
CA PRO E 135 21.52 -18.69 13.08
C PRO E 135 21.06 -19.02 11.65
N ALA E 136 20.93 -18.01 10.81
CA ALA E 136 20.46 -18.15 9.42
C ALA E 136 21.60 -18.71 8.58
N ALA E 137 22.72 -19.03 9.22
CA ALA E 137 23.89 -19.64 8.53
C ALA E 137 23.47 -20.95 7.87
N LEU E 138 22.87 -21.86 8.65
CA LEU E 138 22.45 -23.23 8.20
C LEU E 138 21.51 -23.10 6.99
N GLN E 139 20.53 -22.20 7.06
CA GLN E 139 19.57 -21.90 5.97
C GLN E 139 20.32 -21.68 4.67
N GLY E 140 21.31 -20.76 4.69
CA GLY E 140 22.13 -20.39 3.52
C GLY E 140 22.99 -21.54 3.02
N GLN E 141 23.74 -22.18 3.94
CA GLN E 141 24.69 -23.28 3.61
C GLN E 141 23.95 -24.40 2.86
N LEU E 142 22.71 -24.72 3.27
CA LEU E 142 21.85 -25.74 2.63
C LEU E 142 21.47 -25.28 1.22
N SER E 143 21.14 -24.00 1.04
CA SER E 143 20.72 -23.40 -0.25
C SER E 143 21.88 -23.43 -1.26
N LEU E 144 23.13 -23.37 -0.79
CA LEU E 144 24.35 -23.45 -1.65
C LEU E 144 24.53 -24.90 -2.11
N LEU E 145 24.37 -25.88 -1.21
CA LEU E 145 24.64 -27.32 -1.47
C LEU E 145 23.60 -27.90 -2.43
N TYR E 146 22.31 -27.65 -2.18
CA TYR E 146 21.17 -28.29 -2.90
C TYR E 146 20.58 -27.33 -3.95
N GLY E 147 20.86 -26.02 -3.85
CA GLY E 147 20.41 -25.01 -4.82
C GLY E 147 18.94 -24.63 -4.63
N PHE E 148 18.36 -24.93 -3.47
CA PHE E 148 16.94 -24.65 -3.13
C PHE E 148 16.73 -23.14 -3.02
N SER E 149 15.75 -22.61 -3.76
CA SER E 149 15.58 -21.16 -4.07
C SER E 149 14.23 -20.61 -3.60
N ALA E 150 13.32 -21.45 -3.09
CA ALA E 150 11.98 -21.03 -2.62
C ALA E 150 12.08 -20.37 -1.24
N GLN E 151 10.98 -19.77 -0.78
CA GLN E 151 10.88 -19.04 0.52
C GLN E 151 11.51 -19.89 1.64
N SER E 152 12.53 -19.34 2.31
CA SER E 152 13.33 -20.01 3.37
C SER E 152 13.47 -19.06 4.57
N LYS E 153 13.10 -19.50 5.77
CA LYS E 153 13.12 -18.68 7.01
C LYS E 153 13.89 -19.41 8.12
N THR E 154 14.45 -18.64 9.05
CA THR E 154 15.15 -19.10 10.27
C THR E 154 14.46 -18.45 11.48
N PHE E 155 13.95 -19.26 12.41
CA PHE E 155 13.32 -18.81 13.68
C PHE E 155 14.31 -19.01 14.83
N SER E 156 14.41 -18.02 15.71
CA SER E 156 15.25 -18.03 16.93
C SER E 156 14.40 -17.69 18.16
N THR E 157 13.09 -17.96 18.09
CA THR E 157 12.15 -17.82 19.24
C THR E 157 12.51 -18.85 20.30
N SER E 158 12.90 -18.40 21.49
CA SER E 158 13.44 -19.23 22.59
C SER E 158 12.55 -20.45 22.83
N ASP E 159 13.13 -21.66 22.68
CA ASP E 159 12.54 -22.98 23.06
C ASP E 159 11.63 -23.51 21.94
N VAL E 160 10.85 -22.66 21.27
CA VAL E 160 9.77 -23.08 20.31
C VAL E 160 10.17 -22.73 18.87
N ALA E 161 11.45 -22.42 18.62
CA ALA E 161 11.98 -22.04 17.28
C ALA E 161 11.70 -23.14 16.26
N GLY E 162 11.99 -24.39 16.62
CA GLY E 162 11.86 -25.57 15.73
C GLY E 162 10.40 -25.90 15.42
N MET E 163 9.51 -25.75 16.41
CA MET E 163 8.05 -26.02 16.28
C MET E 163 7.45 -25.03 15.27
N GLN E 164 7.85 -23.75 15.36
CA GLN E 164 7.40 -22.67 14.43
C GLN E 164 7.93 -22.95 13.02
N ALA E 165 9.17 -23.44 12.92
CA ALA E 165 9.85 -23.79 11.64
C ALA E 165 9.02 -24.82 10.87
N ILE E 166 8.51 -25.86 11.54
CA ILE E 166 7.70 -26.96 10.92
C ILE E 166 6.33 -26.40 10.52
N GLY E 167 5.67 -25.68 11.44
CA GLY E 167 4.30 -25.15 11.28
C GLY E 167 4.18 -24.20 10.12
N TYR E 168 5.09 -23.23 10.01
CA TYR E 168 5.07 -22.15 8.99
C TYR E 168 5.63 -22.65 7.66
N ALA E 169 6.36 -23.77 7.66
CA ALA E 169 6.80 -24.51 6.46
C ALA E 169 5.59 -25.23 5.83
N ALA E 170 4.72 -25.79 6.67
CA ALA E 170 3.46 -26.46 6.26
C ALA E 170 2.48 -25.42 5.71
N GLU E 171 2.39 -24.26 6.37
CA GLU E 171 1.52 -23.12 5.95
C GLU E 171 1.96 -22.63 4.56
N ALA E 172 3.27 -22.59 4.30
CA ALA E 172 3.88 -22.17 3.02
C ALA E 172 3.42 -23.11 1.89
N ILE E 173 3.41 -24.42 2.15
CA ILE E 173 2.95 -25.47 1.18
C ILE E 173 1.43 -25.33 0.99
N SER E 174 0.69 -25.10 2.09
CA SER E 174 -0.78 -24.89 2.10
C SER E 174 -1.16 -23.72 1.17
N ASN E 175 -0.44 -22.61 1.26
CA ASN E 175 -0.65 -21.39 0.44
C ASN E 175 -0.11 -21.62 -0.98
N GLY E 176 0.90 -22.48 -1.12
CA GLY E 176 1.40 -22.99 -2.41
C GLY E 176 2.53 -22.14 -2.98
N VAL E 177 3.52 -21.78 -2.15
CA VAL E 177 4.75 -21.06 -2.58
C VAL E 177 5.87 -22.07 -2.84
N ALA E 178 5.68 -23.34 -2.45
CA ALA E 178 6.63 -24.45 -2.69
C ALA E 178 5.91 -25.80 -2.52
N GLU E 179 6.37 -26.82 -3.26
CA GLU E 179 5.84 -28.22 -3.19
C GLU E 179 6.55 -28.96 -2.04
N VAL E 180 7.88 -28.86 -1.96
CA VAL E 180 8.72 -29.54 -0.93
C VAL E 180 9.26 -28.48 0.04
N MET E 181 9.49 -28.88 1.30
CA MET E 181 10.07 -28.02 2.37
C MET E 181 10.96 -28.88 3.29
N LEU E 182 12.19 -28.41 3.54
CA LEU E 182 13.13 -29.03 4.51
C LEU E 182 13.04 -28.23 5.83
N CYS E 183 12.06 -28.56 6.68
CA CYS E 183 11.81 -27.91 7.99
C CYS E 183 12.42 -28.74 9.12
N GLY E 184 13.06 -28.08 10.08
CA GLY E 184 13.73 -28.74 11.22
C GLY E 184 14.48 -27.74 12.09
N ALA E 185 15.44 -28.24 12.88
CA ALA E 185 16.21 -27.46 13.86
C ALA E 185 17.57 -28.11 14.12
N SER E 186 18.50 -27.34 14.68
CA SER E 186 19.87 -27.78 15.06
C SER E 186 20.39 -26.91 16.20
N GLU E 187 21.21 -27.50 17.09
CA GLU E 187 21.83 -26.81 18.25
C GLU E 187 23.22 -27.40 18.54
N HIS E 188 24.18 -26.53 18.88
CA HIS E 188 25.51 -26.89 19.44
C HIS E 188 25.70 -26.17 20.77
N LEU E 189 25.86 -26.92 21.87
CA LEU E 189 25.88 -26.39 23.26
C LEU E 189 27.20 -26.71 23.95
N SER E 190 28.20 -27.24 23.22
CA SER E 190 29.48 -27.75 23.76
C SER E 190 30.56 -26.67 23.79
N SER E 191 30.29 -25.49 23.19
CA SER E 191 31.23 -24.34 23.18
C SER E 191 31.38 -23.80 24.60
N PRO E 192 32.61 -23.56 25.09
CA PRO E 192 32.85 -23.21 26.50
C PRO E 192 31.95 -22.11 27.08
N LEU E 193 31.54 -21.12 26.28
CA LEU E 193 30.68 -19.99 26.72
C LEU E 193 29.30 -20.53 27.12
N VAL E 194 28.59 -21.17 26.19
CA VAL E 194 27.18 -21.64 26.39
C VAL E 194 27.18 -22.90 27.27
N LYS E 195 28.25 -23.70 27.26
CA LYS E 195 28.38 -24.94 28.06
C LYS E 195 28.38 -24.57 29.56
N ASN E 196 29.21 -23.59 29.94
CA ASN E 196 29.32 -23.08 31.33
C ASN E 196 28.04 -22.33 31.71
N LEU E 197 27.37 -21.70 30.74
CA LEU E 197 26.12 -20.90 30.94
C LEU E 197 24.97 -21.83 31.35
N LEU E 198 24.78 -22.94 30.62
CA LEU E 198 23.65 -23.89 30.81
C LEU E 198 23.85 -24.68 32.12
N GLU E 199 25.07 -25.12 32.40
CA GLU E 199 25.43 -25.93 33.61
C GLU E 199 25.14 -25.13 34.89
N LYS E 200 25.25 -23.80 34.84
CA LYS E 200 25.14 -22.90 36.02
C LYS E 200 23.70 -22.42 36.21
N THR E 201 23.16 -21.69 35.23
CA THR E 201 21.98 -20.80 35.38
C THR E 201 20.70 -21.43 34.81
N SER E 202 20.77 -22.02 33.61
CA SER E 202 19.59 -22.43 32.79
C SER E 202 18.61 -23.27 33.61
N SER E 203 19.09 -24.34 34.26
CA SER E 203 18.28 -25.34 35.01
C SER E 203 17.61 -24.68 36.23
N GLN E 204 18.29 -23.72 36.86
CA GLN E 204 17.85 -23.04 38.12
C GLN E 204 16.79 -21.97 37.82
N LYS E 205 16.73 -21.46 36.59
CA LYS E 205 15.82 -20.37 36.16
C LYS E 205 14.38 -20.89 36.15
N HIS E 206 13.46 -20.18 36.81
CA HIS E 206 12.01 -20.51 36.89
C HIS E 206 11.25 -19.67 35.84
N SER E 207 10.09 -20.16 35.40
CA SER E 207 9.16 -19.48 34.46
C SER E 207 8.09 -18.72 35.25
N GLU E 208 7.85 -17.45 34.92
CA GLU E 208 6.83 -16.58 35.56
C GLU E 208 5.44 -17.09 35.23
N VAL E 209 5.27 -17.75 34.07
CA VAL E 209 3.96 -18.25 33.55
C VAL E 209 3.80 -19.74 33.92
N PHE E 210 4.80 -20.58 33.63
CA PHE E 210 4.71 -22.05 33.69
C PHE E 210 5.27 -22.60 35.02
N GLY E 211 6.01 -21.78 35.78
CA GLY E 211 6.48 -22.13 37.13
C GLY E 211 7.84 -22.82 37.13
N GLU E 212 8.03 -23.81 38.00
CA GLU E 212 9.35 -24.45 38.30
C GLU E 212 9.68 -25.48 37.21
N LYS E 213 10.98 -25.65 36.92
CA LYS E 213 11.52 -26.63 35.94
C LYS E 213 11.72 -27.99 36.62
N GLN E 214 11.45 -29.07 35.89
CA GLN E 214 11.82 -30.46 36.26
C GLN E 214 13.32 -30.63 36.03
N PRO E 215 14.08 -31.27 36.96
CA PRO E 215 15.51 -31.49 36.75
C PRO E 215 15.78 -32.37 35.52
N GLY E 216 16.75 -31.97 34.69
CA GLY E 216 17.11 -32.69 33.45
C GLY E 216 18.42 -32.18 32.87
N ASP E 217 19.05 -32.98 32.01
CA ASP E 217 20.31 -32.65 31.31
C ASP E 217 19.98 -31.86 30.04
N PHE E 218 21.01 -31.44 29.30
CA PHE E 218 20.92 -30.83 27.95
C PHE E 218 21.61 -31.76 26.94
N SER E 219 21.17 -31.73 25.69
CA SER E 219 21.74 -32.52 24.56
C SER E 219 21.85 -31.62 23.32
N GLU E 220 22.92 -31.83 22.53
CA GLU E 220 23.17 -31.11 21.25
C GLU E 220 22.92 -32.10 20.10
N GLY E 221 22.61 -31.57 18.91
CA GLY E 221 22.31 -32.36 17.70
C GLY E 221 21.37 -31.61 16.77
N ALA E 222 20.60 -32.33 15.96
CA ALA E 222 19.68 -31.77 14.95
C ALA E 222 18.55 -32.77 14.64
N ALA E 223 17.44 -32.26 14.10
CA ALA E 223 16.27 -33.03 13.62
C ALA E 223 15.63 -32.27 12.45
N PHE E 224 15.28 -32.98 11.38
CA PHE E 224 14.68 -32.39 10.15
C PHE E 224 13.61 -33.34 9.59
N LEU E 225 12.56 -32.74 9.02
CA LEU E 225 11.48 -33.44 8.29
C LEU E 225 11.43 -32.92 6.86
N VAL E 226 11.12 -33.79 5.89
CA VAL E 226 10.79 -33.41 4.48
C VAL E 226 9.28 -33.29 4.37
N LEU E 227 8.73 -32.09 4.64
CA LEU E 227 7.30 -31.76 4.36
C LEU E 227 7.11 -31.70 2.85
N GLU E 228 5.95 -32.15 2.37
CA GLU E 228 5.63 -32.26 0.92
C GLU E 228 4.13 -32.09 0.73
N GLU E 229 3.73 -31.50 -0.40
CA GLU E 229 2.30 -31.34 -0.79
C GLU E 229 1.72 -32.74 -1.06
N ARG E 230 0.50 -33.00 -0.59
CA ARG E 230 -0.13 -34.34 -0.53
C ARG E 230 -0.19 -34.97 -1.92
N GLN E 231 -0.62 -34.21 -2.94
CA GLN E 231 -0.78 -34.68 -4.34
C GLN E 231 0.60 -34.93 -4.97
N HIS E 232 1.57 -34.06 -4.70
CA HIS E 232 2.97 -34.17 -5.19
C HIS E 232 3.58 -35.48 -4.71
N ALA E 233 3.31 -35.88 -3.46
CA ALA E 233 3.82 -37.11 -2.81
C ALA E 233 3.13 -38.35 -3.41
N LEU E 234 1.81 -38.28 -3.61
CA LEU E 234 0.98 -39.41 -4.11
C LEU E 234 1.33 -39.71 -5.58
N GLU E 235 1.60 -38.67 -6.38
CA GLU E 235 1.85 -38.78 -7.84
C GLU E 235 3.17 -39.53 -8.10
N ARG E 236 4.21 -39.26 -7.32
CA ARG E 236 5.57 -39.86 -7.49
C ARG E 236 5.64 -41.22 -6.76
N GLY E 237 4.57 -41.62 -6.07
CA GLY E 237 4.47 -42.92 -5.38
C GLY E 237 5.37 -42.99 -4.16
N ALA E 238 5.36 -41.95 -3.33
CA ALA E 238 6.24 -41.79 -2.15
C ALA E 238 5.71 -42.64 -0.99
N SER E 239 6.61 -43.11 -0.13
CA SER E 239 6.30 -43.81 1.15
C SER E 239 5.95 -42.76 2.21
N ILE E 240 4.69 -42.32 2.24
CA ILE E 240 4.18 -41.23 3.13
C ILE E 240 4.16 -41.77 4.57
N LEU E 241 4.93 -41.15 5.47
CA LEU E 241 5.01 -41.52 6.91
C LEU E 241 3.70 -41.14 7.60
N CYS E 242 3.34 -39.85 7.56
CA CYS E 242 2.13 -39.28 8.22
C CYS E 242 1.71 -37.98 7.53
N GLU E 243 0.53 -37.46 7.90
CA GLU E 243 -0.04 -36.18 7.40
C GLU E 243 -0.02 -35.15 8.54
N LEU E 244 0.50 -33.95 8.28
CA LEU E 244 0.47 -32.80 9.23
C LEU E 244 -0.92 -32.16 9.16
N THR E 245 -1.76 -32.44 10.16
CA THR E 245 -3.22 -32.13 10.15
C THR E 245 -3.50 -30.81 10.89
N GLY E 246 -2.63 -30.38 11.81
CA GLY E 246 -2.87 -29.19 12.64
C GLY E 246 -1.60 -28.54 13.14
N PHE E 247 -1.64 -27.22 13.36
CA PHE E 247 -0.55 -26.39 13.94
C PHE E 247 -1.17 -25.29 14.81
N VAL E 248 -0.62 -25.10 16.02
CA VAL E 248 -1.04 -24.06 17.01
C VAL E 248 0.19 -23.25 17.41
N ASP E 249 0.10 -21.92 17.34
CA ASP E 249 1.19 -20.98 17.72
C ASP E 249 0.57 -19.78 18.45
N TYR E 250 0.49 -19.87 19.79
CA TYR E 250 -0.11 -18.85 20.67
C TYR E 250 0.86 -18.51 21.81
N PHE E 251 0.55 -17.43 22.55
CA PHE E 251 1.38 -16.88 23.65
C PHE E 251 0.48 -16.62 24.87
N ALA E 252 1.08 -16.65 26.06
CA ALA E 252 0.40 -16.44 27.37
C ALA E 252 1.16 -15.37 28.16
N PRO E 253 0.70 -14.09 28.16
CA PRO E 253 1.34 -13.05 28.94
C PRO E 253 1.22 -13.25 30.46
N ASP E 254 0.16 -13.93 30.92
CA ASP E 254 -0.12 -14.21 32.35
C ASP E 254 -0.65 -15.65 32.50
N LYS E 255 -0.88 -16.08 33.74
CA LYS E 255 -1.29 -17.47 34.09
C LYS E 255 -2.77 -17.71 33.74
N ASN E 256 -3.58 -16.65 33.71
CA ASN E 256 -5.04 -16.74 33.41
C ASN E 256 -5.25 -17.14 31.95
N THR E 257 -4.51 -16.50 31.03
CA THR E 257 -4.55 -16.78 29.56
C THR E 257 -3.88 -18.13 29.27
N ARG E 258 -2.84 -18.48 30.04
CA ARG E 258 -2.04 -19.73 29.88
C ARG E 258 -2.99 -20.95 29.79
N ASN E 259 -3.84 -21.12 30.79
CA ASN E 259 -4.79 -22.27 30.93
C ASN E 259 -5.80 -22.24 29.77
N ASN E 260 -6.24 -21.05 29.35
CA ASN E 260 -7.21 -20.86 28.24
C ASN E 260 -6.55 -21.23 26.90
N THR E 261 -5.24 -21.00 26.76
CA THR E 261 -4.45 -21.26 25.53
C THR E 261 -4.31 -22.77 25.29
N LEU E 262 -4.32 -23.58 26.35
CA LEU E 262 -4.16 -25.06 26.29
C LEU E 262 -5.40 -25.71 25.64
N GLU E 263 -6.53 -25.00 25.62
CA GLU E 263 -7.80 -25.49 25.01
C GLU E 263 -7.69 -25.55 23.48
N TYR E 264 -6.77 -24.77 22.90
CA TYR E 264 -6.48 -24.76 21.43
C TYR E 264 -5.64 -25.98 21.04
N THR E 265 -4.81 -26.48 21.97
CA THR E 265 -4.07 -27.76 21.84
C THR E 265 -5.09 -28.91 21.86
N ALA E 266 -6.14 -28.79 22.68
CA ALA E 266 -7.22 -29.79 22.84
C ALA E 266 -8.07 -29.85 21.56
N GLU E 267 -8.19 -28.72 20.84
CA GLU E 267 -8.98 -28.61 19.58
C GLU E 267 -8.33 -29.44 18.47
N LEU E 268 -7.01 -29.65 18.51
CA LEU E 268 -6.25 -30.42 17.49
C LEU E 268 -6.67 -31.89 17.50
N PHE E 269 -7.15 -32.40 18.63
CA PHE E 269 -7.56 -33.82 18.82
C PHE E 269 -8.78 -34.14 17.93
N ASN E 270 -9.75 -33.23 17.86
CA ASN E 270 -11.02 -33.41 17.09
C ASN E 270 -11.83 -34.52 17.77
N HIS E 271 -11.73 -34.62 19.10
CA HIS E 271 -12.43 -35.62 19.96
C HIS E 271 -12.01 -37.05 19.57
N ASN E 272 -10.75 -37.25 19.17
CA ASN E 272 -10.19 -38.59 18.83
C ASN E 272 -9.76 -39.28 20.14
N GLU E 273 -10.27 -40.50 20.37
CA GLU E 273 -9.97 -41.32 21.58
C GLU E 273 -8.71 -42.15 21.35
N ASN E 274 -8.29 -42.33 20.09
CA ASN E 274 -7.12 -43.15 19.70
C ASN E 274 -5.91 -42.23 19.45
N ALA E 275 -5.77 -41.16 20.24
CA ALA E 275 -4.71 -40.14 20.11
C ALA E 275 -3.70 -40.30 21.24
N VAL E 276 -2.40 -40.17 20.92
CA VAL E 276 -1.27 -40.19 21.89
C VAL E 276 -0.73 -38.76 22.00
N PHE E 277 -0.57 -38.26 23.23
CA PHE E 277 -0.12 -36.87 23.53
C PHE E 277 1.31 -36.88 24.08
N ILE E 278 2.24 -36.26 23.36
CA ILE E 278 3.65 -36.06 23.78
C ILE E 278 3.78 -34.68 24.45
N MET E 279 4.29 -34.65 25.69
CA MET E 279 4.36 -33.43 26.54
C MET E 279 5.63 -32.63 26.23
N ASP E 280 5.66 -31.37 26.67
CA ASP E 280 6.85 -30.48 26.66
C ASP E 280 7.93 -31.11 27.56
N GLY E 281 7.59 -31.38 28.82
CA GLY E 281 8.39 -32.17 29.77
C GLY E 281 9.44 -31.34 30.51
N ILE E 282 9.37 -30.00 30.41
CA ILE E 282 10.35 -29.07 31.04
C ILE E 282 9.86 -28.69 32.45
N TYR E 283 8.56 -28.43 32.61
CA TYR E 283 7.97 -27.82 33.84
C TYR E 283 7.07 -28.83 34.57
N ASP E 284 6.99 -28.66 35.90
CA ASP E 284 6.27 -29.57 36.84
C ASP E 284 4.75 -29.45 36.63
N ASP E 285 4.24 -28.22 36.48
CA ASP E 285 2.79 -27.89 36.51
C ASP E 285 2.09 -28.33 35.21
N GLU E 286 2.85 -28.68 34.17
CA GLU E 286 2.33 -28.98 32.80
C GLU E 286 1.16 -29.98 32.88
N LYS E 287 1.39 -31.15 33.49
CA LYS E 287 0.44 -32.30 33.47
C LYS E 287 -0.90 -31.88 34.10
N GLU E 288 -0.87 -31.07 35.17
CA GLU E 288 -2.07 -30.62 35.91
C GLU E 288 -2.94 -29.73 35.00
N ILE E 289 -2.33 -28.69 34.42
CA ILE E 289 -3.06 -27.61 33.66
C ILE E 289 -3.50 -28.15 32.28
N THR E 290 -2.71 -29.02 31.66
CA THR E 290 -3.01 -29.62 30.32
C THR E 290 -4.16 -30.62 30.46
N SER E 291 -4.13 -31.47 31.49
CA SER E 291 -5.15 -32.52 31.77
C SER E 291 -6.51 -31.88 32.10
N LYS E 292 -6.50 -30.69 32.72
CA LYS E 292 -7.72 -29.98 33.17
C LYS E 292 -8.40 -29.34 31.94
N ALA E 293 -7.63 -28.82 31.00
CA ALA E 293 -8.11 -28.27 29.70
C ALA E 293 -8.65 -29.41 28.83
N PHE E 294 -8.04 -30.60 28.94
CA PHE E 294 -8.46 -31.85 28.24
C PHE E 294 -9.75 -32.37 28.86
N SER E 295 -9.88 -32.26 30.18
CA SER E 295 -11.07 -32.69 30.98
C SER E 295 -12.29 -31.85 30.58
N ASN E 296 -12.10 -30.55 30.33
CA ASN E 296 -13.15 -29.59 29.92
C ASN E 296 -13.71 -29.96 28.54
N LYS E 297 -12.82 -30.37 27.62
CA LYS E 297 -13.14 -30.70 26.21
C LYS E 297 -13.55 -32.18 26.08
N GLU E 298 -13.46 -32.96 27.16
CA GLU E 298 -13.85 -34.39 27.23
C GLU E 298 -13.01 -35.19 26.23
N ILE E 299 -11.71 -35.36 26.52
CA ILE E 299 -10.72 -36.08 25.66
C ILE E 299 -10.14 -37.25 26.45
N LYS E 300 -10.20 -38.46 25.86
CA LYS E 300 -9.56 -39.70 26.39
C LYS E 300 -8.26 -39.92 25.62
N THR E 301 -7.11 -39.75 26.28
CA THR E 301 -5.76 -39.84 25.67
C THR E 301 -4.73 -40.32 26.70
N SER E 302 -3.61 -40.86 26.21
CA SER E 302 -2.44 -41.31 27.01
C SER E 302 -1.33 -40.26 26.93
N PHE E 303 -0.75 -39.89 28.08
CA PHE E 303 0.36 -38.92 28.21
C PHE E 303 1.70 -39.68 28.13
N ILE E 304 2.65 -39.15 27.36
CA ILE E 304 4.04 -39.70 27.20
C ILE E 304 5.04 -38.54 27.30
N ASN E 305 6.01 -38.66 28.22
CA ASN E 305 7.11 -37.68 28.42
C ASN E 305 8.40 -38.27 27.84
N LEU E 306 8.92 -37.68 26.77
CA LEU E 306 10.18 -38.10 26.09
C LEU E 306 11.36 -37.24 26.58
N ARG E 307 11.08 -36.14 27.28
CA ARG E 307 12.09 -35.11 27.64
C ARG E 307 13.12 -35.66 28.64
N PRO E 308 12.76 -36.48 29.66
CA PRO E 308 13.76 -37.08 30.53
C PRO E 308 14.73 -38.04 29.83
N TYR E 309 14.39 -38.53 28.63
CA TYR E 309 15.22 -39.44 27.81
C TYR E 309 15.99 -38.66 26.74
N LEU E 310 15.32 -37.75 26.02
CA LEU E 310 15.90 -36.96 24.89
C LEU E 310 16.57 -35.69 25.41
N ASP E 311 16.24 -35.23 26.62
CA ASP E 311 16.86 -34.06 27.30
C ASP E 311 16.40 -32.76 26.62
N ASN E 312 16.72 -31.61 27.23
CA ASN E 312 16.36 -30.26 26.75
C ASN E 312 17.33 -29.86 25.62
N GLN E 313 16.84 -29.82 24.38
CA GLN E 313 17.64 -29.48 23.17
C GLN E 313 17.18 -28.14 22.58
N PHE E 314 16.36 -27.39 23.32
CA PHE E 314 15.84 -26.04 22.94
C PHE E 314 15.04 -26.14 21.63
N SER E 315 15.63 -25.74 20.50
CA SER E 315 14.93 -25.66 19.18
C SER E 315 14.69 -27.07 18.62
N VAL E 316 15.61 -28.01 18.87
CA VAL E 316 15.53 -29.41 18.37
C VAL E 316 14.43 -30.15 19.15
N SER E 317 14.25 -29.82 20.43
CA SER E 317 13.14 -30.32 21.29
C SER E 317 11.81 -29.87 20.69
N GLY E 318 10.90 -30.81 20.42
CA GLY E 318 9.63 -30.58 19.70
C GLY E 318 9.73 -31.07 18.26
N VAL E 319 10.89 -30.87 17.62
CA VAL E 319 11.18 -31.37 16.24
C VAL E 319 11.55 -32.86 16.33
N ILE E 320 12.51 -33.20 17.20
CA ILE E 320 12.95 -34.60 17.46
C ILE E 320 11.72 -35.44 17.85
N ASP E 321 10.80 -34.86 18.63
CA ASP E 321 9.51 -35.49 19.03
C ASP E 321 8.66 -35.75 17.79
N SER E 322 8.59 -34.77 16.87
CA SER E 322 7.81 -34.82 15.61
C SER E 322 8.42 -35.85 14.65
N VAL E 323 9.76 -35.91 14.57
CA VAL E 323 10.51 -36.87 13.72
C VAL E 323 10.14 -38.30 14.14
N LEU E 324 10.22 -38.60 15.45
CA LEU E 324 9.92 -39.95 16.02
C LEU E 324 8.41 -40.23 15.89
N ALA E 325 7.56 -39.23 16.11
CA ALA E 325 6.08 -39.32 15.99
C ALA E 325 5.70 -39.72 14.56
N SER E 326 6.36 -39.14 13.56
CA SER E 326 6.19 -39.45 12.12
C SER E 326 6.61 -40.90 11.85
N SER E 327 7.68 -41.35 12.50
CA SER E 327 8.26 -42.72 12.36
C SER E 327 7.31 -43.76 12.96
N PHE E 328 6.64 -43.43 14.08
CA PHE E 328 5.67 -44.31 14.78
C PHE E 328 4.42 -44.52 13.90
N LEU E 329 3.92 -43.45 13.27
CA LEU E 329 2.67 -43.44 12.48
C LEU E 329 2.88 -44.11 11.11
N SER E 330 4.12 -44.39 10.72
CA SER E 330 4.48 -45.06 9.44
C SER E 330 4.53 -46.58 9.62
N GLU E 331 3.55 -47.15 10.35
CA GLU E 331 3.40 -48.60 10.64
C GLU E 331 4.71 -49.15 11.25
N SER E 332 5.29 -48.43 12.22
CA SER E 332 6.51 -48.81 12.96
C SER E 332 6.70 -47.89 14.18
N ASN E 348 -2.19 -49.30 17.60
CA ASN E 348 -3.60 -48.91 17.36
C ASN E 348 -3.77 -47.39 17.28
N THR E 349 -2.72 -46.60 17.56
CA THR E 349 -2.72 -45.11 17.51
C THR E 349 -2.78 -44.64 16.05
N ASN E 350 -3.64 -43.67 15.74
CA ASN E 350 -3.84 -43.10 14.38
C ASN E 350 -3.48 -41.60 14.36
N GLN E 351 -3.26 -40.98 15.53
CA GLN E 351 -2.92 -39.54 15.66
C GLN E 351 -1.95 -39.33 16.83
N ILE E 352 -0.92 -38.51 16.62
CA ILE E 352 0.05 -38.07 17.69
C ILE E 352 0.13 -36.53 17.67
N ILE E 353 -0.19 -35.89 18.79
CA ILE E 353 -0.13 -34.42 18.99
C ILE E 353 1.00 -34.12 19.98
N ILE E 354 1.89 -33.19 19.61
CA ILE E 354 3.13 -32.84 20.37
C ILE E 354 3.00 -31.40 20.89
N GLN E 355 3.22 -31.19 22.20
CA GLN E 355 3.17 -29.86 22.85
C GLN E 355 4.60 -29.42 23.21
N ARG E 356 4.85 -28.12 23.09
CA ARG E 356 6.15 -27.46 23.38
C ARG E 356 5.86 -26.00 23.74
N PHE E 357 6.38 -25.48 24.85
CA PHE E 357 6.25 -24.07 25.24
C PHE E 357 7.55 -23.56 25.88
N SER E 358 7.68 -22.23 25.94
CA SER E 358 8.92 -21.50 26.28
C SER E 358 8.88 -21.02 27.73
N ASN E 359 9.97 -20.37 28.17
CA ASN E 359 10.11 -19.74 29.51
C ASN E 359 9.19 -18.51 29.59
N GLN E 360 9.18 -17.68 28.52
CA GLN E 360 8.49 -16.37 28.49
C GLN E 360 6.97 -16.55 28.41
N GLY E 361 6.50 -17.68 27.85
CA GLY E 361 5.09 -18.10 27.93
C GLY E 361 4.45 -18.39 26.58
N HIS E 362 5.19 -19.01 25.65
CA HIS E 362 4.65 -19.51 24.35
C HIS E 362 3.75 -20.72 24.60
N VAL E 363 2.91 -21.08 23.63
CA VAL E 363 2.09 -22.33 23.61
C VAL E 363 2.03 -22.83 22.16
N CYS E 364 2.93 -23.76 21.81
CA CYS E 364 3.04 -24.35 20.45
C CYS E 364 2.63 -25.83 20.48
N ALA E 365 1.67 -26.21 19.65
CA ALA E 365 1.22 -27.60 19.43
C ALA E 365 1.29 -27.94 17.94
N LEU E 366 1.49 -29.22 17.62
CA LEU E 366 1.68 -29.73 16.24
C LEU E 366 1.05 -31.14 16.14
N SER E 367 0.11 -31.31 15.22
CA SER E 367 -0.69 -32.56 15.04
C SER E 367 -0.19 -33.35 13.82
N PHE E 368 0.02 -34.66 14.00
CA PHE E 368 0.37 -35.63 12.93
C PHE E 368 -0.62 -36.80 12.97
N SER E 369 -1.15 -37.19 11.81
CA SER E 369 -2.18 -38.25 11.65
C SER E 369 -1.67 -39.34 10.69
N ALA E 370 -2.12 -40.58 10.89
CA ALA E 370 -1.66 -41.80 10.17
C ALA E 370 -2.15 -41.76 8.71
N ILE E 371 -1.57 -42.64 7.88
CA ILE E 371 -1.88 -42.78 6.42
C ILE E 371 -1.51 -41.47 5.70
N GLN F 25 7.87 -46.18 -15.03
CA GLN F 25 6.67 -46.30 -15.92
C GLN F 25 6.83 -45.42 -17.17
N PRO F 26 7.21 -44.12 -17.06
CA PRO F 26 7.52 -43.32 -18.25
C PRO F 26 8.66 -43.93 -19.07
N ARG F 27 8.40 -44.22 -20.36
CA ARG F 27 9.31 -44.95 -21.27
C ARG F 27 9.92 -43.97 -22.29
N ARG F 28 11.19 -44.17 -22.63
CA ARG F 28 11.96 -43.31 -23.57
C ARG F 28 11.50 -43.59 -25.00
N VAL F 29 11.43 -42.55 -25.84
CA VAL F 29 11.01 -42.60 -27.27
C VAL F 29 12.25 -42.44 -28.15
N VAL F 30 12.38 -43.26 -29.20
CA VAL F 30 13.52 -43.25 -30.15
C VAL F 30 12.99 -43.34 -31.59
N VAL F 31 13.74 -42.77 -32.53
CA VAL F 31 13.42 -42.74 -33.99
C VAL F 31 14.15 -43.91 -34.66
N THR F 32 13.41 -44.83 -35.30
CA THR F 32 13.94 -46.07 -35.93
C THR F 32 13.85 -45.99 -37.46
N GLY F 33 12.97 -45.14 -38.01
CA GLY F 33 12.76 -44.99 -39.47
C GLY F 33 12.53 -43.55 -39.87
N LEU F 34 13.08 -43.15 -41.03
CA LEU F 34 12.92 -41.80 -41.62
C LEU F 34 12.41 -41.92 -43.06
N GLY F 35 11.41 -41.11 -43.41
CA GLY F 35 10.91 -40.93 -44.79
C GLY F 35 10.71 -39.46 -45.09
N VAL F 36 11.13 -39.01 -46.28
CA VAL F 36 11.11 -37.57 -46.67
C VAL F 36 10.80 -37.44 -48.17
N VAL F 37 9.86 -36.55 -48.50
CA VAL F 37 9.58 -36.04 -49.87
C VAL F 37 9.72 -34.52 -49.82
N ALA F 38 10.76 -33.96 -50.44
CA ALA F 38 11.15 -32.54 -50.34
C ALA F 38 11.83 -32.06 -51.62
N PRO F 39 11.79 -30.75 -51.93
CA PRO F 39 12.46 -30.20 -53.11
C PRO F 39 13.98 -30.47 -53.15
N THR F 40 14.62 -30.55 -51.98
CA THR F 40 16.07 -30.83 -51.84
C THR F 40 16.37 -32.30 -52.19
N GLY F 41 15.39 -33.18 -52.07
CA GLY F 41 15.52 -34.59 -52.47
C GLY F 41 14.31 -35.44 -52.10
N VAL F 42 13.93 -36.36 -53.00
CA VAL F 42 12.99 -37.49 -52.72
C VAL F 42 13.86 -38.71 -52.41
N GLY F 43 13.66 -39.33 -51.23
CA GLY F 43 14.54 -40.39 -50.70
C GLY F 43 15.48 -39.83 -49.65
N VAL F 44 15.86 -40.66 -48.67
CA VAL F 44 16.61 -40.23 -47.45
C VAL F 44 18.06 -39.91 -47.84
N ASN F 45 18.67 -40.75 -48.68
CA ASN F 45 20.10 -40.63 -49.09
C ASN F 45 20.29 -39.43 -50.03
N GLU F 46 19.35 -39.22 -50.95
CA GLU F 46 19.36 -38.07 -51.91
C GLU F 46 19.15 -36.77 -51.14
N PHE F 47 18.19 -36.75 -50.21
CA PHE F 47 17.85 -35.60 -49.33
C PHE F 47 19.09 -35.13 -48.57
N TRP F 48 19.78 -36.06 -47.91
CA TRP F 48 20.96 -35.79 -47.04
C TRP F 48 22.10 -35.16 -47.84
N ASN F 49 22.47 -35.78 -48.96
CA ASN F 49 23.63 -35.37 -49.81
C ASN F 49 23.47 -33.90 -50.25
N ASN F 50 22.24 -33.50 -50.60
CA ASN F 50 21.94 -32.14 -51.14
C ASN F 50 22.03 -31.10 -50.02
N ILE F 51 21.60 -31.44 -48.80
CA ILE F 51 21.63 -30.52 -47.62
C ILE F 51 23.03 -30.55 -46.98
N HIS F 52 23.76 -31.66 -47.12
CA HIS F 52 25.18 -31.79 -46.72
C HIS F 52 26.03 -30.79 -47.51
N ASN F 53 25.91 -30.81 -48.84
CA ASN F 53 26.67 -29.95 -49.78
C ASN F 53 26.13 -28.52 -49.73
N GLY F 54 24.86 -28.35 -49.37
CA GLY F 54 24.20 -27.04 -49.25
C GLY F 54 23.60 -26.58 -50.56
N LYS F 55 23.00 -27.51 -51.32
CA LYS F 55 22.38 -27.23 -52.64
C LYS F 55 20.92 -26.81 -52.42
N SER F 56 20.50 -25.71 -53.05
CA SER F 56 19.13 -25.14 -52.97
C SER F 56 18.15 -26.02 -53.76
N GLY F 57 16.98 -26.28 -53.18
CA GLY F 57 15.87 -27.01 -53.82
C GLY F 57 14.82 -26.06 -54.36
N VAL F 58 14.98 -24.75 -54.14
CA VAL F 58 14.05 -23.68 -54.60
C VAL F 58 14.22 -23.53 -56.12
N SER F 59 13.11 -23.52 -56.86
CA SER F 59 13.05 -23.35 -58.34
C SER F 59 12.22 -22.11 -58.69
N LYS F 60 12.59 -21.42 -59.77
CA LYS F 60 11.90 -20.21 -60.28
C LYS F 60 10.59 -20.64 -60.95
N TYR F 61 9.50 -19.88 -60.73
CA TYR F 61 8.16 -20.11 -61.35
C TYR F 61 7.63 -18.79 -61.92
N GLU F 62 6.80 -18.89 -62.96
CA GLU F 62 6.36 -17.76 -63.83
C GLU F 62 4.87 -17.46 -63.62
N TRP F 63 4.04 -18.46 -63.34
CA TRP F 63 2.55 -18.37 -63.35
C TRP F 63 2.04 -17.49 -62.21
N GLY F 64 2.88 -17.14 -61.24
CA GLY F 64 2.55 -16.22 -60.13
C GLY F 64 2.33 -14.79 -60.62
N ARG F 65 3.26 -14.28 -61.44
CA ARG F 65 3.29 -12.87 -61.90
C ARG F 65 2.32 -12.68 -63.08
N GLU F 66 2.35 -13.59 -64.06
CA GLU F 66 1.66 -13.43 -65.37
C GLU F 66 0.14 -13.52 -65.20
N ARG F 67 -0.35 -14.56 -64.50
CA ARG F 67 -1.79 -14.88 -64.36
C ARG F 67 -2.42 -14.00 -63.26
N PHE F 68 -1.92 -14.11 -62.03
CA PHE F 68 -2.56 -13.57 -60.79
C PHE F 68 -1.96 -12.22 -60.39
N GLY F 69 -0.71 -11.94 -60.78
CA GLY F 69 -0.03 -10.66 -60.49
C GLY F 69 0.59 -10.65 -59.11
N PHE F 70 1.17 -11.77 -58.69
CA PHE F 70 1.95 -11.91 -57.42
C PHE F 70 3.36 -11.37 -57.65
N LYS F 71 4.00 -10.85 -56.59
CA LYS F 71 5.38 -10.30 -56.62
C LYS F 71 6.40 -11.44 -56.47
N SER F 72 6.00 -12.53 -55.82
CA SER F 72 6.85 -13.73 -55.55
C SER F 72 7.16 -14.46 -56.87
N GLY F 73 8.41 -14.89 -57.05
CA GLY F 73 8.89 -15.65 -58.22
C GLY F 73 9.68 -16.90 -57.84
N ALA F 74 9.59 -17.33 -56.58
CA ALA F 74 10.33 -18.49 -56.02
C ALA F 74 9.34 -19.44 -55.33
N ILE F 75 9.52 -20.75 -55.55
CA ILE F 75 8.77 -21.84 -54.86
C ILE F 75 9.71 -23.03 -54.62
N GLY F 76 9.50 -23.76 -53.52
CA GLY F 76 10.18 -25.04 -53.22
C GLY F 76 9.40 -26.21 -53.77
N GLN F 77 9.40 -26.37 -55.10
CA GLN F 77 8.65 -27.41 -55.85
C GLN F 77 9.46 -28.71 -55.84
N VAL F 78 8.79 -29.85 -55.60
CA VAL F 78 9.43 -31.19 -55.47
C VAL F 78 9.61 -31.81 -56.87
N TYR F 79 8.64 -31.61 -57.77
CA TYR F 79 8.68 -32.09 -59.18
C TYR F 79 8.53 -30.90 -60.13
N VAL F 89 -3.34 -23.26 -64.70
CA VAL F 89 -4.52 -24.18 -64.84
C VAL F 89 -4.67 -24.97 -63.53
N LEU F 90 -5.88 -24.95 -62.94
CA LEU F 90 -6.23 -25.70 -61.70
C LEU F 90 -6.36 -27.18 -62.02
N LYS F 91 -5.68 -28.05 -61.25
CA LYS F 91 -5.68 -29.52 -61.40
C LYS F 91 -5.70 -30.17 -60.01
N SER F 92 -6.56 -31.19 -59.82
CA SER F 92 -6.70 -31.97 -58.56
C SER F 92 -5.74 -33.17 -58.61
N GLU F 93 -4.45 -32.93 -58.38
CA GLU F 93 -3.38 -33.97 -58.37
C GLU F 93 -3.37 -34.70 -57.02
N ARG F 94 -3.88 -34.05 -55.96
CA ARG F 94 -3.96 -34.60 -54.58
C ARG F 94 -2.55 -34.99 -54.12
N LYS F 95 -1.65 -34.01 -54.04
CA LYS F 95 -0.22 -34.19 -53.64
C LYS F 95 -0.14 -34.40 -52.13
N TYR F 96 -0.95 -33.66 -51.36
CA TYR F 96 -1.01 -33.71 -49.87
C TYR F 96 -1.12 -35.17 -49.41
N LEU F 97 -2.05 -35.92 -50.00
CA LEU F 97 -2.30 -37.35 -49.69
C LEU F 97 -1.14 -38.21 -50.21
N GLN F 98 -0.71 -37.98 -51.46
CA GLN F 98 0.31 -38.79 -52.17
C GLN F 98 1.66 -38.67 -51.48
N PHE F 99 2.04 -37.45 -51.06
CA PHE F 99 3.33 -37.14 -50.37
C PHE F 99 3.44 -37.95 -49.08
N ALA F 100 2.33 -38.09 -48.35
CA ALA F 100 2.24 -38.84 -47.07
C ALA F 100 2.39 -40.34 -47.33
N LEU F 101 1.68 -40.87 -48.35
CA LEU F 101 1.72 -42.31 -48.74
C LEU F 101 3.15 -42.69 -49.19
N ASP F 102 3.82 -41.80 -49.94
CA ASP F 102 5.20 -42.02 -50.45
C ASP F 102 6.18 -42.02 -49.27
N ALA F 103 6.07 -41.03 -48.37
CA ALA F 103 6.97 -40.82 -47.21
C ALA F 103 6.77 -41.92 -46.16
N ALA F 104 5.53 -42.36 -45.94
CA ALA F 104 5.17 -43.41 -44.96
C ALA F 104 5.80 -44.75 -45.37
N GLU F 105 5.65 -45.15 -46.64
CA GLU F 105 6.24 -46.38 -47.22
C GLU F 105 7.76 -46.32 -47.11
N MET F 106 8.34 -45.14 -47.34
CA MET F 106 9.80 -44.87 -47.28
C MET F 106 10.30 -45.06 -45.84
N ALA F 107 9.53 -44.61 -44.85
CA ALA F 107 9.88 -44.60 -43.41
C ALA F 107 9.70 -45.98 -42.79
N MET F 108 8.63 -46.71 -43.17
CA MET F 108 8.30 -48.06 -42.65
C MET F 108 9.34 -49.07 -43.15
N GLN F 109 9.82 -48.92 -44.39
CA GLN F 109 10.86 -49.80 -44.99
C GLN F 109 12.25 -49.45 -44.42
N ASP F 110 12.46 -48.20 -44.01
CA ASP F 110 13.72 -47.72 -43.39
C ASP F 110 13.84 -48.31 -41.98
N ALA F 111 12.72 -48.38 -41.24
CA ALA F 111 12.61 -48.96 -39.89
C ALA F 111 12.72 -50.49 -39.96
N ASN F 112 12.33 -51.08 -41.10
CA ASN F 112 12.36 -52.54 -41.38
C ASN F 112 11.34 -53.24 -40.48
N LEU F 113 10.15 -52.65 -40.34
CA LEU F 113 9.02 -53.20 -39.54
C LEU F 113 8.23 -54.20 -40.39
N ARG F 114 7.97 -55.40 -39.86
CA ARG F 114 7.20 -56.48 -40.54
C ARG F 114 6.02 -56.86 -39.66
N PRO F 115 4.90 -57.35 -40.25
CA PRO F 115 3.68 -57.69 -39.49
C PRO F 115 3.92 -58.46 -38.18
N SER F 116 4.91 -59.36 -38.16
CA SER F 116 5.32 -60.17 -36.97
C SER F 116 5.69 -59.25 -35.80
N ASP F 117 6.45 -58.19 -36.08
CA ASP F 117 6.94 -57.20 -35.07
C ASP F 117 5.81 -56.22 -34.73
N ILE F 118 5.02 -55.82 -35.72
CA ILE F 118 3.93 -54.79 -35.57
C ILE F 118 2.78 -55.39 -34.76
N ASP F 119 2.59 -54.90 -33.53
CA ASP F 119 1.37 -55.14 -32.71
C ASP F 119 0.32 -54.11 -33.10
N GLY F 120 -0.70 -54.54 -33.86
CA GLY F 120 -1.74 -53.67 -34.46
C GLY F 120 -2.39 -52.75 -33.44
N ARG F 121 -2.68 -53.26 -32.23
CA ARG F 121 -3.46 -52.56 -31.18
C ARG F 121 -2.60 -51.44 -30.58
N ARG F 122 -1.27 -51.58 -30.62
CA ARG F 122 -0.28 -50.67 -29.98
C ARG F 122 0.40 -49.77 -31.03
N PHE F 123 -0.18 -49.67 -32.23
CA PHE F 123 0.38 -48.90 -33.39
C PHE F 123 -0.63 -47.84 -33.83
N GLY F 124 -0.25 -46.57 -33.75
CA GLY F 124 -1.10 -45.40 -34.10
C GLY F 124 -0.41 -44.47 -35.08
N VAL F 125 -1.17 -43.54 -35.66
CA VAL F 125 -0.67 -42.55 -36.67
C VAL F 125 -0.91 -41.13 -36.11
N ALA F 126 -0.05 -40.18 -36.48
CA ALA F 126 -0.17 -38.74 -36.16
C ALA F 126 0.47 -37.92 -37.29
N ILE F 127 -0.29 -37.67 -38.36
CA ILE F 127 0.14 -36.85 -39.53
C ILE F 127 -0.62 -35.52 -39.49
N ALA F 128 0.12 -34.41 -39.38
CA ALA F 128 -0.42 -33.03 -39.27
C ALA F 128 -0.40 -32.36 -40.65
N THR F 129 -1.15 -31.26 -40.79
CA THR F 129 -1.19 -30.41 -42.01
C THR F 129 -1.79 -29.04 -41.64
N ALA F 130 -1.44 -28.02 -42.42
CA ALA F 130 -1.95 -26.65 -42.22
C ALA F 130 -3.18 -26.42 -43.11
N ILE F 131 -3.12 -26.82 -44.39
CA ILE F 131 -4.25 -26.58 -45.33
C ILE F 131 -4.76 -27.86 -45.98
N ALA F 132 -4.12 -28.98 -45.69
CA ALA F 132 -4.47 -30.31 -46.25
C ALA F 132 -4.57 -30.20 -47.79
N ASP F 133 -5.72 -30.53 -48.38
CA ASP F 133 -5.95 -30.54 -49.85
C ASP F 133 -6.76 -29.28 -50.24
N ALA F 134 -6.23 -28.09 -49.92
CA ALA F 134 -6.83 -26.78 -50.26
C ALA F 134 -6.74 -26.55 -51.78
N ALA F 135 -5.70 -27.06 -52.42
CA ALA F 135 -5.52 -27.08 -53.89
C ALA F 135 -6.73 -27.76 -54.54
N GLY F 136 -7.18 -28.89 -53.97
CA GLY F 136 -8.36 -29.65 -54.41
C GLY F 136 -9.65 -28.92 -54.10
N MET F 137 -9.74 -28.30 -52.92
CA MET F 137 -10.94 -27.54 -52.46
C MET F 137 -11.13 -26.29 -53.31
N GLU F 138 -10.04 -25.62 -53.69
CA GLU F 138 -10.03 -24.43 -54.58
C GLU F 138 -10.46 -24.85 -55.99
N GLU F 139 -9.86 -25.91 -56.52
CA GLU F 139 -10.19 -26.52 -57.84
C GLU F 139 -11.69 -26.78 -57.92
N CYS F 140 -12.28 -27.36 -56.86
CA CYS F 140 -13.72 -27.69 -56.76
C CYS F 140 -14.56 -26.41 -56.86
N LEU F 141 -14.19 -25.36 -56.11
CA LEU F 141 -14.95 -24.09 -56.01
C LEU F 141 -14.96 -23.38 -57.38
N LEU F 142 -13.80 -23.21 -58.00
CA LEU F 142 -13.63 -22.43 -59.27
C LEU F 142 -14.30 -23.18 -60.43
N ARG F 143 -14.34 -24.52 -60.37
CA ARG F 143 -14.97 -25.38 -61.42
C ARG F 143 -16.48 -25.21 -61.40
N ILE F 144 -17.11 -25.31 -60.22
CA ILE F 144 -18.59 -25.34 -60.03
C ILE F 144 -19.17 -23.91 -60.13
N THR F 145 -18.32 -22.89 -60.21
CA THR F 145 -18.71 -21.46 -60.37
C THR F 145 -18.28 -20.92 -61.74
N LYS F 146 -17.76 -21.78 -62.62
CA LYS F 146 -17.28 -21.44 -63.98
C LYS F 146 -16.24 -20.32 -63.89
N GLY F 147 -15.13 -20.57 -63.19
CA GLY F 147 -14.01 -19.63 -63.02
C GLY F 147 -14.32 -18.51 -62.05
N GLY F 148 -15.28 -18.72 -61.13
CA GLY F 148 -15.67 -17.76 -60.09
C GLY F 148 -16.51 -16.61 -60.62
N LYS F 149 -17.04 -16.74 -61.84
CA LYS F 149 -17.86 -15.69 -62.52
C LYS F 149 -19.29 -15.74 -62.01
N GLU F 150 -19.88 -16.94 -61.93
CA GLU F 150 -21.31 -17.18 -61.58
C GLU F 150 -21.41 -17.78 -60.18
N ASN F 151 -22.65 -17.98 -59.70
CA ASN F 151 -22.97 -18.69 -58.43
C ASN F 151 -22.72 -20.19 -58.62
N ILE F 152 -22.76 -20.95 -57.53
CA ILE F 152 -22.43 -22.41 -57.50
C ILE F 152 -23.50 -23.19 -58.26
N HIS F 153 -23.08 -24.11 -59.12
CA HIS F 153 -23.92 -25.08 -59.87
C HIS F 153 -23.87 -26.44 -59.17
N PRO F 154 -24.97 -26.90 -58.52
CA PRO F 154 -24.96 -28.18 -57.81
C PRO F 154 -24.63 -29.39 -58.70
N ASP F 155 -25.06 -29.36 -59.97
CA ASP F 155 -24.93 -30.47 -60.94
C ASP F 155 -23.45 -30.72 -61.27
N LEU F 156 -22.60 -29.67 -61.21
CA LEU F 156 -21.16 -29.75 -61.56
C LEU F 156 -20.34 -30.38 -60.43
N ILE F 157 -20.89 -30.48 -59.21
CA ILE F 157 -20.19 -31.08 -58.03
C ILE F 157 -20.18 -32.60 -58.21
N LYS F 158 -18.99 -33.21 -58.26
CA LYS F 158 -18.77 -34.68 -58.35
C LYS F 158 -18.83 -35.28 -56.94
N SER F 159 -18.98 -36.61 -56.86
CA SER F 159 -19.10 -37.38 -55.59
C SER F 159 -17.77 -37.39 -54.83
N GLU F 160 -16.64 -37.42 -55.54
CA GLU F 160 -15.27 -37.55 -54.97
C GLU F 160 -14.78 -36.18 -54.45
N ASP F 161 -15.52 -35.10 -54.70
CA ASP F 161 -15.18 -33.73 -54.23
C ASP F 161 -15.25 -33.66 -52.70
N TYR F 162 -16.06 -34.51 -52.07
CA TYR F 162 -16.21 -34.60 -50.58
C TYR F 162 -14.86 -34.97 -49.94
N ASP F 163 -14.08 -35.83 -50.62
CA ASP F 163 -12.79 -36.37 -50.10
C ASP F 163 -11.72 -35.26 -50.10
N SER F 164 -11.86 -34.23 -50.94
CA SER F 164 -10.95 -33.06 -51.01
C SER F 164 -11.04 -32.23 -49.73
N PHE F 165 -12.22 -32.21 -49.07
CA PHE F 165 -12.51 -31.41 -47.85
C PHE F 165 -12.10 -32.18 -46.60
N ASP F 166 -11.72 -33.46 -46.74
CA ASP F 166 -11.17 -34.30 -45.64
C ASP F 166 -9.79 -33.77 -45.26
N PHE F 167 -9.67 -33.17 -44.08
CA PHE F 167 -8.43 -32.54 -43.55
C PHE F 167 -7.44 -33.62 -43.11
N SER F 168 -7.95 -34.81 -42.77
CA SER F 168 -7.18 -35.95 -42.19
C SER F 168 -7.18 -37.14 -43.15
N SER F 169 -7.00 -36.90 -44.46
CA SER F 169 -6.90 -37.93 -45.52
C SER F 169 -5.60 -38.72 -45.35
N ALA F 170 -4.49 -38.01 -45.09
CA ALA F 170 -3.12 -38.57 -44.99
C ALA F 170 -3.03 -39.55 -43.82
N ALA F 171 -3.53 -39.15 -42.65
CA ALA F 171 -3.44 -39.92 -41.38
C ALA F 171 -4.20 -41.25 -41.50
N THR F 172 -5.43 -41.22 -42.04
CA THR F 172 -6.36 -42.38 -42.10
C THR F 172 -5.92 -43.37 -43.20
N SER F 173 -5.38 -42.88 -44.31
CA SER F 173 -4.99 -43.69 -45.50
C SER F 173 -3.80 -44.61 -45.16
N VAL F 174 -2.81 -44.10 -44.43
CA VAL F 174 -1.59 -44.87 -44.03
C VAL F 174 -1.93 -45.79 -42.85
N ALA F 175 -2.84 -45.36 -41.97
CA ALA F 175 -3.37 -46.17 -40.84
C ALA F 175 -4.10 -47.40 -41.41
N LYS F 176 -4.91 -47.20 -42.45
CA LYS F 176 -5.65 -48.26 -43.17
C LYS F 176 -4.65 -49.21 -43.85
N LYS F 177 -3.55 -48.67 -44.39
CA LYS F 177 -2.56 -49.40 -45.23
C LYS F 177 -1.73 -50.36 -44.35
N TYR F 178 -1.15 -49.86 -43.25
CA TYR F 178 -0.19 -50.59 -42.38
C TYR F 178 -0.89 -51.15 -41.13
N GLY F 179 -2.22 -50.95 -41.02
CA GLY F 179 -3.07 -51.55 -39.97
C GLY F 179 -2.82 -50.95 -38.60
N ALA F 180 -2.63 -49.63 -38.52
CA ALA F 180 -2.50 -48.87 -37.26
C ALA F 180 -3.88 -48.75 -36.60
N SER F 181 -4.09 -49.46 -35.50
CA SER F 181 -5.41 -49.60 -34.82
C SER F 181 -5.46 -48.76 -33.53
N MET F 182 -4.35 -48.11 -33.15
CA MET F 182 -4.29 -47.18 -31.99
C MET F 182 -4.73 -45.79 -32.47
N SER F 183 -4.51 -44.75 -31.66
CA SER F 183 -4.89 -43.34 -31.93
C SER F 183 -4.42 -42.90 -33.32
N VAL F 184 -5.36 -42.42 -34.15
CA VAL F 184 -5.09 -41.75 -35.46
C VAL F 184 -5.64 -40.33 -35.38
N SER F 185 -4.75 -39.33 -35.35
CA SER F 185 -5.09 -37.90 -35.14
C SER F 185 -4.52 -37.04 -36.27
N ASN F 186 -5.12 -35.87 -36.49
CA ASN F 186 -4.66 -34.84 -37.45
C ASN F 186 -4.74 -33.47 -36.77
N ILE F 187 -3.64 -33.03 -36.13
CA ILE F 187 -3.52 -31.68 -35.51
C ILE F 187 -3.26 -30.68 -36.64
N SER F 188 -4.02 -29.58 -36.67
CA SER F 188 -3.98 -28.55 -37.74
C SER F 188 -3.63 -27.18 -37.14
N THR F 189 -2.58 -27.17 -36.31
CA THR F 189 -2.09 -25.95 -35.63
C THR F 189 -1.12 -25.20 -36.54
N GLY F 190 -1.56 -24.91 -37.77
CA GLY F 190 -0.76 -24.15 -38.74
C GLY F 190 0.58 -24.80 -39.03
N CYS F 191 1.65 -24.00 -38.93
CA CYS F 191 3.00 -24.40 -39.21
C CYS F 191 3.72 -24.94 -38.03
N ALA F 192 3.04 -25.04 -36.89
CA ALA F 192 3.66 -25.67 -35.71
C ALA F 192 3.10 -27.08 -35.53
N ALA F 193 2.23 -27.51 -36.46
CA ALA F 193 1.51 -28.79 -36.41
C ALA F 193 2.45 -29.99 -36.42
N GLY F 194 3.51 -29.93 -37.21
CA GLY F 194 4.49 -31.02 -37.38
C GLY F 194 5.07 -31.50 -36.06
N LEU F 195 5.53 -30.58 -35.21
CA LEU F 195 6.14 -30.90 -33.88
C LEU F 195 5.03 -31.31 -32.90
N ASP F 196 3.81 -30.82 -33.08
CA ASP F 196 2.64 -31.15 -32.23
C ASP F 196 2.22 -32.60 -32.50
N ALA F 197 2.32 -33.05 -33.75
CA ALA F 197 2.06 -34.44 -34.19
C ALA F 197 3.14 -35.37 -33.59
N LEU F 198 4.40 -34.94 -33.65
CA LEU F 198 5.56 -35.65 -33.04
C LEU F 198 5.43 -35.63 -31.51
N GLY F 199 4.95 -34.52 -30.95
CA GLY F 199 4.76 -34.33 -29.50
C GLY F 199 3.71 -35.27 -28.92
N ILE F 200 2.53 -35.32 -29.54
CA ILE F 200 1.39 -36.18 -29.09
C ILE F 200 1.75 -37.65 -29.31
N ALA F 201 2.52 -37.96 -30.37
CA ALA F 201 3.05 -39.30 -30.69
C ALA F 201 4.04 -39.74 -29.60
N MET F 202 4.91 -38.82 -29.16
CA MET F 202 5.90 -39.04 -28.08
C MET F 202 5.18 -39.39 -26.77
N GLU F 203 4.10 -38.66 -26.45
CA GLU F 203 3.31 -38.84 -25.21
C GLU F 203 2.65 -40.23 -25.20
N HIS F 204 2.10 -40.66 -26.33
CA HIS F 204 1.43 -41.97 -26.51
C HIS F 204 2.40 -43.11 -26.15
N ILE F 205 3.67 -43.01 -26.59
CA ILE F 205 4.72 -44.04 -26.38
C ILE F 205 5.19 -43.99 -24.92
N ARG F 206 5.39 -42.79 -24.37
CA ARG F 206 5.97 -42.57 -23.02
C ARG F 206 4.99 -43.06 -21.94
N TYR F 207 3.70 -42.76 -22.08
CA TYR F 207 2.64 -43.06 -21.07
C TYR F 207 1.95 -44.40 -21.37
N GLY F 208 2.50 -45.18 -22.32
CA GLY F 208 2.26 -46.63 -22.44
C GLY F 208 1.00 -47.00 -23.21
N ARG F 209 0.50 -46.11 -24.08
CA ARG F 209 -0.69 -46.39 -24.95
C ARG F 209 -0.24 -47.11 -26.22
N ALA F 210 0.94 -46.76 -26.76
CA ALA F 210 1.51 -47.32 -28.01
C ALA F 210 2.95 -47.78 -27.78
N ASP F 211 3.41 -48.74 -28.61
CA ASP F 211 4.81 -49.23 -28.65
C ASP F 211 5.52 -48.60 -29.85
N ILE F 212 4.89 -48.68 -31.04
CA ILE F 212 5.35 -48.03 -32.30
C ILE F 212 4.33 -46.95 -32.68
N MET F 213 4.77 -45.91 -33.40
CA MET F 213 3.93 -44.74 -33.76
C MET F 213 4.48 -44.05 -35.01
N LEU F 214 3.64 -43.89 -36.05
CA LEU F 214 3.97 -43.19 -37.32
C LEU F 214 3.57 -41.72 -37.19
N ALA F 215 4.56 -40.83 -37.06
CA ALA F 215 4.37 -39.38 -36.79
C ALA F 215 5.08 -38.55 -37.87
N GLY F 216 4.54 -37.36 -38.16
CA GLY F 216 5.10 -36.43 -39.16
C GLY F 216 4.07 -35.40 -39.61
N ALA F 217 4.23 -34.87 -40.82
CA ALA F 217 3.33 -33.87 -41.44
C ALA F 217 3.53 -33.85 -42.96
N SER F 218 2.45 -33.62 -43.71
CA SER F 218 2.42 -33.51 -45.20
C SER F 218 1.79 -32.17 -45.59
N GLU F 219 2.24 -31.58 -46.71
CA GLU F 219 1.76 -30.26 -47.21
C GLU F 219 1.89 -30.18 -48.73
N ALA F 220 0.96 -29.47 -49.37
CA ALA F 220 0.96 -29.15 -50.81
C ALA F 220 0.31 -27.79 -51.03
N PRO F 221 0.95 -26.68 -50.57
CA PRO F 221 0.36 -25.34 -50.65
C PRO F 221 0.81 -24.51 -51.86
N LEU F 222 1.39 -25.14 -52.90
CA LEU F 222 1.74 -24.48 -54.18
C LEU F 222 0.47 -24.38 -55.03
N CYS F 223 -0.44 -23.49 -54.66
CA CYS F 223 -1.71 -23.19 -55.36
C CYS F 223 -2.08 -21.72 -55.18
N PRO F 224 -2.84 -21.12 -56.13
CA PRO F 224 -3.20 -19.70 -56.05
C PRO F 224 -3.83 -19.26 -54.72
N LEU F 225 -4.68 -20.10 -54.15
CA LEU F 225 -5.40 -19.79 -52.89
C LEU F 225 -4.40 -19.54 -51.76
N SER F 226 -3.55 -20.52 -51.49
CA SER F 226 -2.54 -20.48 -50.40
C SER F 226 -1.53 -19.35 -50.64
N ILE F 227 -0.89 -19.37 -51.80
CA ILE F 227 0.15 -18.37 -52.19
C ILE F 227 -0.46 -16.97 -52.10
N GLY F 228 -1.65 -16.79 -52.67
CA GLY F 228 -2.38 -15.50 -52.72
C GLY F 228 -2.68 -14.95 -51.34
N SER F 229 -2.95 -15.83 -50.39
CA SER F 229 -3.29 -15.40 -49.01
C SER F 229 -2.06 -14.82 -48.32
N PHE F 230 -0.90 -15.47 -48.46
CA PHE F 230 0.34 -14.97 -47.83
C PHE F 230 0.82 -13.71 -48.58
N GLU F 231 0.49 -13.64 -49.87
CA GLU F 231 0.86 -12.50 -50.76
C GLU F 231 0.03 -11.28 -50.37
N ALA F 232 -1.28 -11.48 -50.09
CA ALA F 232 -2.22 -10.44 -49.64
C ALA F 232 -1.85 -9.96 -48.22
N LEU F 233 -1.34 -10.88 -47.40
CA LEU F 233 -0.87 -10.60 -46.01
C LEU F 233 0.53 -9.95 -46.07
N GLY F 234 1.34 -10.33 -47.06
CA GLY F 234 2.70 -9.80 -47.27
C GLY F 234 3.75 -10.53 -46.46
N ALA F 235 3.56 -11.84 -46.26
CA ALA F 235 4.46 -12.74 -45.48
C ALA F 235 5.52 -13.35 -46.40
N LEU F 236 5.32 -13.28 -47.72
CA LEU F 236 6.23 -13.87 -48.75
C LEU F 236 7.30 -12.85 -49.16
N SER F 237 8.44 -13.37 -49.63
CA SER F 237 9.54 -12.59 -50.25
C SER F 237 9.05 -11.96 -51.56
N SER F 238 9.18 -10.64 -51.72
CA SER F 238 8.64 -9.85 -52.85
C SER F 238 9.72 -9.02 -53.56
N ARG F 239 10.98 -9.06 -53.10
CA ARG F 239 12.07 -8.20 -53.62
C ARG F 239 12.54 -8.74 -54.98
N GLU F 240 12.94 -7.84 -55.88
CA GLU F 240 13.44 -8.16 -57.25
C GLU F 240 14.85 -8.75 -57.14
N LEU F 241 15.10 -9.90 -57.77
CA LEU F 241 16.38 -10.66 -57.69
C LEU F 241 16.71 -11.27 -59.06
N GLU F 242 17.99 -11.28 -59.43
CA GLU F 242 18.54 -12.04 -60.58
C GLU F 242 18.62 -13.52 -60.20
N ASN F 243 19.29 -13.82 -59.08
CA ASN F 243 19.37 -15.18 -58.48
C ASN F 243 18.15 -15.38 -57.58
N GLN F 244 17.16 -16.15 -58.05
CA GLN F 244 15.84 -16.32 -57.41
C GLN F 244 15.93 -17.32 -56.24
N GLN F 245 16.99 -18.12 -56.19
CA GLN F 245 17.26 -19.10 -55.09
C GLN F 245 17.63 -18.35 -53.80
N ALA F 246 18.13 -17.11 -53.91
CA ALA F 246 18.66 -16.29 -52.79
C ALA F 246 17.53 -15.50 -52.10
N ALA F 247 16.28 -15.68 -52.54
CA ALA F 247 15.07 -15.03 -51.98
C ALA F 247 14.89 -15.46 -50.51
N THR F 248 15.05 -16.76 -50.23
CA THR F 248 15.03 -17.35 -48.86
C THR F 248 16.46 -17.32 -48.30
N CYS F 249 16.75 -16.32 -47.45
CA CYS F 249 18.07 -16.08 -46.80
C CYS F 249 17.88 -15.85 -45.31
N PRO F 250 17.68 -16.93 -44.50
CA PRO F 250 17.44 -16.79 -43.06
C PRO F 250 18.58 -16.09 -42.30
N PHE F 251 18.21 -15.16 -41.42
CA PHE F 251 19.11 -14.42 -40.49
C PHE F 251 20.00 -13.43 -41.25
N SER F 252 19.72 -13.19 -42.53
CA SER F 252 20.42 -12.20 -43.39
C SER F 252 19.62 -10.89 -43.38
N LEU F 253 20.30 -9.74 -43.52
CA LEU F 253 19.68 -8.40 -43.52
C LEU F 253 18.75 -8.25 -44.73
N GLU F 254 19.12 -8.86 -45.87
CA GLU F 254 18.43 -8.70 -47.18
C GLU F 254 17.07 -9.39 -47.19
N ARG F 255 16.78 -10.28 -46.22
CA ARG F 255 15.54 -11.09 -46.16
C ARG F 255 14.31 -10.18 -46.07
N ASP F 256 13.21 -10.58 -46.73
CA ASP F 256 11.94 -9.79 -46.78
C ASP F 256 10.72 -10.72 -46.81
N GLY F 257 10.84 -11.96 -46.34
CA GLY F 257 9.73 -12.95 -46.31
C GLY F 257 10.20 -14.36 -46.66
N PHE F 258 9.31 -15.34 -46.51
CA PHE F 258 9.59 -16.79 -46.72
C PHE F 258 9.21 -17.20 -48.14
N VAL F 259 9.96 -18.16 -48.70
CA VAL F 259 9.65 -18.84 -50.00
C VAL F 259 8.76 -20.05 -49.68
N ILE F 260 7.52 -20.06 -50.16
CA ILE F 260 6.54 -21.16 -49.92
C ILE F 260 7.01 -22.40 -50.68
N ALA F 261 6.89 -23.57 -50.04
CA ALA F 261 7.35 -24.88 -50.55
C ALA F 261 6.30 -25.95 -50.28
N GLU F 262 6.47 -27.14 -50.85
CA GLU F 262 5.63 -28.34 -50.62
C GLU F 262 6.52 -29.49 -50.15
N GLY F 263 5.93 -30.62 -49.77
CA GLY F 263 6.65 -31.84 -49.36
C GLY F 263 6.05 -32.46 -48.12
N CYS F 264 6.74 -33.47 -47.56
CA CYS F 264 6.29 -34.27 -46.39
C CYS F 264 7.49 -34.93 -45.71
N GLY F 265 7.42 -35.08 -44.38
CA GLY F 265 8.38 -35.83 -43.56
C GLY F 265 7.67 -36.76 -42.61
N ILE F 266 8.09 -38.03 -42.53
CA ILE F 266 7.50 -39.09 -41.67
C ILE F 266 8.61 -39.74 -40.85
N LEU F 267 8.49 -39.70 -39.53
CA LEU F 267 9.42 -40.36 -38.55
C LEU F 267 8.69 -41.53 -37.90
N ILE F 268 9.32 -42.71 -37.87
CA ILE F 268 8.84 -43.91 -37.13
C ILE F 268 9.37 -43.82 -35.69
N LEU F 269 8.57 -43.25 -34.79
CA LEU F 269 8.87 -43.17 -33.32
C LEU F 269 8.44 -44.49 -32.68
N GLU F 270 9.20 -44.99 -31.71
CA GLU F 270 8.83 -46.20 -30.92
C GLU F 270 9.61 -46.26 -29.62
N SER F 271 9.17 -47.14 -28.71
CA SER F 271 9.71 -47.32 -27.33
C SER F 271 11.16 -47.81 -27.40
N TYR F 272 11.99 -47.38 -26.45
CA TYR F 272 13.41 -47.77 -26.30
C TYR F 272 13.49 -49.27 -25.99
N GLU F 273 12.56 -49.78 -25.17
CA GLU F 273 12.46 -51.21 -24.78
C GLU F 273 12.08 -52.05 -26.01
N HIS F 274 11.11 -51.59 -26.79
CA HIS F 274 10.60 -52.27 -28.02
C HIS F 274 11.70 -52.33 -29.09
N ALA F 275 12.43 -51.23 -29.29
CA ALA F 275 13.49 -51.07 -30.32
C ALA F 275 14.65 -52.04 -30.05
N LYS F 276 15.01 -52.24 -28.78
CA LYS F 276 16.12 -53.15 -28.36
C LYS F 276 15.75 -54.61 -28.69
N GLN F 277 14.51 -55.01 -28.42
CA GLN F 277 14.01 -56.40 -28.61
C GLN F 277 14.11 -56.80 -30.09
N ARG F 278 13.74 -55.89 -31.00
CA ARG F 278 13.78 -56.11 -32.48
C ARG F 278 15.23 -56.13 -32.97
N GLY F 279 16.14 -55.45 -32.26
CA GLY F 279 17.52 -55.20 -32.71
C GLY F 279 17.55 -54.12 -33.78
N ALA F 280 16.76 -53.06 -33.58
CA ALA F 280 16.47 -51.99 -34.57
C ALA F 280 17.57 -50.93 -34.51
N HIS F 281 17.90 -50.34 -35.67
CA HIS F 281 18.79 -49.17 -35.81
C HIS F 281 18.09 -47.93 -35.26
N ILE F 282 18.75 -47.19 -34.36
CA ILE F 282 18.22 -45.96 -33.71
C ILE F 282 18.99 -44.75 -34.27
N TYR F 283 18.26 -43.71 -34.71
CA TYR F 283 18.82 -42.44 -35.21
C TYR F 283 19.09 -41.50 -34.04
N ALA F 284 18.07 -41.25 -33.22
CA ALA F 284 18.11 -40.29 -32.09
C ALA F 284 17.02 -40.63 -31.07
N GLU F 285 17.19 -40.13 -29.83
CA GLU F 285 16.17 -40.18 -28.75
C GLU F 285 15.35 -38.89 -28.78
N LEU F 286 14.04 -39.00 -28.95
CA LEU F 286 13.06 -37.88 -28.84
C LEU F 286 12.71 -37.71 -27.36
N ALA F 287 13.40 -36.80 -26.67
CA ALA F 287 13.53 -36.75 -25.19
C ALA F 287 12.37 -35.95 -24.57
N GLY F 288 12.04 -34.79 -25.11
CA GLY F 288 11.05 -33.86 -24.52
C GLY F 288 10.20 -33.15 -25.56
N TYR F 289 9.09 -32.56 -25.11
CA TYR F 289 8.14 -31.75 -25.93
C TYR F 289 7.44 -30.74 -25.03
N ALA F 290 7.22 -29.53 -25.54
CA ALA F 290 6.48 -28.42 -24.88
C ALA F 290 5.93 -27.48 -25.96
N SER F 291 4.78 -26.84 -25.68
CA SER F 291 4.08 -25.90 -26.59
C SER F 291 3.37 -24.82 -25.77
N VAL F 292 3.35 -23.58 -26.29
CA VAL F 292 2.75 -22.39 -25.61
C VAL F 292 2.03 -21.52 -26.64
N ASN F 293 1.34 -20.48 -26.16
CA ASN F 293 0.76 -19.38 -26.97
C ASN F 293 1.37 -18.07 -26.48
N ASN F 294 1.83 -17.21 -27.40
CA ASN F 294 2.46 -15.89 -27.07
C ASN F 294 1.39 -14.90 -26.64
N ALA F 295 0.16 -15.04 -27.16
CA ALA F 295 -1.01 -14.17 -26.88
C ALA F 295 -0.67 -12.71 -27.20
N TYR F 296 0.01 -12.50 -28.33
CA TYR F 296 0.53 -11.17 -28.80
C TYR F 296 -0.25 -10.73 -30.05
N HIS F 297 -0.17 -11.54 -31.11
CA HIS F 297 -0.83 -11.29 -32.42
C HIS F 297 -1.05 -12.63 -33.13
N MET F 298 -1.95 -12.66 -34.13
CA MET F 298 -2.31 -13.89 -34.89
C MET F 298 -1.17 -14.26 -35.85
N THR F 299 -0.60 -13.26 -36.54
CA THR F 299 0.47 -13.44 -37.58
C THR F 299 1.81 -12.91 -37.05
N ASP F 300 1.83 -11.66 -36.54
CA ASP F 300 3.06 -10.95 -36.09
C ASP F 300 3.64 -11.66 -34.86
N LEU F 301 4.96 -11.81 -34.82
CA LEU F 301 5.72 -12.42 -33.70
C LEU F 301 6.48 -11.31 -32.96
N PRO F 302 6.49 -11.33 -31.60
CA PRO F 302 7.17 -10.28 -30.83
C PRO F 302 8.70 -10.39 -30.93
N ALA F 303 9.40 -9.27 -30.76
CA ALA F 303 10.87 -9.14 -30.90
C ALA F 303 11.58 -9.86 -29.75
N ASP F 304 11.13 -9.63 -28.51
CA ASP F 304 11.79 -10.11 -27.26
C ASP F 304 11.83 -11.64 -27.24
N GLY F 305 10.77 -12.29 -27.73
CA GLY F 305 10.68 -13.77 -27.86
C GLY F 305 10.59 -14.46 -26.50
N MET F 306 9.80 -13.90 -25.58
CA MET F 306 9.63 -14.38 -24.18
C MET F 306 8.86 -15.72 -24.18
N ALA F 307 7.84 -15.83 -25.03
CA ALA F 307 6.96 -17.02 -25.15
C ALA F 307 7.77 -18.23 -25.65
N MET F 308 8.53 -18.05 -26.73
CA MET F 308 9.39 -19.11 -27.33
C MET F 308 10.49 -19.51 -26.34
N ALA F 309 11.04 -18.53 -25.60
CA ALA F 309 12.08 -18.75 -24.55
C ALA F 309 11.52 -19.66 -23.45
N ARG F 310 10.30 -19.38 -23.00
CA ARG F 310 9.60 -20.16 -21.92
C ARG F 310 9.29 -21.57 -22.43
N CYS F 311 8.98 -21.70 -23.73
CA CYS F 311 8.67 -22.99 -24.41
C CYS F 311 9.89 -23.90 -24.41
N ILE F 312 11.07 -23.35 -24.70
CA ILE F 312 12.38 -24.08 -24.70
C ILE F 312 12.66 -24.58 -23.28
N ASP F 313 12.40 -23.74 -22.28
CA ASP F 313 12.62 -24.04 -20.84
C ASP F 313 11.78 -25.25 -20.42
N MET F 314 10.49 -25.26 -20.78
CA MET F 314 9.52 -26.34 -20.42
C MET F 314 9.85 -27.64 -21.17
N ALA F 315 10.38 -27.54 -22.39
CA ALA F 315 10.79 -28.68 -23.23
C ALA F 315 11.99 -29.39 -22.60
N LEU F 316 12.94 -28.62 -22.05
CA LEU F 316 14.15 -29.14 -21.36
C LEU F 316 13.75 -29.78 -20.03
N LYS F 317 12.81 -29.17 -19.31
CA LYS F 317 12.29 -29.66 -17.99
C LYS F 317 11.49 -30.95 -18.21
N ASP F 318 10.78 -31.06 -19.33
CA ASP F 318 10.00 -32.26 -19.73
C ASP F 318 10.98 -33.42 -20.02
N ALA F 319 12.08 -33.11 -20.71
CA ALA F 319 13.16 -34.07 -21.07
C ALA F 319 14.04 -34.34 -19.84
N GLN F 320 14.00 -33.45 -18.84
CA GLN F 320 14.81 -33.51 -17.58
C GLN F 320 16.30 -33.47 -17.96
N ILE F 321 16.66 -32.55 -18.86
CA ILE F 321 18.05 -32.32 -19.35
C ILE F 321 18.41 -30.85 -19.11
N SER F 322 19.64 -30.57 -18.68
CA SER F 322 20.14 -29.23 -18.30
C SER F 322 20.32 -28.36 -19.56
N PRO F 323 20.06 -27.04 -19.48
CA PRO F 323 20.36 -26.11 -20.59
C PRO F 323 21.85 -26.01 -20.96
N SER F 324 22.76 -26.50 -20.11
CA SER F 324 24.23 -26.50 -20.33
C SER F 324 24.60 -27.46 -21.47
N THR F 325 23.90 -28.60 -21.56
CA THR F 325 24.27 -29.75 -22.43
C THR F 325 23.90 -29.48 -23.90
N VAL F 326 22.93 -28.60 -24.17
CA VAL F 326 22.47 -28.31 -25.56
C VAL F 326 23.60 -27.59 -26.32
N ASN F 327 24.00 -28.15 -27.47
CA ASN F 327 25.11 -27.64 -28.32
C ASN F 327 24.69 -27.58 -29.79
N TYR F 328 23.39 -27.66 -30.09
CA TYR F 328 22.85 -27.51 -31.46
C TYR F 328 21.36 -27.13 -31.38
N ILE F 329 20.90 -26.28 -32.31
CA ILE F 329 19.49 -25.83 -32.45
C ILE F 329 19.11 -25.85 -33.93
N SER F 330 18.08 -26.63 -34.30
CA SER F 330 17.43 -26.60 -35.64
C SER F 330 16.27 -25.59 -35.60
N ALA F 331 16.57 -24.31 -35.80
CA ALA F 331 15.62 -23.18 -35.72
C ALA F 331 14.59 -23.27 -36.85
N HIS F 332 13.47 -22.56 -36.71
CA HIS F 332 12.37 -22.47 -37.71
C HIS F 332 12.91 -21.68 -38.91
N GLY F 333 13.41 -20.47 -38.67
CA GLY F 333 14.12 -19.65 -39.67
C GLY F 333 13.35 -19.54 -40.98
N SER F 334 12.18 -18.89 -40.94
CA SER F 334 11.27 -18.70 -42.10
C SER F 334 11.90 -17.76 -43.13
N SER F 335 12.79 -16.85 -42.69
CA SER F 335 13.45 -15.79 -43.49
C SER F 335 12.54 -14.56 -43.59
N THR F 336 11.63 -14.40 -42.62
CA THR F 336 10.82 -13.16 -42.42
C THR F 336 11.58 -12.24 -41.47
N ALA F 337 11.18 -10.96 -41.41
CA ALA F 337 11.81 -9.91 -40.58
C ALA F 337 11.64 -10.25 -39.09
N GLN F 338 10.43 -10.65 -38.68
CA GLN F 338 10.02 -10.76 -37.26
C GLN F 338 10.43 -12.12 -36.67
N ASN F 339 10.28 -13.22 -37.43
CA ASN F 339 10.49 -14.60 -36.95
C ASN F 339 11.96 -14.83 -36.57
N ASP F 340 12.89 -14.30 -37.37
CA ASP F 340 14.34 -14.57 -37.24
C ASP F 340 14.91 -13.86 -36.00
N ILE F 341 14.47 -12.63 -35.73
CA ILE F 341 14.87 -11.86 -34.50
C ILE F 341 14.15 -12.45 -33.28
N ASN F 342 12.94 -12.97 -33.46
CA ASN F 342 12.12 -13.60 -32.40
C ASN F 342 12.87 -14.79 -31.79
N GLU F 343 13.38 -15.69 -32.65
CA GLU F 343 14.10 -16.93 -32.26
C GLU F 343 15.45 -16.60 -31.64
N SER F 344 16.18 -15.63 -32.22
CA SER F 344 17.53 -15.20 -31.78
C SER F 344 17.47 -14.69 -30.32
N ASN F 345 16.53 -13.79 -30.03
CA ASN F 345 16.35 -13.20 -28.68
C ASN F 345 15.80 -14.26 -27.71
N ALA F 346 14.95 -15.17 -28.21
CA ALA F 346 14.34 -16.28 -27.43
C ALA F 346 15.43 -17.23 -26.93
N ILE F 347 16.36 -17.61 -27.81
CA ILE F 347 17.51 -18.51 -27.49
C ILE F 347 18.46 -17.78 -26.53
N LYS F 348 18.69 -16.48 -26.76
CA LYS F 348 19.58 -15.63 -25.93
C LYS F 348 19.01 -15.47 -24.51
N PHE F 349 17.68 -15.49 -24.36
CA PHE F 349 16.98 -15.32 -23.05
C PHE F 349 17.10 -16.61 -22.23
N VAL F 350 16.72 -17.75 -22.81
CA VAL F 350 16.60 -19.06 -22.11
C VAL F 350 17.99 -19.63 -21.79
N LEU F 351 18.92 -19.59 -22.75
CA LEU F 351 20.29 -20.16 -22.60
C LEU F 351 21.27 -19.10 -22.05
N GLY F 352 20.94 -17.81 -22.21
CA GLY F 352 21.73 -16.69 -21.67
C GLY F 352 22.99 -16.45 -22.47
N GLU F 353 24.13 -16.37 -21.80
CA GLU F 353 25.46 -16.06 -22.39
C GLU F 353 26.04 -17.31 -23.07
N SER F 354 25.50 -18.50 -22.74
CA SER F 354 25.89 -19.81 -23.31
C SER F 354 25.25 -20.03 -24.68
N ALA F 355 24.40 -19.10 -25.14
CA ALA F 355 23.61 -19.20 -26.39
C ALA F 355 24.52 -19.11 -27.62
N PHE F 356 25.59 -18.29 -27.55
CA PHE F 356 26.38 -17.81 -28.72
C PHE F 356 27.22 -18.94 -29.33
N GLY F 357 27.72 -19.87 -28.51
CA GLY F 357 28.61 -20.96 -28.95
C GLY F 357 27.92 -21.96 -29.87
N ILE F 358 26.59 -22.05 -29.80
CA ILE F 358 25.76 -23.12 -30.44
C ILE F 358 25.65 -22.88 -31.94
N PRO F 359 26.03 -23.86 -32.79
CA PRO F 359 25.64 -23.85 -34.21
C PRO F 359 24.12 -23.96 -34.37
N ILE F 360 23.50 -22.95 -34.99
CA ILE F 360 22.05 -22.90 -35.32
C ILE F 360 21.93 -22.92 -36.85
N ASN F 361 20.84 -23.48 -37.40
CA ASN F 361 20.61 -23.51 -38.87
C ASN F 361 19.11 -23.53 -39.19
N SER F 362 18.79 -23.11 -40.42
CA SER F 362 17.43 -23.16 -41.03
C SER F 362 17.50 -23.90 -42.36
N LEU F 363 16.78 -25.03 -42.47
CA LEU F 363 16.72 -25.87 -43.69
C LEU F 363 15.89 -25.15 -44.77
N LYS F 364 15.04 -24.20 -44.35
CA LYS F 364 14.16 -23.40 -45.26
C LYS F 364 15.00 -22.56 -46.22
N SER F 365 16.29 -22.34 -45.90
CA SER F 365 17.29 -21.71 -46.80
C SER F 365 17.41 -22.50 -48.11
N MET F 366 17.28 -23.83 -48.04
CA MET F 366 17.41 -24.76 -49.20
C MET F 366 16.04 -25.27 -49.64
N THR F 367 15.21 -25.73 -48.70
CA THR F 367 13.91 -26.42 -48.95
C THR F 367 12.79 -25.41 -49.19
N GLY F 368 12.86 -24.24 -48.56
CA GLY F 368 11.74 -23.29 -48.46
C GLY F 368 10.82 -23.67 -47.32
N HIS F 369 9.71 -22.93 -47.17
CA HIS F 369 8.74 -23.14 -46.07
C HIS F 369 7.54 -23.97 -46.54
N ALA F 370 7.50 -25.23 -46.11
CA ALA F 370 6.44 -26.20 -46.44
C ALA F 370 5.36 -26.22 -45.33
N LEU F 371 5.20 -25.12 -44.62
CA LEU F 371 4.21 -24.96 -43.52
C LEU F 371 4.38 -26.03 -42.43
N ALA F 372 3.38 -26.87 -42.20
CA ALA F 372 3.49 -27.90 -41.14
C ALA F 372 4.57 -28.92 -41.49
N ALA F 373 4.70 -29.27 -42.77
CA ALA F 373 5.66 -30.27 -43.29
C ALA F 373 7.11 -29.78 -43.07
N ALA F 374 7.32 -28.46 -43.00
CA ALA F 374 8.63 -27.82 -42.73
C ALA F 374 9.21 -28.37 -41.42
N ASN F 375 8.35 -28.60 -40.43
CA ASN F 375 8.71 -29.11 -39.08
C ASN F 375 9.09 -30.58 -39.11
N ALA F 376 8.44 -31.34 -39.99
CA ALA F 376 8.65 -32.80 -40.18
C ALA F 376 9.91 -33.05 -41.02
N ILE F 377 10.09 -32.28 -42.10
CA ILE F 377 11.25 -32.41 -43.04
C ILE F 377 12.54 -32.04 -42.28
N GLU F 378 12.49 -30.99 -41.46
CA GLU F 378 13.64 -30.52 -40.63
C GLU F 378 13.91 -31.53 -39.51
N SER F 379 12.87 -32.19 -39.00
CA SER F 379 12.96 -33.24 -37.95
C SER F 379 13.64 -34.50 -38.51
N VAL F 380 13.38 -34.83 -39.78
CA VAL F 380 14.06 -35.93 -40.52
C VAL F 380 15.53 -35.53 -40.73
N ALA F 381 15.76 -34.28 -41.17
CA ALA F 381 17.10 -33.69 -41.38
C ALA F 381 17.88 -33.69 -40.06
N LEU F 382 17.20 -33.45 -38.93
CA LEU F 382 17.78 -33.40 -37.57
C LEU F 382 18.25 -34.80 -37.15
N CYS F 383 17.43 -35.83 -37.37
CA CYS F 383 17.72 -37.25 -37.04
C CYS F 383 18.94 -37.73 -37.84
N LEU F 384 19.13 -37.23 -39.06
CA LEU F 384 20.28 -37.55 -39.95
C LEU F 384 21.55 -36.86 -39.43
N GLU F 385 21.42 -35.64 -38.90
CA GLU F 385 22.55 -34.81 -38.38
C GLU F 385 23.16 -35.49 -37.14
N ILE F 386 22.32 -35.92 -36.19
CA ILE F 386 22.77 -36.56 -34.91
C ILE F 386 23.45 -37.89 -35.23
N GLU F 387 22.86 -38.68 -36.13
CA GLU F 387 23.39 -40.00 -36.59
C GLU F 387 24.79 -39.82 -37.17
N LYS F 388 24.97 -38.84 -38.07
CA LYS F 388 26.19 -38.67 -38.90
C LYS F 388 27.14 -37.65 -38.25
N GLN F 389 26.73 -37.02 -37.14
CA GLN F 389 27.55 -36.04 -36.37
C GLN F 389 28.03 -34.93 -37.32
N TYR F 390 27.11 -34.36 -38.09
CA TYR F 390 27.35 -33.28 -39.08
C TYR F 390 26.18 -32.30 -39.05
N VAL F 391 26.44 -31.00 -39.22
CA VAL F 391 25.41 -29.92 -39.20
C VAL F 391 25.34 -29.28 -40.59
N HIS F 392 24.13 -29.19 -41.17
CA HIS F 392 23.88 -28.58 -42.50
C HIS F 392 23.95 -27.06 -42.37
N PRO F 393 24.42 -26.35 -43.42
CA PRO F 393 24.55 -24.89 -43.37
C PRO F 393 23.22 -24.15 -43.63
N THR F 394 23.18 -22.87 -43.26
CA THR F 394 22.15 -21.89 -43.67
C THR F 394 22.68 -21.13 -44.90
N ILE F 395 22.28 -21.55 -46.10
CA ILE F 395 22.83 -21.04 -47.39
C ILE F 395 22.25 -19.64 -47.67
N ASN F 396 22.84 -18.92 -48.62
CA ASN F 396 22.42 -17.57 -49.09
C ASN F 396 22.60 -16.56 -47.95
N TYR F 397 23.59 -16.77 -47.08
CA TYR F 397 23.94 -15.86 -45.96
C TYR F 397 24.78 -14.70 -46.51
N GLN F 398 24.12 -13.57 -46.81
CA GLN F 398 24.73 -12.37 -47.43
C GLN F 398 25.29 -11.47 -46.31
N THR F 399 24.59 -10.37 -45.98
CA THR F 399 25.00 -9.38 -44.95
C THR F 399 24.48 -9.82 -43.59
N PRO F 400 25.33 -9.87 -42.54
CA PRO F 400 24.87 -10.23 -41.19
C PRO F 400 24.03 -9.12 -40.56
N ASP F 401 22.88 -9.49 -39.98
CA ASP F 401 21.95 -8.59 -39.24
C ASP F 401 22.49 -8.40 -37.83
N PRO F 402 22.64 -7.15 -37.33
CA PRO F 402 23.13 -6.93 -35.97
C PRO F 402 22.20 -7.51 -34.89
N ASP F 403 20.89 -7.56 -35.16
CA ASP F 403 19.85 -8.10 -34.25
C ASP F 403 20.02 -9.62 -34.13
N CYS F 404 20.29 -10.30 -35.25
CA CYS F 404 20.59 -11.76 -35.34
C CYS F 404 22.11 -11.96 -35.22
N ASP F 405 22.63 -12.06 -34.00
CA ASP F 405 24.10 -12.07 -33.70
C ASP F 405 24.51 -13.42 -33.09
N LEU F 406 23.86 -14.51 -33.49
CA LEU F 406 24.23 -15.90 -33.09
C LEU F 406 24.96 -16.58 -34.26
N ASP F 407 25.51 -17.78 -34.02
CA ASP F 407 26.23 -18.59 -35.03
C ASP F 407 25.21 -19.36 -35.86
N TYR F 408 25.11 -19.06 -37.16
CA TYR F 408 24.06 -19.59 -38.09
C TYR F 408 24.67 -20.49 -39.17
N ILE F 409 25.92 -20.92 -39.00
CA ILE F 409 26.63 -21.87 -39.92
C ILE F 409 26.49 -21.33 -41.35
N PRO F 410 27.17 -20.22 -41.70
CA PRO F 410 26.90 -19.51 -42.95
C PRO F 410 27.54 -20.14 -44.19
N ASN F 411 26.71 -20.79 -45.02
CA ASN F 411 26.98 -21.15 -46.44
C ASN F 411 27.72 -22.50 -46.54
N GLN F 412 28.52 -22.87 -45.53
CA GLN F 412 29.34 -24.12 -45.52
C GLN F 412 29.08 -24.90 -44.22
N GLY F 413 28.71 -26.18 -44.35
CA GLY F 413 28.52 -27.11 -43.22
C GLY F 413 29.86 -27.67 -42.74
N CYS F 414 29.85 -28.32 -41.57
CA CYS F 414 31.06 -28.89 -40.91
C CYS F 414 30.69 -30.11 -40.07
N SER F 415 31.68 -30.94 -39.74
CA SER F 415 31.56 -32.09 -38.79
C SER F 415 31.49 -31.55 -37.36
N TYR F 416 30.38 -31.82 -36.66
CA TYR F 416 30.09 -31.31 -35.30
C TYR F 416 29.51 -32.42 -34.43
N PRO F 417 30.06 -32.67 -33.22
CA PRO F 417 29.55 -33.72 -32.35
C PRO F 417 28.31 -33.25 -31.57
N ILE F 418 27.12 -33.55 -32.08
CA ILE F 418 25.81 -33.17 -31.48
C ILE F 418 25.51 -34.12 -30.32
N LYS F 419 25.18 -33.56 -29.16
CA LYS F 419 24.83 -34.31 -27.91
C LYS F 419 23.33 -34.10 -27.63
N THR F 420 22.94 -32.86 -27.34
CA THR F 420 21.55 -32.42 -27.10
C THR F 420 21.16 -31.38 -28.16
N ALA F 421 20.00 -31.57 -28.80
CA ALA F 421 19.50 -30.73 -29.92
C ALA F 421 18.11 -30.21 -29.60
N LEU F 422 17.85 -28.93 -29.90
CA LEU F 422 16.49 -28.31 -29.90
C LEU F 422 16.00 -28.21 -31.34
N LYS F 423 14.70 -28.38 -31.56
CA LYS F 423 14.01 -28.09 -32.84
C LYS F 423 12.88 -27.10 -32.55
N LEU F 424 13.04 -25.84 -32.99
CA LEU F 424 12.07 -24.75 -32.77
C LEU F 424 11.08 -24.71 -33.95
N SER F 425 9.81 -24.40 -33.64
CA SER F 425 8.70 -24.26 -34.63
C SER F 425 7.78 -23.13 -34.20
N SER F 426 7.39 -22.27 -35.15
CA SER F 426 6.49 -21.13 -34.84
C SER F 426 5.35 -21.10 -35.86
N GLY F 427 4.23 -20.47 -35.51
CA GLY F 427 3.13 -20.41 -36.48
C GLY F 427 2.11 -19.34 -36.16
N PHE F 428 1.12 -19.19 -37.06
CA PHE F 428 -0.08 -18.31 -36.89
C PHE F 428 -0.91 -18.89 -35.74
N SER F 429 -1.71 -18.03 -35.05
CA SER F 429 -2.40 -18.21 -33.74
C SER F 429 -1.40 -18.07 -32.59
N GLY F 430 -0.21 -17.51 -32.88
CA GLY F 430 0.85 -17.23 -31.89
C GLY F 430 1.35 -18.49 -31.19
N ILE F 431 1.38 -19.62 -31.90
CA ILE F 431 1.78 -20.95 -31.34
C ILE F 431 3.31 -21.10 -31.48
N HIS F 432 3.97 -21.48 -30.39
CA HIS F 432 5.40 -21.89 -30.34
C HIS F 432 5.48 -23.35 -29.86
N SER F 433 6.26 -24.19 -30.55
CA SER F 433 6.46 -25.63 -30.24
C SER F 433 7.95 -25.97 -30.29
N VAL F 434 8.43 -26.73 -29.31
CA VAL F 434 9.85 -27.18 -29.18
C VAL F 434 9.87 -28.67 -28.84
N ILE F 435 10.78 -29.43 -29.48
CA ILE F 435 11.11 -30.84 -29.11
C ILE F 435 12.61 -30.90 -28.78
N VAL F 436 12.97 -31.77 -27.83
CA VAL F 436 14.39 -32.02 -27.42
C VAL F 436 14.80 -33.38 -27.99
N MET F 437 15.74 -33.38 -28.94
CA MET F 437 16.35 -34.62 -29.52
C MET F 437 17.73 -34.82 -28.90
N ARG F 438 18.13 -36.08 -28.71
CA ARG F 438 19.33 -36.50 -27.93
C ARG F 438 19.99 -37.69 -28.65
N ALA F 439 21.32 -37.75 -28.62
CA ALA F 439 22.14 -38.86 -29.16
C ALA F 439 22.09 -40.03 -28.18
N VAL F 440 21.98 -41.26 -28.70
CA VAL F 440 21.88 -42.52 -27.90
C VAL F 440 23.28 -43.12 -27.76
N ASP F 441 23.72 -43.36 -26.52
CA ASP F 441 25.06 -43.90 -26.14
C ASP F 441 26.14 -43.24 -27.00
N MET G 1 1.07 -41.65 -9.97
CA MET G 1 -0.33 -41.50 -10.45
C MET G 1 -0.48 -40.24 -11.30
N ARG G 2 -1.50 -40.21 -12.16
CA ARG G 2 -1.87 -39.04 -13.00
C ARG G 2 -2.97 -38.25 -12.30
N LYS G 3 -2.99 -36.93 -12.48
CA LYS G 3 -3.96 -36.00 -11.84
C LYS G 3 -5.38 -36.26 -12.37
N ARG G 4 -6.39 -36.05 -11.53
CA ARG G 4 -7.83 -36.25 -11.86
C ARG G 4 -8.40 -34.95 -12.44
N VAL G 5 -9.24 -35.07 -13.46
CA VAL G 5 -9.86 -33.93 -14.22
C VAL G 5 -11.36 -33.90 -13.91
N VAL G 6 -11.93 -32.70 -13.76
CA VAL G 6 -13.37 -32.47 -13.45
C VAL G 6 -13.92 -31.37 -14.37
N VAL G 7 -15.21 -31.46 -14.72
CA VAL G 7 -15.96 -30.47 -15.53
C VAL G 7 -16.64 -29.48 -14.56
N THR G 8 -16.35 -28.19 -14.68
CA THR G 8 -16.84 -27.11 -13.78
C THR G 8 -17.84 -26.20 -14.51
N GLY G 9 -17.73 -26.07 -15.83
CA GLY G 9 -18.63 -25.22 -16.64
C GLY G 9 -18.84 -25.79 -18.03
N VAL G 10 -19.99 -25.49 -18.65
CA VAL G 10 -20.37 -25.93 -20.02
C VAL G 10 -21.11 -24.79 -20.75
N GLY G 11 -20.92 -24.71 -22.07
CA GLY G 11 -21.61 -23.76 -22.96
C GLY G 11 -21.72 -24.32 -24.37
N ALA G 12 -22.88 -24.16 -25.01
CA ALA G 12 -23.17 -24.70 -26.36
C ALA G 12 -24.28 -23.88 -27.03
N ILE G 13 -24.23 -23.78 -28.36
CA ILE G 13 -25.29 -23.14 -29.21
C ILE G 13 -25.68 -24.13 -30.32
N HIS G 14 -26.96 -24.16 -30.68
CA HIS G 14 -27.57 -25.17 -31.57
C HIS G 14 -28.84 -24.61 -32.21
N PRO G 15 -29.24 -25.07 -33.43
CA PRO G 15 -30.55 -24.76 -33.99
C PRO G 15 -31.73 -24.88 -33.00
N ASP G 16 -31.67 -25.84 -32.07
CA ASP G 16 -32.73 -26.11 -31.06
C ASP G 16 -32.72 -25.01 -29.98
N GLY G 17 -31.54 -24.54 -29.57
CA GLY G 17 -31.39 -23.51 -28.51
C GLY G 17 -30.04 -22.81 -28.57
N ASN G 18 -30.01 -21.53 -28.15
CA ASN G 18 -28.80 -20.66 -28.17
C ASN G 18 -28.09 -20.69 -26.81
N ASP G 19 -28.46 -21.63 -25.93
CA ASP G 19 -27.74 -21.90 -24.65
C ASP G 19 -28.03 -23.35 -24.23
N VAL G 20 -27.34 -23.82 -23.17
CA VAL G 20 -27.33 -25.25 -22.73
C VAL G 20 -28.73 -25.63 -22.24
N THR G 21 -29.39 -24.75 -21.47
CA THR G 21 -30.72 -24.99 -20.85
C THR G 21 -31.78 -25.19 -21.94
N ALA G 22 -31.78 -24.35 -22.98
CA ALA G 22 -32.74 -24.39 -24.11
C ALA G 22 -32.54 -25.68 -24.93
N ILE G 23 -31.28 -26.10 -25.11
CA ILE G 23 -30.92 -27.35 -25.84
C ILE G 23 -31.40 -28.56 -25.02
N LYS G 24 -31.06 -28.59 -23.73
CA LYS G 24 -31.36 -29.73 -22.82
C LYS G 24 -32.87 -29.92 -22.70
N SER G 25 -33.63 -28.83 -22.59
CA SER G 25 -35.12 -28.84 -22.47
C SER G 25 -35.74 -29.38 -23.76
N LYS G 26 -35.17 -29.05 -24.92
CA LYS G 26 -35.65 -29.49 -26.25
C LYS G 26 -35.32 -30.97 -26.47
N VAL G 27 -34.16 -31.42 -25.98
CA VAL G 27 -33.68 -32.83 -26.10
C VAL G 27 -34.55 -33.75 -25.22
N ILE G 28 -34.83 -33.33 -23.97
CA ILE G 28 -35.62 -34.11 -22.98
C ILE G 28 -37.04 -34.34 -23.53
N GLN G 29 -37.68 -33.29 -24.05
CA GLN G 29 -39.05 -33.35 -24.64
C GLN G 29 -39.07 -34.36 -25.79
N LYS G 30 -38.06 -34.32 -26.66
CA LYS G 30 -37.92 -35.23 -27.84
C LYS G 30 -37.57 -36.65 -27.37
N LEU G 31 -36.80 -36.78 -26.29
CA LEU G 31 -36.34 -38.08 -25.74
C LEU G 31 -37.52 -38.83 -25.10
N LEU G 32 -38.32 -38.14 -24.28
CA LEU G 32 -39.53 -38.72 -23.63
C LEU G 32 -40.62 -38.98 -24.68
N GLY G 33 -40.73 -38.08 -25.68
CA GLY G 33 -41.64 -38.23 -26.84
C GLY G 33 -42.72 -37.17 -26.83
N GLN G 34 -42.37 -35.94 -27.18
CA GLN G 34 -43.29 -34.77 -27.33
C GLN G 34 -43.01 -34.08 -28.68
N GLU G 35 -43.91 -33.19 -29.09
CA GLU G 35 -43.87 -32.46 -30.39
C GLU G 35 -43.95 -33.48 -31.54
N THR G 40 -38.86 -36.66 -42.10
CA THR G 40 -37.48 -36.21 -42.40
C THR G 40 -37.10 -36.59 -43.84
N THR G 41 -36.20 -35.82 -44.45
CA THR G 41 -35.74 -35.98 -45.87
C THR G 41 -34.83 -37.21 -45.99
N ALA G 42 -34.76 -37.78 -47.19
CA ALA G 42 -33.86 -38.92 -47.55
C ALA G 42 -32.42 -38.40 -47.66
N SER G 43 -32.24 -37.27 -48.35
CA SER G 43 -30.95 -36.53 -48.45
C SER G 43 -30.80 -35.59 -47.24
N SER G 44 -29.58 -35.46 -46.72
CA SER G 44 -29.23 -34.62 -45.55
C SER G 44 -29.30 -33.13 -45.94
N ILE G 45 -29.93 -32.31 -45.09
CA ILE G 45 -30.00 -30.83 -45.24
C ILE G 45 -29.24 -30.17 -44.08
N ILE G 46 -28.97 -28.87 -44.18
CA ILE G 46 -28.23 -28.07 -43.15
C ILE G 46 -29.25 -27.29 -42.32
N ARG G 47 -29.25 -27.51 -41.00
CA ARG G 47 -30.06 -26.73 -40.02
C ARG G 47 -29.22 -25.55 -39.52
N THR G 48 -29.75 -24.34 -39.64
CA THR G 48 -29.09 -23.06 -39.23
C THR G 48 -29.53 -22.68 -37.82
N LEU G 49 -28.81 -21.76 -37.19
CA LEU G 49 -29.18 -21.18 -35.86
C LEU G 49 -30.38 -20.25 -36.04
N SER G 50 -31.20 -20.12 -34.99
CA SER G 50 -32.40 -19.22 -34.94
C SER G 50 -32.18 -18.17 -33.85
N ASP G 51 -32.43 -16.89 -34.19
CA ASP G 51 -32.38 -15.73 -33.25
C ASP G 51 -30.98 -15.60 -32.67
N PHE G 52 -29.94 -15.71 -33.52
CA PHE G 52 -28.51 -15.53 -33.15
C PHE G 52 -27.92 -14.39 -33.97
N ASP G 53 -27.13 -13.52 -33.32
CA ASP G 53 -26.43 -12.37 -33.93
C ASP G 53 -25.07 -12.19 -33.23
N GLY G 54 -23.98 -12.35 -33.96
CA GLY G 54 -22.63 -12.27 -33.39
C GLY G 54 -22.37 -10.89 -32.84
N ALA G 55 -23.06 -9.90 -33.38
CA ALA G 55 -22.91 -8.48 -33.00
C ALA G 55 -23.25 -8.29 -31.53
N LYS G 56 -24.25 -9.01 -31.04
CA LYS G 56 -24.66 -8.96 -29.62
C LYS G 56 -23.52 -9.44 -28.72
N TYR G 57 -22.74 -10.44 -29.15
CA TYR G 57 -21.68 -10.99 -28.26
C TYR G 57 -20.25 -10.63 -28.65
N ILE G 58 -19.99 -10.24 -29.89
CA ILE G 58 -18.55 -10.03 -30.22
C ILE G 58 -18.38 -8.60 -30.76
N ASN G 59 -17.28 -7.95 -30.37
CA ASN G 59 -16.99 -6.56 -30.78
C ASN G 59 -16.80 -6.51 -32.29
N ASN G 60 -17.27 -5.45 -32.92
CA ASN G 60 -17.29 -5.33 -34.40
C ASN G 60 -15.89 -5.36 -34.98
N ARG G 61 -14.90 -4.77 -34.33
CA ARG G 61 -13.55 -4.78 -34.92
C ARG G 61 -13.08 -6.23 -35.06
N LEU G 62 -13.29 -7.04 -34.03
CA LEU G 62 -12.91 -8.47 -34.05
C LEU G 62 -13.79 -9.28 -35.02
N ARG G 63 -15.08 -8.97 -35.08
CA ARG G 63 -16.02 -9.75 -35.92
C ARG G 63 -15.67 -9.66 -37.41
N ARG G 64 -15.16 -8.52 -37.86
CA ARG G 64 -14.77 -8.31 -39.27
C ARG G 64 -13.63 -9.23 -39.71
N LYS G 65 -12.68 -9.53 -38.83
CA LYS G 65 -11.50 -10.32 -39.21
C LYS G 65 -11.67 -11.82 -39.07
N ILE G 66 -12.80 -12.30 -38.54
CA ILE G 66 -13.00 -13.74 -38.24
C ILE G 66 -14.18 -14.32 -39.01
N ASP G 67 -14.21 -15.64 -39.15
CA ASP G 67 -15.32 -16.39 -39.80
C ASP G 67 -16.38 -16.74 -38.74
N GLU G 68 -17.56 -17.19 -39.16
CA GLU G 68 -18.72 -17.48 -38.29
C GLU G 68 -18.48 -18.73 -37.43
N PHE G 69 -17.53 -19.59 -37.79
CA PHE G 69 -17.17 -20.81 -37.00
C PHE G 69 -16.36 -20.37 -35.77
N SER G 70 -15.54 -19.32 -35.91
CA SER G 70 -14.79 -18.68 -34.80
C SER G 70 -15.75 -17.91 -33.88
N VAL G 71 -16.80 -17.31 -34.46
CA VAL G 71 -17.86 -16.56 -33.73
C VAL G 71 -18.56 -17.52 -32.76
N TYR G 72 -18.95 -18.71 -33.25
CA TYR G 72 -19.70 -19.75 -32.50
C TYR G 72 -18.85 -20.26 -31.32
N GLY G 73 -17.53 -20.38 -31.52
CA GLY G 73 -16.57 -20.83 -30.50
C GLY G 73 -16.42 -19.85 -29.37
N ILE G 74 -16.35 -18.55 -29.68
CA ILE G 74 -16.11 -17.44 -28.70
C ILE G 74 -17.32 -17.30 -27.78
N VAL G 75 -18.55 -17.39 -28.31
CA VAL G 75 -19.82 -17.25 -27.53
C VAL G 75 -20.00 -18.48 -26.64
N ALA G 76 -19.50 -19.65 -27.07
CA ALA G 76 -19.62 -20.94 -26.34
C ALA G 76 -18.77 -20.92 -25.07
N VAL G 77 -17.51 -20.48 -25.17
CA VAL G 77 -16.52 -20.49 -24.05
C VAL G 77 -16.90 -19.42 -23.01
N GLU G 78 -17.42 -18.27 -23.45
CA GLU G 78 -17.85 -17.15 -22.56
C GLU G 78 -18.98 -17.65 -21.64
N MET G 79 -19.92 -18.41 -22.20
CA MET G 79 -21.04 -19.04 -21.45
C MET G 79 -20.49 -20.11 -20.50
N ALA G 80 -19.51 -20.89 -20.96
CA ALA G 80 -18.85 -21.99 -20.21
C ALA G 80 -18.02 -21.42 -19.04
N LEU G 81 -17.35 -20.29 -19.26
CA LEU G 81 -16.49 -19.63 -18.23
C LEU G 81 -17.37 -18.96 -17.16
N LYS G 82 -18.52 -18.41 -17.55
CA LYS G 82 -19.51 -17.81 -16.62
C LYS G 82 -20.11 -18.90 -15.73
N ALA G 83 -20.44 -20.06 -16.31
CA ALA G 83 -21.02 -21.24 -15.62
C ALA G 83 -20.02 -21.79 -14.60
N SER G 84 -18.72 -21.79 -14.94
CA SER G 84 -17.62 -22.30 -14.08
C SER G 84 -17.37 -21.35 -12.90
N ARG G 85 -17.71 -20.06 -13.07
CA ARG G 85 -17.53 -18.98 -12.05
C ARG G 85 -16.03 -18.82 -11.72
N LEU G 86 -15.17 -18.92 -12.75
CA LEU G 86 -13.70 -18.70 -12.63
C LEU G 86 -13.40 -17.20 -12.72
N ASP G 87 -12.60 -16.67 -11.79
CA ASP G 87 -12.01 -15.31 -11.87
C ASP G 87 -10.90 -15.35 -12.92
N VAL G 88 -11.25 -15.07 -14.18
CA VAL G 88 -10.36 -15.26 -15.38
C VAL G 88 -9.13 -14.35 -15.26
N ASP G 89 -9.29 -13.16 -14.67
CA ASP G 89 -8.21 -12.16 -14.48
C ASP G 89 -7.16 -12.72 -13.51
N LYS G 90 -7.59 -13.32 -12.41
CA LYS G 90 -6.72 -13.80 -11.29
C LYS G 90 -6.04 -15.12 -11.64
N LEU G 91 -6.54 -15.85 -12.66
CA LEU G 91 -5.92 -17.11 -13.14
C LEU G 91 -4.56 -16.81 -13.78
N ASP G 92 -3.59 -17.71 -13.58
CA ASP G 92 -2.23 -17.63 -14.18
C ASP G 92 -2.35 -17.91 -15.68
N PRO G 93 -1.99 -16.94 -16.57
CA PRO G 93 -2.07 -17.15 -18.02
C PRO G 93 -1.38 -18.42 -18.54
N ASN G 94 -0.24 -18.78 -17.95
CA ASN G 94 0.64 -19.89 -18.42
C ASN G 94 0.05 -21.25 -18.05
N ARG G 95 -0.97 -21.28 -17.16
CA ARG G 95 -1.59 -22.54 -16.65
C ARG G 95 -3.04 -22.68 -17.15
N VAL G 96 -3.35 -22.12 -18.33
CA VAL G 96 -4.66 -22.29 -19.02
C VAL G 96 -4.41 -22.47 -20.52
N GLY G 97 -4.96 -23.54 -21.11
CA GLY G 97 -4.84 -23.86 -22.55
C GLY G 97 -6.20 -23.91 -23.22
N ILE G 98 -6.20 -24.04 -24.56
CA ILE G 98 -7.42 -24.06 -25.42
C ILE G 98 -7.30 -25.24 -26.40
N TYR G 99 -8.23 -26.21 -26.32
CA TYR G 99 -8.32 -27.36 -27.27
C TYR G 99 -9.58 -27.19 -28.13
N VAL G 100 -9.42 -27.34 -29.46
CA VAL G 100 -10.47 -27.06 -30.47
C VAL G 100 -10.58 -28.27 -31.42
N GLY G 101 -11.81 -28.56 -31.85
CA GLY G 101 -12.13 -29.55 -32.90
C GLY G 101 -12.88 -28.90 -34.05
N ASN G 102 -12.30 -28.88 -35.25
CA ASN G 102 -12.88 -28.21 -36.45
C ASN G 102 -12.37 -28.93 -37.72
N CYS G 103 -13.29 -29.34 -38.58
CA CYS G 103 -13.03 -30.18 -39.79
C CYS G 103 -13.00 -29.33 -41.07
N PHE G 104 -13.97 -28.43 -41.25
CA PHE G 104 -14.26 -27.73 -42.53
C PHE G 104 -13.53 -26.39 -42.63
N GLY G 105 -13.37 -25.68 -41.51
CA GLY G 105 -12.68 -24.37 -41.45
C GLY G 105 -13.68 -23.22 -41.52
N GLY G 106 -13.28 -22.11 -42.15
CA GLY G 106 -14.10 -20.88 -42.26
C GLY G 106 -14.20 -20.38 -43.69
N TRP G 107 -15.02 -21.03 -44.52
CA TRP G 107 -15.18 -20.74 -45.97
C TRP G 107 -15.99 -19.46 -46.19
N GLN G 108 -16.96 -19.18 -45.33
CA GLN G 108 -17.91 -18.04 -45.47
C GLN G 108 -17.15 -16.73 -45.68
N HIS G 109 -16.05 -16.53 -44.93
CA HIS G 109 -15.25 -15.27 -44.90
C HIS G 109 -14.44 -15.10 -46.19
N ILE G 110 -13.95 -16.21 -46.78
CA ILE G 110 -12.92 -16.18 -47.86
C ILE G 110 -13.53 -16.50 -49.24
N GLU G 111 -14.67 -17.20 -49.30
CA GLU G 111 -15.21 -17.81 -50.55
C GLU G 111 -15.21 -16.79 -51.70
N ASP G 112 -15.75 -15.59 -51.48
CA ASP G 112 -15.88 -14.52 -52.50
C ASP G 112 -14.48 -14.02 -52.91
N GLU G 113 -13.56 -13.92 -51.96
CA GLU G 113 -12.17 -13.42 -52.18
C GLU G 113 -11.38 -14.45 -53.01
N VAL G 114 -11.68 -15.74 -52.84
CA VAL G 114 -11.04 -16.86 -53.60
C VAL G 114 -11.53 -16.84 -55.04
N LYS G 115 -12.83 -16.57 -55.25
CA LYS G 115 -13.46 -16.49 -56.59
C LYS G 115 -12.93 -15.26 -57.34
N ALA G 116 -12.75 -14.15 -56.63
CA ALA G 116 -12.28 -12.85 -57.18
C ALA G 116 -10.80 -12.95 -57.58
N LEU G 117 -10.04 -13.86 -56.97
CA LEU G 117 -8.58 -14.06 -57.21
C LEU G 117 -8.33 -14.38 -58.70
N HIS G 118 -9.19 -15.19 -59.32
CA HIS G 118 -9.02 -15.72 -60.69
C HIS G 118 -9.55 -14.73 -61.75
N ILE G 119 -10.26 -13.67 -61.32
CA ILE G 119 -10.81 -12.62 -62.22
C ILE G 119 -9.96 -11.35 -62.07
N GLU G 120 -9.94 -10.76 -60.87
CA GLU G 120 -9.25 -9.47 -60.58
C GLU G 120 -7.73 -9.70 -60.46
N GLY G 121 -7.33 -10.70 -59.69
CA GLY G 121 -5.92 -10.98 -59.33
C GLY G 121 -5.72 -10.89 -57.82
N ILE G 122 -4.54 -10.44 -57.39
CA ILE G 122 -4.17 -10.29 -55.94
C ILE G 122 -5.13 -9.30 -55.27
N LYS G 123 -5.57 -8.25 -55.99
CA LYS G 123 -6.39 -7.13 -55.46
C LYS G 123 -7.76 -7.66 -55.00
N GLY G 124 -8.23 -8.77 -55.57
CA GLY G 124 -9.48 -9.46 -55.19
C GLY G 124 -9.41 -10.03 -53.78
N MET G 125 -8.22 -10.42 -53.32
CA MET G 125 -7.98 -11.04 -51.98
C MET G 125 -7.53 -9.98 -50.97
N GLY G 126 -7.99 -10.11 -49.72
CA GLY G 126 -7.59 -9.27 -48.57
C GLY G 126 -6.60 -10.00 -47.67
N PRO G 127 -6.06 -9.32 -46.63
CA PRO G 127 -5.02 -9.90 -45.79
C PRO G 127 -5.48 -10.90 -44.72
N TYR G 128 -6.79 -11.13 -44.59
CA TYR G 128 -7.40 -11.96 -43.51
C TYR G 128 -7.82 -13.33 -44.04
N VAL G 129 -7.59 -13.62 -45.32
CA VAL G 129 -7.91 -14.96 -45.87
C VAL G 129 -7.01 -16.00 -45.21
N ALA G 130 -5.75 -15.67 -45.00
CA ALA G 130 -4.75 -16.56 -44.38
C ALA G 130 -5.09 -16.88 -42.94
N THR G 131 -5.72 -15.95 -42.24
CA THR G 131 -6.05 -16.12 -40.82
C THR G 131 -7.48 -16.62 -40.57
N ALA G 132 -8.45 -16.13 -41.33
CA ALA G 132 -9.87 -16.48 -41.12
C ALA G 132 -10.25 -17.93 -41.43
N TRP G 133 -9.76 -18.46 -42.53
CA TRP G 133 -10.15 -19.82 -42.98
C TRP G 133 -9.59 -20.99 -42.16
N PHE G 134 -8.32 -20.95 -41.79
CA PHE G 134 -7.69 -22.15 -41.19
C PHE G 134 -8.39 -22.57 -39.91
N PRO G 135 -8.50 -23.88 -39.62
CA PRO G 135 -9.19 -24.40 -38.45
C PRO G 135 -8.64 -23.92 -37.11
N ALA G 136 -7.34 -23.65 -37.05
CA ALA G 136 -6.61 -23.21 -35.84
C ALA G 136 -6.88 -21.76 -35.45
N ALA G 137 -7.65 -21.01 -36.23
CA ALA G 137 -8.01 -19.60 -36.02
C ALA G 137 -8.75 -19.43 -34.70
N LEU G 138 -9.67 -20.33 -34.36
CA LEU G 138 -10.48 -20.24 -33.14
C LEU G 138 -9.56 -20.31 -31.92
N GLN G 139 -8.58 -21.18 -32.01
CA GLN G 139 -7.56 -21.39 -30.94
C GLN G 139 -6.84 -20.07 -30.64
N GLY G 140 -6.33 -19.41 -31.68
CA GLY G 140 -5.56 -18.16 -31.58
C GLY G 140 -6.41 -16.99 -31.11
N GLN G 141 -7.62 -16.84 -31.66
CA GLN G 141 -8.53 -15.71 -31.36
C GLN G 141 -8.91 -15.72 -29.88
N LEU G 142 -9.07 -16.91 -29.29
CA LEU G 142 -9.40 -17.09 -27.85
C LEU G 142 -8.18 -16.76 -26.98
N SER G 143 -6.97 -17.10 -27.44
CA SER G 143 -5.70 -16.82 -26.72
C SER G 143 -5.44 -15.30 -26.68
N LEU G 144 -5.79 -14.59 -27.75
CA LEU G 144 -5.66 -13.10 -27.83
C LEU G 144 -6.70 -12.44 -26.91
N LEU G 145 -7.93 -12.98 -26.86
CA LEU G 145 -9.09 -12.37 -26.15
C LEU G 145 -8.92 -12.51 -24.64
N TYR G 146 -8.59 -13.71 -24.15
CA TYR G 146 -8.51 -14.06 -22.71
C TYR G 146 -7.07 -14.01 -22.20
N GLY G 147 -6.09 -14.36 -23.04
CA GLY G 147 -4.65 -14.30 -22.71
C GLY G 147 -4.10 -15.65 -22.26
N PHE G 148 -4.79 -16.75 -22.59
CA PHE G 148 -4.41 -18.13 -22.21
C PHE G 148 -3.17 -18.57 -23.01
N SER G 149 -2.11 -18.97 -22.31
CA SER G 149 -0.73 -19.10 -22.86
C SER G 149 -0.22 -20.56 -22.80
N ALA G 150 -0.96 -21.49 -22.18
CA ALA G 150 -0.54 -22.89 -22.00
C ALA G 150 -0.73 -23.68 -23.31
N GLN G 151 -0.29 -24.94 -23.32
CA GLN G 151 -0.38 -25.88 -24.47
C GLN G 151 -1.80 -25.82 -25.06
N SER G 152 -1.92 -25.53 -26.35
CA SER G 152 -3.20 -25.33 -27.07
C SER G 152 -3.11 -25.94 -28.47
N LYS G 153 -4.00 -26.91 -28.78
CA LYS G 153 -4.00 -27.67 -30.04
C LYS G 153 -5.38 -27.62 -30.69
N THR G 154 -5.43 -27.81 -32.02
CA THR G 154 -6.64 -27.85 -32.87
C THR G 154 -6.60 -29.13 -33.69
N PHE G 155 -7.58 -30.02 -33.49
CA PHE G 155 -7.73 -31.31 -34.25
C PHE G 155 -8.71 -31.08 -35.41
N SER G 156 -8.37 -31.62 -36.58
CA SER G 156 -9.20 -31.57 -37.81
C SER G 156 -9.44 -33.00 -38.34
N THR G 157 -9.33 -34.01 -37.46
CA THR G 157 -9.65 -35.42 -37.77
C THR G 157 -11.14 -35.52 -38.11
N SER G 158 -11.49 -36.22 -39.19
CA SER G 158 -12.87 -36.32 -39.73
C SER G 158 -13.81 -36.89 -38.66
N ASP G 159 -14.78 -36.08 -38.22
CA ASP G 159 -15.95 -36.47 -37.38
C ASP G 159 -15.56 -36.52 -35.89
N VAL G 160 -14.36 -37.00 -35.55
CA VAL G 160 -13.93 -37.28 -34.14
C VAL G 160 -12.91 -36.22 -33.67
N ALA G 161 -12.94 -35.01 -34.23
CA ALA G 161 -12.05 -33.90 -33.88
C ALA G 161 -12.33 -33.41 -32.45
N GLY G 162 -13.62 -33.22 -32.12
CA GLY G 162 -14.08 -32.72 -30.80
C GLY G 162 -13.88 -33.74 -29.70
N MET G 163 -13.95 -35.03 -30.02
CA MET G 163 -13.70 -36.15 -29.07
C MET G 163 -12.23 -36.11 -28.63
N GLN G 164 -11.30 -35.97 -29.58
CA GLN G 164 -9.84 -35.88 -29.34
C GLN G 164 -9.53 -34.58 -28.59
N ALA G 165 -10.22 -33.49 -28.94
CA ALA G 165 -10.08 -32.16 -28.30
C ALA G 165 -10.25 -32.30 -26.78
N ILE G 166 -11.36 -32.89 -26.32
CA ILE G 166 -11.71 -33.04 -24.88
C ILE G 166 -10.74 -34.04 -24.25
N GLY G 167 -10.51 -35.18 -24.91
CA GLY G 167 -9.72 -36.31 -24.40
C GLY G 167 -8.28 -35.93 -24.10
N TYR G 168 -7.62 -35.23 -25.02
CA TYR G 168 -6.18 -34.87 -24.94
C TYR G 168 -5.99 -33.59 -24.12
N ALA G 169 -7.04 -32.79 -23.95
CA ALA G 169 -7.10 -31.65 -23.01
C ALA G 169 -7.08 -32.18 -21.57
N ALA G 170 -7.83 -33.27 -21.32
CA ALA G 170 -7.88 -33.98 -20.02
C ALA G 170 -6.54 -34.68 -19.77
N GLU G 171 -5.95 -35.27 -20.82
CA GLU G 171 -4.66 -36.01 -20.76
C GLU G 171 -3.53 -35.01 -20.43
N ALA G 172 -3.67 -33.76 -20.87
CA ALA G 172 -2.69 -32.66 -20.64
C ALA G 172 -2.73 -32.23 -19.16
N ILE G 173 -3.93 -32.08 -18.59
CA ILE G 173 -4.14 -31.71 -17.16
C ILE G 173 -3.58 -32.83 -16.27
N SER G 174 -3.78 -34.09 -16.68
CA SER G 174 -3.33 -35.31 -15.98
C SER G 174 -1.80 -35.33 -15.81
N ASN G 175 -1.07 -34.78 -16.79
CA ASN G 175 0.43 -34.78 -16.83
C ASN G 175 0.97 -33.48 -16.23
N GLY G 176 0.09 -32.56 -15.80
CA GLY G 176 0.46 -31.31 -15.12
C GLY G 176 0.94 -30.24 -16.08
N VAL G 177 0.32 -30.15 -17.27
CA VAL G 177 0.66 -29.15 -18.33
C VAL G 177 -0.08 -27.85 -18.04
N ALA G 178 -1.32 -27.93 -17.54
CA ALA G 178 -2.18 -26.77 -17.19
C ALA G 178 -3.17 -27.16 -16.08
N GLU G 179 -3.68 -26.16 -15.36
CA GLU G 179 -4.70 -26.32 -14.28
C GLU G 179 -6.11 -26.30 -14.90
N VAL G 180 -6.35 -25.39 -15.85
CA VAL G 180 -7.66 -25.21 -16.55
C VAL G 180 -7.47 -25.44 -18.05
N MET G 181 -8.50 -25.90 -18.74
CA MET G 181 -8.51 -26.14 -20.21
C MET G 181 -9.88 -25.80 -20.78
N LEU G 182 -9.93 -24.98 -21.83
CA LEU G 182 -11.16 -24.69 -22.64
C LEU G 182 -11.16 -25.62 -23.85
N CYS G 183 -11.69 -26.84 -23.66
CA CYS G 183 -11.78 -27.91 -24.70
C CYS G 183 -13.19 -27.95 -25.29
N GLY G 184 -13.31 -28.14 -26.60
CA GLY G 184 -14.59 -28.24 -27.31
C GLY G 184 -14.42 -28.25 -28.81
N ALA G 185 -15.47 -27.85 -29.55
CA ALA G 185 -15.52 -27.88 -31.02
C ALA G 185 -16.51 -26.83 -31.53
N SER G 186 -16.39 -26.49 -32.83
CA SER G 186 -17.27 -25.53 -33.55
C SER G 186 -17.29 -25.87 -35.04
N GLU G 187 -18.41 -25.63 -35.71
CA GLU G 187 -18.60 -25.87 -37.16
C GLU G 187 -19.55 -24.82 -37.76
N HIS G 188 -19.24 -24.36 -38.97
CA HIS G 188 -20.14 -23.51 -39.81
C HIS G 188 -20.28 -24.15 -41.20
N LEU G 189 -21.49 -24.63 -41.53
CA LEU G 189 -21.79 -25.42 -42.75
C LEU G 189 -22.72 -24.65 -43.69
N SER G 190 -23.09 -23.40 -43.35
CA SER G 190 -24.06 -22.58 -44.11
C SER G 190 -23.41 -21.94 -45.35
N SER G 191 -22.08 -21.83 -45.36
CA SER G 191 -21.29 -21.22 -46.47
C SER G 191 -21.63 -21.90 -47.78
N PRO G 192 -21.99 -21.15 -48.85
CA PRO G 192 -22.47 -21.74 -50.10
C PRO G 192 -21.69 -22.97 -50.60
N LEU G 193 -20.36 -22.93 -50.52
CA LEU G 193 -19.47 -24.04 -50.99
C LEU G 193 -19.72 -25.28 -50.14
N VAL G 194 -19.67 -25.15 -48.81
CA VAL G 194 -19.82 -26.28 -47.83
C VAL G 194 -21.28 -26.75 -47.84
N LYS G 195 -22.24 -25.82 -47.97
CA LYS G 195 -23.70 -26.11 -47.97
C LYS G 195 -24.04 -26.96 -49.19
N ASN G 196 -23.66 -26.50 -50.39
CA ASN G 196 -23.96 -27.17 -51.69
C ASN G 196 -23.18 -28.48 -51.80
N LEU G 197 -21.97 -28.55 -51.23
CA LEU G 197 -21.13 -29.78 -51.19
C LEU G 197 -21.86 -30.87 -50.41
N LEU G 198 -22.23 -30.58 -49.16
CA LEU G 198 -22.88 -31.55 -48.22
C LEU G 198 -24.24 -31.97 -48.77
N GLU G 199 -25.12 -31.01 -49.11
CA GLU G 199 -26.50 -31.27 -49.59
C GLU G 199 -26.49 -32.17 -50.83
N LYS G 200 -25.46 -32.04 -51.69
CA LYS G 200 -25.33 -32.81 -52.96
C LYS G 200 -24.59 -34.13 -52.72
N THR G 201 -23.40 -34.08 -52.10
CA THR G 201 -22.44 -35.22 -52.01
C THR G 201 -22.62 -35.99 -50.70
N SER G 202 -23.69 -35.75 -49.94
CA SER G 202 -24.06 -36.54 -48.73
C SER G 202 -24.43 -37.96 -49.14
N SER G 203 -25.50 -38.09 -49.93
CA SER G 203 -26.17 -39.36 -50.30
C SER G 203 -25.17 -40.40 -50.83
N GLN G 204 -24.09 -39.95 -51.50
CA GLN G 204 -23.03 -40.83 -52.07
C GLN G 204 -22.09 -41.32 -50.96
N LYS G 205 -22.39 -40.99 -49.69
CA LYS G 205 -21.69 -41.49 -48.48
C LYS G 205 -21.59 -43.02 -48.50
N HIS G 206 -20.45 -43.57 -48.08
CA HIS G 206 -20.26 -45.02 -47.80
C HIS G 206 -19.00 -45.22 -46.96
N SER G 207 -19.16 -45.67 -45.71
CA SER G 207 -18.07 -46.09 -44.80
C SER G 207 -17.79 -47.59 -45.03
N GLU G 208 -16.58 -47.93 -45.47
CA GLU G 208 -16.15 -49.33 -45.74
C GLU G 208 -16.07 -50.12 -44.43
N VAL G 209 -15.89 -49.43 -43.29
CA VAL G 209 -15.75 -50.05 -41.94
C VAL G 209 -17.15 -50.23 -41.32
N PHE G 210 -17.96 -49.16 -41.27
CA PHE G 210 -19.22 -49.09 -40.49
C PHE G 210 -20.45 -49.35 -41.36
N GLY G 211 -20.37 -49.09 -42.67
CA GLY G 211 -21.43 -49.40 -43.65
C GLY G 211 -22.39 -48.24 -43.84
N GLU G 212 -23.70 -48.53 -43.94
CA GLU G 212 -24.76 -47.58 -44.34
C GLU G 212 -25.11 -46.66 -43.15
N LYS G 213 -25.34 -45.38 -43.43
CA LYS G 213 -25.78 -44.35 -42.44
C LYS G 213 -27.30 -44.35 -42.35
N GLN G 214 -27.85 -43.98 -41.19
CA GLN G 214 -29.31 -43.76 -40.99
C GLN G 214 -29.71 -42.47 -41.68
N PRO G 215 -31.00 -42.31 -42.09
CA PRO G 215 -31.49 -41.02 -42.57
C PRO G 215 -31.38 -39.95 -41.48
N GLY G 216 -30.65 -38.86 -41.77
CA GLY G 216 -30.40 -37.75 -40.83
C GLY G 216 -29.97 -36.49 -41.53
N ASP G 217 -29.91 -35.38 -40.80
CA ASP G 217 -29.57 -34.03 -41.32
C ASP G 217 -28.24 -33.57 -40.70
N PHE G 218 -27.78 -32.37 -41.05
CA PHE G 218 -26.61 -31.69 -40.45
C PHE G 218 -27.08 -30.48 -39.63
N SER G 219 -26.33 -30.14 -38.59
CA SER G 219 -26.54 -28.94 -37.73
C SER G 219 -25.19 -28.24 -37.50
N GLU G 220 -25.20 -26.91 -37.49
CA GLU G 220 -23.99 -26.07 -37.22
C GLU G 220 -24.12 -25.47 -35.81
N GLY G 221 -23.06 -24.83 -35.33
CA GLY G 221 -22.96 -24.26 -33.97
C GLY G 221 -21.66 -24.67 -33.30
N ALA G 222 -21.68 -24.76 -31.96
CA ALA G 222 -20.48 -25.02 -31.13
C ALA G 222 -20.89 -25.60 -29.77
N ALA G 223 -19.95 -26.26 -29.09
CA ALA G 223 -20.08 -26.80 -27.73
C ALA G 223 -18.69 -26.81 -27.07
N PHE G 224 -18.59 -26.33 -25.82
CA PHE G 224 -17.32 -26.21 -25.06
C PHE G 224 -17.54 -26.57 -23.59
N LEU G 225 -16.53 -27.21 -22.98
CA LEU G 225 -16.48 -27.57 -21.54
C LEU G 225 -15.26 -26.88 -20.91
N VAL G 226 -15.42 -26.36 -19.69
CA VAL G 226 -14.30 -25.91 -18.82
C VAL G 226 -13.85 -27.10 -17.98
N LEU G 227 -12.87 -27.86 -18.49
CA LEU G 227 -12.17 -28.93 -17.73
C LEU G 227 -11.06 -28.28 -16.90
N GLU G 228 -10.93 -28.66 -15.62
CA GLU G 228 -9.82 -28.21 -14.75
C GLU G 228 -9.43 -29.33 -13.77
N GLU G 229 -8.27 -29.19 -13.14
CA GLU G 229 -7.69 -30.17 -12.18
C GLU G 229 -8.60 -30.26 -10.96
N ARG G 230 -8.78 -31.47 -10.41
CA ARG G 230 -9.77 -31.79 -9.35
C ARG G 230 -9.53 -30.92 -8.12
N GLN G 231 -8.29 -30.86 -7.63
CA GLN G 231 -7.91 -30.12 -6.40
C GLN G 231 -8.05 -28.61 -6.61
N HIS G 232 -7.74 -28.12 -7.82
CA HIS G 232 -7.86 -26.69 -8.20
C HIS G 232 -9.33 -26.23 -8.06
N ALA G 233 -10.27 -27.06 -8.52
CA ALA G 233 -11.72 -26.82 -8.48
C ALA G 233 -12.24 -26.95 -7.03
N LEU G 234 -11.71 -27.92 -6.27
CA LEU G 234 -12.11 -28.20 -4.87
C LEU G 234 -11.64 -27.07 -3.95
N GLU G 235 -10.43 -26.54 -4.18
CA GLU G 235 -9.79 -25.50 -3.33
C GLU G 235 -10.55 -24.17 -3.44
N ARG G 236 -11.02 -23.81 -4.64
CA ARG G 236 -11.77 -22.55 -4.91
C ARG G 236 -13.26 -22.72 -4.59
N GLY G 237 -13.70 -23.95 -4.33
CA GLY G 237 -15.10 -24.27 -3.97
C GLY G 237 -16.03 -24.14 -5.16
N ALA G 238 -15.72 -24.86 -6.24
CA ALA G 238 -16.45 -24.81 -7.54
C ALA G 238 -17.62 -25.80 -7.51
N SER G 239 -18.72 -25.46 -8.18
CA SER G 239 -19.87 -26.35 -8.45
C SER G 239 -19.49 -27.36 -9.54
N ILE G 240 -18.83 -28.45 -9.14
CA ILE G 240 -18.29 -29.50 -10.06
C ILE G 240 -19.48 -30.27 -10.65
N LEU G 241 -19.61 -30.27 -11.98
CA LEU G 241 -20.70 -30.97 -12.72
C LEU G 241 -20.45 -32.48 -12.66
N CYS G 242 -19.27 -32.93 -13.09
CA CYS G 242 -18.89 -34.37 -13.18
C CYS G 242 -17.37 -34.52 -13.26
N GLU G 243 -16.89 -35.77 -13.18
CA GLU G 243 -15.46 -36.15 -13.28
C GLU G 243 -15.24 -36.94 -14.57
N LEU G 244 -14.28 -36.53 -15.40
CA LEU G 244 -13.85 -37.26 -16.62
C LEU G 244 -12.95 -38.43 -16.19
N THR G 245 -13.51 -39.64 -16.14
CA THR G 245 -12.88 -40.85 -15.54
C THR G 245 -12.00 -41.57 -16.59
N GLY G 246 -12.46 -41.64 -17.85
CA GLY G 246 -11.79 -42.41 -18.91
C GLY G 246 -11.90 -41.76 -20.27
N PHE G 247 -10.99 -42.12 -21.19
CA PHE G 247 -10.95 -41.69 -22.61
C PHE G 247 -10.16 -42.73 -23.42
N VAL G 248 -10.74 -43.19 -24.53
CA VAL G 248 -10.09 -44.16 -25.48
C VAL G 248 -10.15 -43.57 -26.90
N ASP G 249 -9.01 -43.58 -27.60
CA ASP G 249 -8.85 -43.10 -29.00
C ASP G 249 -8.19 -44.20 -29.82
N TYR G 250 -8.99 -44.93 -30.60
CA TYR G 250 -8.55 -46.08 -31.44
C TYR G 250 -9.05 -45.90 -32.88
N PHE G 251 -8.54 -46.73 -33.78
CA PHE G 251 -8.87 -46.74 -35.24
C PHE G 251 -9.11 -48.18 -35.69
N ALA G 252 -9.90 -48.36 -36.76
CA ALA G 252 -10.27 -49.66 -37.36
C ALA G 252 -9.92 -49.65 -38.85
N PRO G 253 -8.74 -50.18 -39.25
CA PRO G 253 -8.39 -50.30 -40.67
C PRO G 253 -9.34 -51.20 -41.47
N ASP G 254 -9.95 -52.19 -40.81
CA ASP G 254 -10.95 -53.12 -41.41
C ASP G 254 -12.03 -53.43 -40.37
N LYS G 255 -13.03 -54.24 -40.77
CA LYS G 255 -14.22 -54.59 -39.94
C LYS G 255 -13.83 -55.51 -38.78
N ASN G 256 -12.74 -56.27 -38.92
CA ASN G 256 -12.26 -57.23 -37.90
C ASN G 256 -11.86 -56.48 -36.63
N THR G 257 -11.03 -55.44 -36.78
CA THR G 257 -10.52 -54.58 -35.67
C THR G 257 -11.67 -53.77 -35.06
N ARG G 258 -12.62 -53.31 -35.89
CA ARG G 258 -13.78 -52.47 -35.49
C ARG G 258 -14.52 -53.13 -34.32
N ASN G 259 -14.90 -54.40 -34.47
CA ASN G 259 -15.66 -55.18 -33.44
C ASN G 259 -14.81 -55.35 -32.18
N ASN G 260 -13.52 -55.63 -32.34
CA ASN G 260 -12.54 -55.82 -31.23
C ASN G 260 -12.35 -54.50 -30.48
N THR G 261 -12.40 -53.36 -31.17
CA THR G 261 -12.17 -52.00 -30.63
C THR G 261 -13.28 -51.62 -29.64
N LEU G 262 -14.51 -52.09 -29.88
CA LEU G 262 -15.71 -51.79 -29.04
C LEU G 262 -15.55 -52.40 -27.64
N GLU G 263 -14.70 -53.43 -27.50
CA GLU G 263 -14.40 -54.09 -26.20
C GLU G 263 -13.55 -53.15 -25.32
N TYR G 264 -12.75 -52.28 -25.93
CA TYR G 264 -11.95 -51.25 -25.21
C TYR G 264 -12.88 -50.15 -24.67
N THR G 265 -13.95 -49.84 -25.43
CA THR G 265 -15.02 -48.89 -25.02
C THR G 265 -15.80 -49.47 -23.82
N ALA G 266 -15.99 -50.80 -23.80
CA ALA G 266 -16.74 -51.53 -22.76
C ALA G 266 -15.97 -51.51 -21.42
N GLU G 267 -14.63 -51.35 -21.47
CA GLU G 267 -13.76 -51.29 -20.26
C GLU G 267 -14.01 -50.00 -19.48
N LEU G 268 -14.51 -48.94 -20.13
CA LEU G 268 -14.84 -47.64 -19.49
C LEU G 268 -15.92 -47.84 -18.42
N PHE G 269 -16.85 -48.78 -18.64
CA PHE G 269 -17.96 -49.10 -17.70
C PHE G 269 -17.39 -49.50 -16.34
N ASN G 270 -16.40 -50.40 -16.34
CA ASN G 270 -15.76 -50.95 -15.11
C ASN G 270 -16.81 -51.75 -14.33
N HIS G 271 -17.70 -52.44 -15.05
CA HIS G 271 -18.79 -53.31 -14.52
C HIS G 271 -19.78 -52.49 -13.68
N ASN G 272 -20.12 -51.28 -14.12
CA ASN G 272 -21.16 -50.42 -13.50
C ASN G 272 -22.50 -50.69 -14.20
N GLU G 273 -23.48 -51.23 -13.46
CA GLU G 273 -24.85 -51.54 -13.96
C GLU G 273 -25.66 -50.24 -14.13
N ASN G 274 -25.29 -49.19 -13.39
CA ASN G 274 -26.02 -47.89 -13.33
C ASN G 274 -25.61 -46.98 -14.48
N ALA G 275 -24.53 -47.31 -15.20
CA ALA G 275 -23.95 -46.49 -16.29
C ALA G 275 -24.94 -46.42 -17.47
N VAL G 276 -25.07 -45.24 -18.08
CA VAL G 276 -25.91 -44.96 -19.29
C VAL G 276 -24.97 -44.80 -20.48
N PHE G 277 -25.35 -45.34 -21.64
CA PHE G 277 -24.55 -45.33 -22.90
C PHE G 277 -25.24 -44.45 -23.95
N ILE G 278 -24.61 -43.31 -24.29
CA ILE G 278 -25.02 -42.43 -25.42
C ILE G 278 -24.22 -42.85 -26.67
N MET G 279 -24.90 -43.48 -27.63
CA MET G 279 -24.29 -44.06 -28.85
C MET G 279 -24.09 -42.97 -29.92
N ASP G 280 -23.28 -43.28 -30.93
CA ASP G 280 -22.92 -42.37 -32.06
C ASP G 280 -24.19 -41.99 -32.83
N GLY G 281 -25.01 -42.98 -33.19
CA GLY G 281 -26.35 -42.79 -33.78
C GLY G 281 -26.31 -42.41 -35.25
N ILE G 282 -25.20 -42.67 -35.93
CA ILE G 282 -24.98 -42.34 -37.37
C ILE G 282 -25.29 -43.58 -38.22
N TYR G 283 -24.70 -44.73 -37.88
CA TYR G 283 -24.74 -45.98 -38.67
C TYR G 283 -25.83 -46.93 -38.15
N ASP G 284 -26.31 -47.81 -39.03
CA ASP G 284 -27.41 -48.78 -38.77
C ASP G 284 -26.88 -49.96 -37.93
N ASP G 285 -25.67 -50.43 -38.24
CA ASP G 285 -25.09 -51.69 -37.70
C ASP G 285 -24.53 -51.48 -36.29
N GLU G 286 -24.39 -50.22 -35.84
CA GLU G 286 -23.78 -49.84 -34.54
C GLU G 286 -24.32 -50.73 -33.41
N LYS G 287 -25.64 -50.82 -33.28
CA LYS G 287 -26.32 -51.46 -32.11
C LYS G 287 -25.99 -52.96 -32.05
N GLU G 288 -25.86 -53.62 -33.21
CA GLU G 288 -25.59 -55.09 -33.30
C GLU G 288 -24.17 -55.38 -32.80
N ILE G 289 -23.17 -54.66 -33.32
CA ILE G 289 -21.72 -54.92 -33.03
C ILE G 289 -21.35 -54.44 -31.63
N THR G 290 -21.99 -53.37 -31.14
CA THR G 290 -21.73 -52.77 -29.80
C THR G 290 -22.34 -53.67 -28.71
N SER G 291 -23.56 -54.17 -28.93
CA SER G 291 -24.32 -55.03 -27.97
C SER G 291 -23.56 -56.35 -27.74
N LYS G 292 -22.94 -56.91 -28.78
CA LYS G 292 -22.17 -58.17 -28.71
C LYS G 292 -20.92 -57.97 -27.83
N ALA G 293 -20.20 -56.86 -28.06
CA ALA G 293 -18.99 -56.45 -27.30
C ALA G 293 -19.36 -56.22 -25.83
N PHE G 294 -20.56 -55.69 -25.57
CA PHE G 294 -21.09 -55.37 -24.22
C PHE G 294 -21.60 -56.65 -23.54
N SER G 295 -22.28 -57.51 -24.30
CA SER G 295 -22.81 -58.82 -23.84
C SER G 295 -21.66 -59.78 -23.54
N ASN G 296 -20.56 -59.69 -24.30
CA ASN G 296 -19.31 -60.47 -24.12
C ASN G 296 -18.78 -60.26 -22.69
N LYS G 297 -18.85 -59.02 -22.19
CA LYS G 297 -18.21 -58.59 -20.92
C LYS G 297 -19.26 -58.41 -19.81
N GLU G 298 -20.47 -58.93 -19.99
CA GLU G 298 -21.52 -59.04 -18.94
C GLU G 298 -21.85 -57.64 -18.40
N ILE G 299 -22.15 -56.68 -19.30
CA ILE G 299 -22.46 -55.26 -18.96
C ILE G 299 -23.95 -55.01 -19.22
N LYS G 300 -24.70 -54.67 -18.16
CA LYS G 300 -26.12 -54.24 -18.22
C LYS G 300 -26.17 -52.71 -18.24
N THR G 301 -26.65 -52.12 -19.34
CA THR G 301 -26.72 -50.64 -19.54
C THR G 301 -27.94 -50.29 -20.39
N SER G 302 -28.28 -49.00 -20.44
CA SER G 302 -29.40 -48.41 -21.22
C SER G 302 -28.85 -47.64 -22.42
N PHE G 303 -29.20 -48.06 -23.64
CA PHE G 303 -28.81 -47.40 -24.92
C PHE G 303 -29.72 -46.20 -25.18
N ILE G 304 -29.11 -45.02 -25.35
CA ILE G 304 -29.81 -43.74 -25.68
C ILE G 304 -29.18 -43.13 -26.92
N ASN G 305 -29.99 -42.74 -27.91
CA ASN G 305 -29.55 -42.17 -29.21
C ASN G 305 -30.06 -40.72 -29.32
N LEU G 306 -29.13 -39.75 -29.28
CA LEU G 306 -29.41 -38.29 -29.34
C LEU G 306 -29.19 -37.76 -30.76
N ARG G 307 -28.65 -38.57 -31.67
CA ARG G 307 -28.21 -38.13 -33.02
C ARG G 307 -29.41 -37.75 -33.89
N PRO G 308 -30.57 -38.45 -33.80
CA PRO G 308 -31.78 -38.01 -34.51
C PRO G 308 -32.25 -36.61 -34.12
N TYR G 309 -32.04 -36.20 -32.86
CA TYR G 309 -32.50 -34.91 -32.27
C TYR G 309 -31.46 -33.82 -32.51
N LEU G 310 -30.18 -34.13 -32.25
CA LEU G 310 -29.05 -33.15 -32.29
C LEU G 310 -28.41 -33.11 -33.69
N ASP G 311 -28.64 -34.14 -34.53
CA ASP G 311 -28.17 -34.20 -35.95
C ASP G 311 -26.64 -34.37 -35.98
N ASN G 312 -26.08 -34.52 -37.19
CA ASN G 312 -24.62 -34.68 -37.44
C ASN G 312 -23.96 -33.28 -37.47
N GLN G 313 -23.14 -32.97 -36.46
CA GLN G 313 -22.42 -31.68 -36.34
C GLN G 313 -20.91 -31.89 -36.52
N PHE G 314 -20.51 -33.04 -37.06
CA PHE G 314 -19.09 -33.43 -37.30
C PHE G 314 -18.30 -33.36 -35.99
N SER G 315 -17.47 -32.33 -35.79
CA SER G 315 -16.55 -32.17 -34.63
C SER G 315 -17.35 -31.94 -33.35
N VAL G 316 -18.49 -31.25 -33.44
CA VAL G 316 -19.32 -30.82 -32.26
C VAL G 316 -20.16 -32.01 -31.77
N SER G 317 -20.46 -32.98 -32.64
CA SER G 317 -21.38 -34.12 -32.37
C SER G 317 -20.99 -34.88 -31.10
N GLY G 318 -19.69 -35.12 -30.89
CA GLY G 318 -19.17 -35.78 -29.68
C GLY G 318 -19.24 -34.88 -28.46
N VAL G 319 -18.99 -33.58 -28.65
CA VAL G 319 -18.83 -32.57 -27.57
C VAL G 319 -20.20 -32.21 -26.99
N ILE G 320 -21.19 -31.95 -27.85
CA ILE G 320 -22.57 -31.55 -27.46
C ILE G 320 -23.16 -32.62 -26.53
N ASP G 321 -22.87 -33.90 -26.79
CA ASP G 321 -23.29 -35.06 -25.97
C ASP G 321 -22.65 -34.97 -24.59
N SER G 322 -21.35 -34.66 -24.54
CA SER G 322 -20.54 -34.50 -23.30
C SER G 322 -21.06 -33.32 -22.47
N VAL G 323 -21.45 -32.23 -23.14
CA VAL G 323 -22.01 -31.00 -22.51
C VAL G 323 -23.31 -31.35 -21.79
N LEU G 324 -24.22 -32.06 -22.46
CA LEU G 324 -25.54 -32.48 -21.89
C LEU G 324 -25.32 -33.52 -20.79
N ALA G 325 -24.39 -34.47 -20.99
CA ALA G 325 -24.05 -35.55 -20.04
C ALA G 325 -23.56 -34.93 -18.72
N SER G 326 -22.74 -33.88 -18.81
CA SER G 326 -22.21 -33.10 -17.65
C SER G 326 -23.37 -32.44 -16.89
N SER G 327 -24.37 -31.92 -17.63
CA SER G 327 -25.56 -31.23 -17.10
C SER G 327 -26.49 -32.24 -16.40
N PHE G 328 -26.61 -33.47 -16.93
CA PHE G 328 -27.43 -34.56 -16.36
C PHE G 328 -26.82 -35.07 -15.06
N LEU G 329 -25.49 -35.26 -15.03
CA LEU G 329 -24.74 -35.83 -13.88
C LEU G 329 -24.65 -34.81 -12.73
N SER G 330 -24.93 -33.53 -13.00
CA SER G 330 -24.93 -32.43 -12.00
C SER G 330 -26.32 -32.24 -11.41
N GLU G 331 -27.00 -33.36 -11.06
CA GLU G 331 -28.37 -33.39 -10.49
C GLU G 331 -29.35 -32.66 -11.42
N SER G 332 -29.18 -32.82 -12.73
CA SER G 332 -30.05 -32.24 -13.80
C SER G 332 -30.13 -30.71 -13.63
N GLU G 345 -34.56 -44.28 -18.92
CA GLU G 345 -33.51 -43.31 -19.35
C GLU G 345 -32.52 -43.07 -18.20
N PHE G 346 -32.87 -42.18 -17.27
CA PHE G 346 -32.02 -41.77 -16.10
C PHE G 346 -32.84 -41.90 -14.81
N SER G 347 -32.22 -42.45 -13.75
CA SER G 347 -32.84 -42.65 -12.42
C SER G 347 -31.74 -42.72 -11.34
N ASN G 348 -30.90 -43.76 -11.38
CA ASN G 348 -29.77 -43.99 -10.44
C ASN G 348 -28.45 -43.84 -11.19
N THR G 349 -28.42 -43.03 -12.25
CA THR G 349 -27.26 -42.85 -13.16
C THR G 349 -26.14 -42.12 -12.42
N ASN G 350 -24.96 -42.75 -12.33
CA ASN G 350 -23.72 -42.17 -11.73
C ASN G 350 -22.58 -42.20 -12.75
N GLN G 351 -22.85 -42.56 -14.01
CA GLN G 351 -21.86 -42.64 -15.11
C GLN G 351 -22.57 -42.54 -16.46
N ILE G 352 -22.06 -41.68 -17.35
CA ILE G 352 -22.52 -41.55 -18.76
C ILE G 352 -21.30 -41.69 -19.68
N ILE G 353 -21.34 -42.69 -20.58
CA ILE G 353 -20.25 -42.99 -21.55
C ILE G 353 -20.74 -42.63 -22.95
N ILE G 354 -20.01 -41.74 -23.64
CA ILE G 354 -20.31 -41.27 -25.02
C ILE G 354 -19.46 -42.09 -26.00
N GLN G 355 -19.99 -42.34 -27.21
CA GLN G 355 -19.23 -43.01 -28.31
C GLN G 355 -19.43 -42.22 -29.60
N ARG G 356 -18.39 -42.17 -30.44
CA ARG G 356 -18.41 -41.54 -31.79
C ARG G 356 -17.58 -42.38 -32.76
N PHE G 357 -17.93 -42.32 -34.05
CA PHE G 357 -17.23 -42.99 -35.18
C PHE G 357 -16.89 -41.96 -36.26
N SER G 358 -16.05 -42.37 -37.22
CA SER G 358 -15.72 -41.61 -38.45
C SER G 358 -16.02 -42.48 -39.68
N ASN G 359 -15.99 -41.88 -40.87
CA ASN G 359 -16.14 -42.58 -42.17
C ASN G 359 -14.97 -43.55 -42.36
N GLN G 360 -13.76 -43.15 -41.96
CA GLN G 360 -12.49 -43.85 -42.27
C GLN G 360 -12.26 -45.02 -41.29
N GLY G 361 -12.80 -44.93 -40.06
CA GLY G 361 -12.83 -46.06 -39.12
C GLY G 361 -12.37 -45.72 -37.70
N HIS G 362 -12.54 -44.48 -37.25
CA HIS G 362 -12.22 -44.05 -35.85
C HIS G 362 -13.26 -44.64 -34.90
N VAL G 363 -12.84 -45.02 -33.69
CA VAL G 363 -13.71 -45.43 -32.55
C VAL G 363 -13.23 -44.69 -31.30
N CYS G 364 -13.80 -43.52 -31.03
CA CYS G 364 -13.51 -42.66 -29.86
C CYS G 364 -14.65 -42.78 -28.84
N ALA G 365 -14.33 -42.65 -27.55
CA ALA G 365 -15.31 -42.69 -26.44
C ALA G 365 -14.78 -41.89 -25.24
N LEU G 366 -15.67 -41.14 -24.58
CA LEU G 366 -15.40 -40.40 -23.31
C LEU G 366 -16.29 -40.97 -22.21
N SER G 367 -15.77 -41.06 -20.99
CA SER G 367 -16.48 -41.56 -19.78
C SER G 367 -16.57 -40.42 -18.75
N PHE G 368 -17.80 -40.03 -18.37
CA PHE G 368 -18.10 -38.99 -17.35
C PHE G 368 -18.84 -39.64 -16.19
N SER G 369 -18.33 -39.46 -14.96
CA SER G 369 -18.86 -40.06 -13.71
C SER G 369 -19.25 -38.94 -12.72
N ALA G 370 -20.29 -39.19 -11.92
CA ALA G 370 -20.77 -38.30 -10.84
C ALA G 370 -19.76 -38.31 -9.68
N ILE G 371 -19.52 -37.15 -9.06
CA ILE G 371 -18.59 -36.99 -7.91
C ILE G 371 -19.27 -37.55 -6.65
C4 LKZ H . -12.69 38.46 33.10
C5 LKZ H . -12.50 39.29 31.86
C6 LKZ H . -11.89 38.61 30.64
C7 LKZ H . -12.95 38.47 29.57
C8 LKZ H . -12.59 37.88 28.21
C10 LKZ H . -16.34 35.07 25.91
C22 LKZ H . -11.53 38.75 34.04
C11 LKZ H . -15.34 33.95 25.88
O19 LKZ H . -15.47 32.94 26.55
C3 LKZ H . -15.50 36.32 26.07
O23 LKZ H . -15.60 37.25 25.30
C2 LKZ H . -14.43 36.29 27.18
C9 LKZ H . -13.91 37.71 27.43
O20 LKZ H . -14.56 38.68 27.12
O21 LKZ H . -14.09 38.77 29.84
O22 LKZ H . -12.80 40.48 31.87
O24 LKZ H . -11.60 39.57 34.94
C23 LKZ H . -10.27 37.94 33.79
C4 LKZ I . 27.06 -10.49 13.78
C5 LKZ I . 26.65 -11.16 12.48
C6 LKZ I . 25.17 -11.30 12.16
C7 LKZ I . 24.97 -11.08 10.67
C8 LKZ I . 23.74 -10.35 10.21
C10 LKZ I . 23.27 -8.43 5.57
C22 LKZ I . 28.09 -11.39 14.46
C11 LKZ I . 22.97 -7.28 6.47
O19 LKZ I . 23.74 -6.34 6.60
C3 LKZ I . 23.11 -9.61 6.50
O23 LKZ I . 22.29 -10.48 6.30
C2 LKZ I . 23.93 -9.50 7.77
C9 LKZ I . 23.56 -10.63 8.72
O20 LKZ I . 23.23 -11.73 8.31
O21 LKZ I . 25.79 -11.46 9.85
O22 LKZ I . 27.51 -11.56 11.72
O24 LKZ I . 28.75 -12.21 13.84
C23 LKZ I . 28.20 -11.24 15.97
NA NA J . 12.93 -10.21 18.74
NA NA K . 14.23 4.62 -12.07
C4 LKZ L . -3.17 -20.84 -45.78
C5 LKZ L . -3.79 -20.87 -44.41
C6 LKZ L . -3.12 -21.80 -43.42
C7 LKZ L . -2.08 -21.04 -42.67
C8 LKZ L . -0.69 -21.62 -42.66
C10 LKZ L . 3.41 -20.53 -40.39
C22 LKZ L . -4.19 -20.35 -46.77
C11 LKZ L . 3.56 -21.56 -41.47
O19 LKZ L . 3.97 -21.30 -42.57
C3 LKZ L . 1.92 -20.47 -40.21
O23 LKZ L . 1.38 -20.66 -39.14
C2 LKZ L . 1.13 -20.29 -41.45
C9 LKZ L . -0.12 -21.14 -41.36
O20 LKZ L . -0.74 -21.33 -40.34
O21 LKZ L . -2.34 -19.98 -42.13
O22 LKZ L . -4.76 -20.18 -44.12
O24 LKZ L . -4.68 -19.23 -46.69
C23 LKZ L . -4.63 -21.33 -47.86
S SO4 M . -8.30 -37.05 -2.43
O1 SO4 M . -6.95 -36.99 -2.89
O2 SO4 M . -8.82 -35.72 -2.28
O3 SO4 M . -8.33 -37.71 -1.14
O4 SO4 M . -9.10 -37.78 -3.36
#